data_2WR7
#
_entry.id   2WR7
#
_cell.length_a   80.168
_cell.length_b   123.678
_cell.length_c   222.163
_cell.angle_alpha   90.00
_cell.angle_beta   90.00
_cell.angle_gamma   90.00
#
_symmetry.space_group_name_H-M   'P 21 21 21'
#
loop_
_entity.id
_entity.type
_entity.pdbx_description
1 polymer HEMAGGLUTININ
2 branched 'N-acetyl-alpha-neuraminic acid-(2-6)-beta-D-galactopyranose-(1-4)-2-acetamido-2-deoxy-beta-D-glucopyranose-(1-3)-beta-D-galactopyranose'
3 water water
#
_entity_poly.entity_id   1
_entity_poly.type   'polypeptide(L)'
_entity_poly.pdbx_seq_one_letter_code
;MAIIYLILLFTAVRGDQICIGYHANNSTEKVDTILERNVTVTHAKDILEKTHNGKLCKLNGIPPLELGDCSIAGWLLGNP
ECDRLLSVPEWSYIMEKENPRDGLCYPGSFNDYEELKHLLSSVKHFEKVKILPKDRWTQHTTTGGSRACAVSGNPSFFRN
MVWLTEKGSNYPVAKGSYNNTSGEQMLIIWGVHHPNDETEQRTLYQNVGTYVSVGTSTLNKRSTPDIATRPKVNGLGSRM
EFSWTLLDMWDTINFESTGNLIAPEYGFKISKRGSSGIMKTEGTLENCETKCQTPLGAINTTLPFHNVHPLTIGECPKYV
KSEKLVLATGLRNVPQIESRGLFGAIAGFIEGGWQGMIDGWYGYHHSNDQGSGYAADKESTQKAFDGITNKVNSVIEKMN
TQFEAVGKEFSNLERRLENLNKKMEDGFLDVWTYNAELLVLMENERTLDFHDSNVKNLYDKVRMQLRDNVKELGNGCFEF
YHKCDDECMNSVKNGTYDYPKYEEES
;
_entity_poly.pdbx_strand_id   A,B,C
#
loop_
_chem_comp.id
_chem_comp.type
_chem_comp.name
_chem_comp.formula
GAL D-saccharide, beta linking beta-D-galactopyranose 'C6 H12 O6'
NAG D-saccharide, beta linking 2-acetamido-2-deoxy-beta-D-glucopyranose 'C8 H15 N O6'
SIA D-saccharide, alpha linking 'N-acetyl-alpha-neuraminic acid' 'C11 H19 N O9'
#
# COMPACT_ATOMS: atom_id res chain seq x y z
N ILE A 20 -30.05 7.56 -43.93
CA ILE A 20 -28.99 7.46 -42.92
C ILE A 20 -29.47 6.84 -41.60
N GLY A 21 -28.83 5.75 -41.20
CA GLY A 21 -29.29 5.00 -40.06
C GLY A 21 -28.21 4.10 -39.51
N TYR A 22 -28.53 3.44 -38.42
CA TYR A 22 -27.53 2.68 -37.70
C TYR A 22 -27.95 1.25 -37.44
N HIS A 23 -26.96 0.48 -37.01
CA HIS A 23 -27.10 -0.94 -36.76
C HIS A 23 -28.01 -1.24 -35.59
N ALA A 24 -28.75 -2.33 -35.73
CA ALA A 24 -29.50 -2.87 -34.62
C ALA A 24 -29.44 -4.38 -34.75
N ASN A 25 -29.53 -5.08 -33.63
CA ASN A 25 -29.50 -6.53 -33.71
C ASN A 25 -30.35 -7.18 -32.63
N ASN A 26 -30.19 -8.49 -32.43
CA ASN A 26 -30.92 -9.21 -31.41
C ASN A 26 -30.15 -9.26 -30.10
N SER A 27 -29.01 -8.57 -30.04
CA SER A 27 -28.21 -8.56 -28.80
C SER A 27 -29.08 -8.20 -27.60
N THR A 28 -28.99 -9.00 -26.53
CA THR A 28 -29.70 -8.71 -25.27
C THR A 28 -28.71 -8.26 -24.20
N GLU A 29 -27.44 -8.26 -24.58
CA GLU A 29 -26.34 -7.73 -23.79
C GLU A 29 -26.63 -6.38 -23.11
N LYS A 30 -26.32 -6.28 -21.83
CA LYS A 30 -26.50 -5.05 -21.06
C LYS A 30 -25.18 -4.45 -20.56
N VAL A 31 -25.13 -3.12 -20.48
CA VAL A 31 -24.02 -2.44 -19.82
C VAL A 31 -24.62 -1.33 -18.97
N ASP A 32 -23.85 -0.88 -18.00
CA ASP A 32 -24.23 0.28 -17.24
C ASP A 32 -23.30 1.42 -17.67
N THR A 33 -23.77 2.66 -17.54
CA THR A 33 -22.94 3.85 -17.82
C THR A 33 -23.14 4.86 -16.69
N ILE A 34 -22.35 5.92 -16.67
CA ILE A 34 -22.42 6.86 -15.57
C ILE A 34 -23.77 7.56 -15.42
N LEU A 35 -24.57 7.58 -16.49
CA LEU A 35 -25.89 8.24 -16.45
C LEU A 35 -27.08 7.26 -16.47
N GLU A 36 -26.92 6.10 -17.11
CA GLU A 36 -28.01 5.12 -17.21
C GLU A 36 -27.56 3.74 -16.75
N ARG A 37 -28.50 2.93 -16.30
CA ARG A 37 -28.19 1.55 -15.99
C ARG A 37 -29.01 0.59 -16.85
N ASN A 38 -28.49 -0.62 -17.01
CA ASN A 38 -29.18 -1.65 -17.78
C ASN A 38 -29.46 -1.19 -19.21
N VAL A 39 -28.41 -0.76 -19.91
CA VAL A 39 -28.55 -0.33 -21.30
C VAL A 39 -28.20 -1.47 -22.26
N THR A 40 -29.05 -1.68 -23.27
CA THR A 40 -28.83 -2.76 -24.22
C THR A 40 -27.94 -2.28 -25.37
N VAL A 41 -26.89 -3.05 -25.67
CA VAL A 41 -25.93 -2.67 -26.69
C VAL A 41 -25.67 -3.76 -27.73
N THR A 42 -25.81 -3.43 -29.01
CA THR A 42 -25.46 -4.35 -30.09
C THR A 42 -24.25 -5.23 -29.85
N HIS A 43 -23.26 -4.73 -29.13
CA HIS A 43 -22.08 -5.55 -28.80
C HIS A 43 -21.44 -5.12 -27.47
N ALA A 44 -20.78 -6.06 -26.80
CA ALA A 44 -20.01 -5.76 -25.59
C ALA A 44 -18.86 -6.73 -25.28
N LYS A 45 -17.94 -6.30 -24.42
CA LYS A 45 -16.76 -7.08 -24.09
C LYS A 45 -16.61 -7.19 -22.58
N ASP A 46 -16.60 -8.40 -22.05
CA ASP A 46 -16.31 -8.53 -20.63
C ASP A 46 -14.81 -8.51 -20.41
N ILE A 47 -14.39 -7.67 -19.47
CA ILE A 47 -12.99 -7.52 -19.14
C ILE A 47 -12.74 -7.94 -17.70
N LEU A 48 -13.62 -8.79 -17.18
CA LEU A 48 -13.45 -9.31 -15.85
C LEU A 48 -13.44 -10.84 -15.89
N GLU A 49 -12.24 -11.39 -15.78
CA GLU A 49 -12.00 -12.83 -15.77
C GLU A 49 -12.57 -13.40 -14.49
N LYS A 50 -13.34 -14.49 -14.62
CA LYS A 50 -13.98 -15.08 -13.46
C LYS A 50 -14.03 -16.61 -13.53
N THR A 51 -13.23 -17.18 -14.43
CA THR A 51 -13.16 -18.62 -14.62
C THR A 51 -11.79 -19.17 -14.29
N HIS A 52 -11.75 -20.38 -13.74
CA HIS A 52 -10.51 -21.12 -13.56
C HIS A 52 -10.66 -22.52 -14.16
N ASN A 53 -9.55 -23.26 -14.28
CA ASN A 53 -9.61 -24.59 -14.86
C ASN A 53 -9.79 -25.69 -13.80
N GLY A 54 -9.91 -25.29 -12.54
CA GLY A 54 -10.06 -26.24 -11.44
C GLY A 54 -8.80 -27.04 -11.12
N LYS A 55 -7.69 -26.72 -11.78
CA LYS A 55 -6.48 -27.50 -11.63
C LYS A 55 -5.32 -26.76 -10.99
N LEU A 56 -4.53 -27.49 -10.20
CA LEU A 56 -3.26 -27.00 -9.69
C LEU A 56 -2.19 -27.35 -10.71
N CYS A 57 -1.41 -26.37 -11.13
CA CYS A 57 -0.63 -26.52 -12.35
C CYS A 57 0.84 -26.22 -12.16
N LYS A 58 1.61 -26.49 -13.20
CA LYS A 58 3.00 -26.06 -13.23
C LYS A 58 3.00 -24.56 -13.46
N LEU A 59 3.95 -23.87 -12.86
CA LEU A 59 4.00 -22.42 -12.95
C LEU A 59 5.15 -22.05 -13.86
N ASN A 60 4.84 -21.52 -15.02
CA ASN A 60 5.89 -21.17 -15.97
C ASN A 60 6.79 -22.36 -16.25
N GLY A 61 6.17 -23.53 -16.37
CA GLY A 61 6.88 -24.74 -16.75
C GLY A 61 7.60 -25.46 -15.62
N ILE A 62 7.48 -24.92 -14.41
CA ILE A 62 8.15 -25.49 -13.26
C ILE A 62 7.09 -25.96 -12.26
N PRO A 63 7.21 -27.22 -11.78
CA PRO A 63 6.25 -27.80 -10.82
C PRO A 63 6.37 -27.19 -9.43
N PRO A 64 5.35 -27.42 -8.59
CA PRO A 64 5.42 -27.07 -7.18
C PRO A 64 5.85 -28.29 -6.39
N LEU A 65 6.44 -28.05 -5.22
CA LEU A 65 6.69 -29.10 -4.23
C LEU A 65 5.36 -29.55 -3.63
N GLU A 66 5.07 -30.85 -3.71
CA GLU A 66 3.82 -31.40 -3.14
C GLU A 66 4.07 -32.10 -1.80
N LEU A 67 3.69 -31.47 -0.70
CA LEU A 67 4.00 -32.01 0.63
C LEU A 67 2.95 -32.98 1.15
N GLY A 68 1.86 -33.12 0.39
CA GLY A 68 0.77 -33.99 0.80
C GLY A 68 0.25 -33.75 2.21
N ASP A 69 0.65 -34.59 3.15
CA ASP A 69 0.17 -34.47 4.52
C ASP A 69 1.26 -33.95 5.41
N CYS A 70 2.36 -33.52 4.80
CA CYS A 70 3.54 -33.09 5.53
C CYS A 70 3.69 -31.58 5.65
N SER A 71 4.32 -31.15 6.74
CA SER A 71 4.73 -29.76 6.90
C SER A 71 6.15 -29.59 6.36
N ILE A 72 6.59 -28.34 6.20
CA ILE A 72 7.95 -28.12 5.75
C ILE A 72 8.90 -28.65 6.81
N ALA A 73 8.51 -28.49 8.07
CA ALA A 73 9.33 -28.93 9.18
C ALA A 73 9.50 -30.45 9.14
N GLY A 74 8.38 -31.15 9.06
CA GLY A 74 8.38 -32.61 8.99
C GLY A 74 9.25 -33.12 7.85
N TRP A 75 9.08 -32.49 6.70
CA TRP A 75 9.81 -32.85 5.50
C TRP A 75 11.32 -32.66 5.65
N LEU A 76 11.75 -31.55 6.24
CA LEU A 76 13.19 -31.30 6.37
C LEU A 76 13.78 -32.05 7.55
N LEU A 77 13.00 -32.25 8.60
CA LEU A 77 13.54 -32.94 9.74
C LEU A 77 13.72 -34.43 9.43
N GLY A 78 12.79 -34.95 8.64
CA GLY A 78 12.79 -36.35 8.30
C GLY A 78 11.74 -37.17 9.04
N ASN A 79 10.61 -36.54 9.33
CA ASN A 79 9.49 -37.25 9.95
C ASN A 79 9.24 -38.49 9.11
N PRO A 80 9.26 -39.67 9.74
CA PRO A 80 9.14 -40.97 9.06
C PRO A 80 7.86 -41.08 8.26
N GLU A 81 6.83 -40.37 8.69
CA GLU A 81 5.55 -40.36 7.99
C GLU A 81 5.67 -39.60 6.68
N CYS A 82 6.90 -39.19 6.35
CA CYS A 82 7.18 -38.34 5.19
C CYS A 82 8.08 -39.02 4.17
N ASP A 83 8.51 -40.24 4.50
CA ASP A 83 9.38 -41.05 3.66
C ASP A 83 8.96 -41.06 2.18
N ARG A 84 7.65 -41.10 1.92
CA ARG A 84 7.16 -41.32 0.56
C ARG A 84 6.91 -40.03 -0.23
N LEU A 85 7.54 -38.93 0.18
CA LEU A 85 7.35 -37.66 -0.52
C LEU A 85 8.11 -37.63 -1.84
N LEU A 86 7.58 -36.91 -2.82
CA LEU A 86 8.14 -36.90 -4.16
C LEU A 86 9.51 -36.21 -4.24
N SER A 87 9.57 -34.95 -3.84
CA SER A 87 10.81 -34.17 -3.88
C SER A 87 11.33 -33.93 -5.29
N VAL A 88 11.36 -32.66 -5.68
CA VAL A 88 11.95 -32.25 -6.94
C VAL A 88 13.22 -31.48 -6.60
N PRO A 89 14.12 -31.31 -7.56
CA PRO A 89 15.33 -30.51 -7.32
C PRO A 89 15.07 -29.04 -7.62
N GLU A 90 13.81 -28.73 -7.96
CA GLU A 90 13.43 -27.37 -8.36
C GLU A 90 11.92 -27.22 -8.40
N TRP A 91 11.41 -26.14 -7.79
CA TRP A 91 9.97 -25.89 -7.67
C TRP A 91 9.64 -24.38 -7.68
N SER A 92 8.41 -24.03 -8.02
CA SER A 92 8.03 -22.65 -8.26
C SER A 92 7.11 -22.10 -7.17
N TYR A 93 6.49 -23.02 -6.44
CA TYR A 93 5.82 -22.72 -5.19
C TYR A 93 5.79 -23.98 -4.36
N ILE A 94 5.17 -23.92 -3.19
CA ILE A 94 5.01 -25.08 -2.34
C ILE A 94 3.53 -25.32 -2.12
N MET A 95 3.11 -26.57 -2.27
CA MET A 95 1.75 -26.96 -1.92
C MET A 95 1.78 -27.59 -0.56
N GLU A 96 0.89 -27.14 0.31
CA GLU A 96 0.86 -27.61 1.66
C GLU A 96 -0.57 -27.50 2.12
N LYS A 97 -1.00 -28.43 2.96
CA LYS A 97 -2.36 -28.41 3.46
C LYS A 97 -2.52 -27.39 4.59
N GLU A 98 -3.73 -26.89 4.77
CA GLU A 98 -4.05 -26.08 5.92
C GLU A 98 -4.01 -27.05 7.08
N ASN A 99 -3.19 -26.77 8.08
CA ASN A 99 -3.00 -27.75 9.16
C ASN A 99 -2.68 -29.13 8.61
N PRO A 100 -1.41 -29.38 8.28
CA PRO A 100 -1.03 -30.70 7.78
C PRO A 100 -1.42 -31.81 8.76
N ARG A 101 -0.42 -32.55 9.24
CA ARG A 101 -0.67 -33.71 10.11
C ARG A 101 0.67 -34.25 10.54
N ASP A 102 1.58 -34.35 9.59
CA ASP A 102 2.93 -34.83 9.84
C ASP A 102 3.93 -33.69 9.94
N GLY A 103 4.14 -33.18 11.14
CA GLY A 103 5.11 -32.14 11.35
C GLY A 103 6.14 -32.56 12.38
N LEU A 104 6.05 -31.98 13.56
CA LEU A 104 6.94 -32.37 14.64
C LEU A 104 6.36 -33.58 15.38
N CYS A 105 6.67 -34.78 14.89
CA CYS A 105 6.19 -36.00 15.52
C CYS A 105 6.63 -36.00 16.98
N TYR A 106 7.89 -35.65 17.21
CA TYR A 106 8.38 -35.34 18.56
C TYR A 106 8.07 -33.88 18.84
N PRO A 107 7.33 -33.60 19.92
CA PRO A 107 6.78 -32.28 20.18
C PRO A 107 7.92 -31.28 20.41
N GLY A 108 7.72 -30.02 20.03
CA GLY A 108 8.74 -29.00 20.17
C GLY A 108 8.44 -27.76 19.37
N SER A 109 9.47 -27.15 18.79
CA SER A 109 9.26 -25.92 18.02
C SER A 109 10.39 -25.63 17.06
N PHE A 110 10.16 -24.66 16.20
CA PHE A 110 11.08 -24.34 15.13
C PHE A 110 11.28 -22.83 15.06
N ASN A 111 12.39 -22.36 15.63
CA ASN A 111 12.73 -20.93 15.55
C ASN A 111 12.74 -20.39 14.11
N ASP A 112 12.07 -19.24 13.90
CA ASP A 112 12.06 -18.56 12.61
C ASP A 112 11.58 -19.43 11.49
N TYR A 113 10.61 -20.26 11.83
CA TYR A 113 10.03 -21.21 10.91
C TYR A 113 9.44 -20.52 9.69
N GLU A 114 8.71 -19.43 9.92
CA GLU A 114 8.09 -18.66 8.83
C GLU A 114 9.10 -18.04 7.85
N GLU A 115 10.25 -17.61 8.35
CA GLU A 115 11.32 -17.06 7.52
C GLU A 115 11.89 -18.19 6.70
N LEU A 116 11.94 -19.38 7.29
CA LEU A 116 12.39 -20.56 6.54
C LEU A 116 11.41 -20.93 5.42
N LYS A 117 10.10 -20.88 5.70
CA LYS A 117 9.14 -21.20 4.64
C LYS A 117 9.26 -20.26 3.47
N HIS A 118 9.34 -18.96 3.73
CA HIS A 118 9.47 -17.99 2.65
C HIS A 118 10.71 -18.27 1.80
N LEU A 119 11.80 -18.68 2.47
CA LEU A 119 13.07 -18.98 1.80
C LEU A 119 12.97 -20.22 0.91
N LEU A 120 12.30 -21.25 1.42
CA LEU A 120 12.08 -22.48 0.69
C LEU A 120 10.97 -22.36 -0.35
N SER A 121 10.16 -21.31 -0.27
CA SER A 121 8.94 -21.21 -1.07
C SER A 121 9.18 -21.40 -2.57
N SER A 122 10.39 -21.10 -3.02
CA SER A 122 10.72 -21.20 -4.43
C SER A 122 12.20 -21.43 -4.56
N VAL A 123 12.59 -22.47 -5.28
CA VAL A 123 13.99 -22.87 -5.33
C VAL A 123 14.44 -23.25 -6.74
N LYS A 124 15.58 -22.71 -7.18
CA LYS A 124 16.18 -23.14 -8.44
C LYS A 124 16.81 -24.53 -8.32
N HIS A 125 17.55 -24.76 -7.23
CA HIS A 125 18.13 -26.07 -6.98
C HIS A 125 18.18 -26.46 -5.50
N PHE A 126 17.85 -27.71 -5.22
CA PHE A 126 17.72 -28.15 -3.84
C PHE A 126 18.13 -29.61 -3.68
N GLU A 127 19.33 -29.81 -3.16
CA GLU A 127 19.89 -31.15 -3.05
C GLU A 127 20.35 -31.48 -1.64
N LYS A 128 19.92 -32.63 -1.14
CA LYS A 128 20.31 -33.13 0.17
C LYS A 128 21.73 -33.71 0.11
N VAL A 129 22.55 -33.38 1.09
CA VAL A 129 23.91 -33.89 1.16
C VAL A 129 24.30 -34.29 2.57
N LYS A 130 24.88 -35.47 2.70
CA LYS A 130 25.37 -35.95 3.98
C LYS A 130 26.53 -35.05 4.41
N ILE A 131 26.41 -34.41 5.58
CA ILE A 131 27.48 -33.52 6.09
C ILE A 131 28.09 -34.00 7.42
N LEU A 132 27.35 -34.79 8.19
CA LEU A 132 27.90 -35.37 9.41
C LEU A 132 27.38 -36.78 9.57
N PRO A 133 28.06 -37.74 8.92
CA PRO A 133 27.72 -39.16 8.91
C PRO A 133 27.46 -39.70 10.32
N LYS A 134 26.30 -40.34 10.51
CA LYS A 134 25.89 -40.87 11.81
C LYS A 134 26.96 -41.72 12.45
N ASP A 135 27.70 -42.47 11.63
CA ASP A 135 28.60 -43.48 12.18
C ASP A 135 29.94 -42.90 12.62
N ARG A 136 30.19 -41.64 12.30
CA ARG A 136 31.43 -41.01 12.74
C ARG A 136 31.32 -40.51 14.17
N TRP A 137 30.12 -40.49 14.72
CA TRP A 137 29.94 -40.18 16.12
C TRP A 137 30.32 -41.38 16.97
N THR A 138 31.59 -41.78 16.92
CA THR A 138 32.08 -42.72 17.91
C THR A 138 32.18 -41.95 19.23
N GLN A 139 32.36 -42.66 20.33
CA GLN A 139 32.28 -42.03 21.65
C GLN A 139 30.85 -41.71 22.13
N HIS A 140 29.88 -41.69 21.22
CA HIS A 140 28.48 -41.46 21.59
C HIS A 140 27.51 -42.51 21.07
N THR A 141 26.44 -42.76 21.83
CA THR A 141 25.37 -43.61 21.31
C THR A 141 24.55 -42.78 20.32
N THR A 142 24.10 -43.43 19.26
CA THR A 142 23.63 -42.71 18.09
C THR A 142 22.25 -43.20 17.69
N THR A 143 21.75 -44.19 18.42
CA THR A 143 20.58 -44.98 18.03
C THR A 143 19.23 -44.47 18.59
N GLY A 144 19.29 -43.46 19.45
CA GLY A 144 18.12 -42.97 20.16
C GLY A 144 16.92 -42.68 19.29
N GLY A 145 15.73 -42.93 19.83
CA GLY A 145 14.49 -42.68 19.11
C GLY A 145 13.38 -42.54 20.11
N SER A 146 12.15 -42.50 19.61
CA SER A 146 10.99 -42.28 20.48
C SER A 146 9.75 -42.86 19.83
N ARG A 147 8.79 -43.27 20.64
CA ARG A 147 7.57 -43.82 20.08
C ARG A 147 6.66 -42.73 19.55
N ALA A 148 7.07 -41.48 19.77
CA ALA A 148 6.37 -40.34 19.18
C ALA A 148 6.66 -40.29 17.68
N CYS A 149 7.80 -40.86 17.32
CA CYS A 149 8.21 -41.00 15.94
C CYS A 149 8.21 -42.48 15.55
N ALA A 150 7.13 -43.17 15.88
CA ALA A 150 7.06 -44.62 15.71
C ALA A 150 6.80 -45.07 14.28
N VAL A 151 7.59 -46.03 13.81
CA VAL A 151 7.31 -46.75 12.58
C VAL A 151 7.16 -48.25 12.88
N SER A 152 5.97 -48.78 12.67
CA SER A 152 5.66 -50.16 13.04
C SER A 152 5.82 -50.37 14.55
N GLY A 153 5.20 -49.50 15.33
CA GLY A 153 5.20 -49.63 16.78
C GLY A 153 6.55 -49.56 17.44
N ASN A 154 7.61 -49.48 16.64
CA ASN A 154 8.96 -49.37 17.18
C ASN A 154 9.43 -47.93 17.25
N PRO A 155 10.16 -47.58 18.32
CA PRO A 155 10.75 -46.25 18.41
C PRO A 155 11.68 -45.92 17.23
N SER A 156 11.36 -44.88 16.48
CA SER A 156 12.28 -44.32 15.50
C SER A 156 12.58 -42.87 15.85
N PHE A 157 13.02 -42.12 14.85
CA PHE A 157 13.41 -40.73 15.01
C PHE A 157 13.40 -40.04 13.67
N PHE A 158 13.60 -38.73 13.69
CA PHE A 158 13.74 -37.94 12.48
C PHE A 158 14.84 -38.51 11.58
N ARG A 159 14.49 -38.85 10.34
CA ARG A 159 15.42 -39.54 9.45
C ARG A 159 16.69 -38.76 9.17
N ASN A 160 16.62 -37.44 9.27
CA ASN A 160 17.74 -36.60 8.88
C ASN A 160 18.58 -36.17 10.07
N MET A 161 18.05 -36.40 11.26
CA MET A 161 18.66 -35.92 12.48
C MET A 161 19.27 -37.07 13.26
N VAL A 162 20.21 -36.75 14.15
CA VAL A 162 20.83 -37.74 15.00
C VAL A 162 20.76 -37.34 16.47
N LEU A 164 22.06 -37.68 20.03
CA LEU A 164 23.31 -38.12 20.62
C LEU A 164 23.11 -38.41 22.09
N THR A 165 23.23 -39.69 22.47
CA THR A 165 23.06 -40.10 23.86
C THR A 165 24.34 -40.67 24.47
N GLU A 166 24.31 -40.92 25.78
CA GLU A 166 25.46 -41.48 26.51
C GLU A 166 25.78 -42.91 26.08
N LYS A 167 27.08 -43.20 26.03
CA LYS A 167 27.57 -44.51 25.64
C LYS A 167 28.48 -45.08 26.73
N GLY A 168 28.02 -46.17 27.37
CA GLY A 168 28.77 -46.76 28.46
C GLY A 168 28.39 -46.19 29.82
N SER A 169 28.13 -44.89 29.82
CA SER A 169 27.85 -44.08 31.02
C SER A 169 28.68 -42.81 30.91
N ASN A 170 28.88 -42.38 29.67
CA ASN A 170 29.76 -41.27 29.38
C ASN A 170 29.26 -40.47 28.18
N TYR A 171 29.25 -39.16 28.34
CA TYR A 171 28.98 -38.26 27.23
C TYR A 171 30.14 -37.26 27.15
N PRO A 172 31.21 -37.66 26.46
CA PRO A 172 32.38 -36.79 26.34
C PRO A 172 31.97 -35.60 25.48
N VAL A 173 32.72 -34.50 25.56
CA VAL A 173 32.39 -33.38 24.70
C VAL A 173 32.21 -33.91 23.28
N ALA A 174 31.07 -33.59 22.67
CA ALA A 174 30.81 -33.99 21.30
C ALA A 174 31.10 -32.81 20.40
N LYS A 175 31.97 -33.00 19.42
CA LYS A 175 32.28 -31.93 18.49
C LYS A 175 32.11 -32.48 17.09
N GLY A 176 31.46 -31.73 16.22
CA GLY A 176 31.36 -32.10 14.83
C GLY A 176 31.54 -30.85 14.02
N SER A 177 32.10 -30.95 12.83
CA SER A 177 32.14 -29.78 11.96
C SER A 177 32.14 -30.13 10.48
N TYR A 178 31.82 -29.13 9.66
CA TYR A 178 31.68 -29.35 8.23
C TYR A 178 32.02 -28.09 7.41
N ASN A 179 32.88 -28.24 6.38
CA ASN A 179 33.23 -27.14 5.49
C ASN A 179 32.37 -27.24 4.24
N ASN A 180 31.59 -26.19 3.96
CA ASN A 180 30.67 -26.25 2.83
C ASN A 180 31.42 -26.20 1.51
N THR A 181 31.80 -27.38 1.03
CA THR A 181 32.50 -27.51 -0.26
C THR A 181 31.48 -27.86 -1.35
N SER A 182 30.20 -27.73 -1.06
CA SER A 182 29.17 -28.23 -1.97
C SER A 182 28.99 -27.34 -3.21
N GLY A 183 29.69 -26.22 -3.23
CA GLY A 183 29.58 -25.31 -4.37
C GLY A 183 28.30 -24.49 -4.37
N GLU A 184 27.53 -24.57 -3.28
CA GLU A 184 26.34 -23.71 -3.10
C GLU A 184 26.10 -23.37 -1.62
N GLN A 185 25.16 -22.45 -1.37
CA GLN A 185 24.73 -22.15 -0.01
C GLN A 185 24.07 -23.36 0.60
N MET A 186 24.16 -23.53 1.91
CA MET A 186 23.54 -24.72 2.50
C MET A 186 22.69 -24.49 3.74
N LEU A 187 21.44 -24.93 3.65
CA LEU A 187 20.54 -24.93 4.79
C LEU A 187 20.96 -26.03 5.76
N ILE A 188 21.17 -25.66 7.04
CA ILE A 188 21.51 -26.62 8.07
C ILE A 188 20.66 -26.38 9.33
N ILE A 189 20.04 -27.47 9.81
CA ILE A 189 19.09 -27.44 10.89
C ILE A 189 19.68 -28.26 12.02
N TRP A 190 19.40 -27.87 13.27
CA TRP A 190 19.87 -28.59 14.44
C TRP A 190 18.89 -28.41 15.58
N GLY A 191 18.98 -29.27 16.59
CA GLY A 191 17.99 -29.26 17.65
C GLY A 191 18.52 -29.29 19.05
N VAL A 192 17.72 -28.81 19.99
CA VAL A 192 18.03 -28.98 21.40
C VAL A 192 16.92 -29.77 22.07
N HIS A 193 17.32 -30.74 22.88
CA HIS A 193 16.37 -31.56 23.61
C HIS A 193 16.09 -30.99 25.00
N HIS A 194 14.85 -30.64 25.29
CA HIS A 194 14.46 -30.25 26.64
C HIS A 194 13.74 -31.41 27.37
N PRO A 195 14.41 -32.03 28.35
CA PRO A 195 13.85 -33.20 29.04
C PRO A 195 12.70 -32.84 30.01
N ASN A 196 11.83 -33.80 30.29
CA ASN A 196 10.75 -33.65 31.28
C ASN A 196 11.22 -33.60 32.74
N ASP A 197 12.34 -34.25 33.05
CA ASP A 197 12.85 -34.33 34.42
C ASP A 197 14.36 -34.62 34.48
N GLU A 198 14.98 -34.31 35.63
CA GLU A 198 16.43 -34.46 35.81
C GLU A 198 16.91 -35.90 35.63
N THR A 199 16.05 -36.85 35.97
CA THR A 199 16.34 -38.26 35.84
C THR A 199 16.54 -38.58 34.37
N GLU A 200 15.56 -38.15 33.58
CA GLU A 200 15.61 -38.25 32.14
C GLU A 200 16.89 -37.65 31.58
N GLN A 201 17.36 -36.58 32.20
CA GLN A 201 18.57 -35.90 31.75
C GLN A 201 19.80 -36.76 32.00
N ARG A 202 19.97 -37.25 33.23
CA ARG A 202 21.16 -37.99 33.61
C ARG A 202 21.32 -39.34 32.90
N THR A 203 20.20 -40.03 32.69
CA THR A 203 20.26 -41.31 31.99
C THR A 203 20.40 -41.14 30.50
N LEU A 204 20.06 -39.97 29.98
CA LEU A 204 20.33 -39.70 28.58
C LEU A 204 21.77 -39.22 28.37
N TYR A 205 22.22 -38.32 29.24
CA TYR A 205 23.44 -37.57 28.94
C TYR A 205 24.50 -37.56 30.03
N GLN A 206 24.27 -38.30 31.12
CA GLN A 206 25.17 -38.28 32.28
C GLN A 206 25.36 -36.92 32.92
N ASN A 207 25.88 -35.96 32.14
CA ASN A 207 26.17 -34.61 32.61
C ASN A 207 24.91 -33.79 32.90
N VAL A 208 25.06 -32.70 33.63
CA VAL A 208 23.89 -31.96 34.06
C VAL A 208 23.79 -30.52 33.53
N GLY A 209 24.88 -29.78 33.62
CA GLY A 209 24.85 -28.38 33.22
C GLY A 209 25.25 -28.26 31.76
N THR A 210 24.54 -28.97 30.90
CA THR A 210 24.99 -29.15 29.53
C THR A 210 24.60 -27.98 28.66
N TYR A 211 25.16 -27.96 27.46
CA TYR A 211 24.91 -26.88 26.51
C TYR A 211 25.07 -27.44 25.10
N VAL A 212 24.59 -26.67 24.12
CA VAL A 212 24.74 -26.96 22.71
C VAL A 212 25.21 -25.66 22.04
N SER A 213 26.18 -25.77 21.15
CA SER A 213 26.90 -24.61 20.67
C SER A 213 27.11 -24.65 19.16
N VAL A 214 26.40 -23.78 18.44
CA VAL A 214 26.53 -23.76 16.99
C VAL A 214 27.26 -22.48 16.54
N GLY A 215 28.15 -22.61 15.56
CA GLY A 215 28.96 -21.47 15.15
C GLY A 215 29.42 -21.53 13.71
N THR A 216 29.43 -20.37 13.06
CA THR A 216 29.99 -20.20 11.73
C THR A 216 30.70 -18.85 11.71
N SER A 217 30.95 -18.31 10.52
CA SER A 217 31.62 -17.02 10.43
C SER A 217 30.66 -15.95 10.85
N THR A 218 29.40 -16.32 10.88
CA THR A 218 28.38 -15.32 10.91
C THR A 218 27.49 -15.55 12.09
N LEU A 219 27.30 -16.82 12.43
CA LEU A 219 26.38 -17.21 13.48
C LEU A 219 27.17 -17.57 14.72
N ASN A 220 26.67 -17.11 15.85
CA ASN A 220 27.20 -17.48 17.16
C ASN A 220 25.98 -17.79 18.03
N LYS A 221 25.79 -19.04 18.44
CA LYS A 221 24.63 -19.37 19.24
C LYS A 221 24.89 -20.47 20.26
N ARG A 222 24.54 -20.22 21.51
CA ARG A 222 24.72 -21.20 22.58
C ARG A 222 23.39 -21.44 23.27
N SER A 223 23.03 -22.71 23.44
CA SER A 223 21.78 -23.02 24.12
C SER A 223 21.97 -23.96 25.31
N THR A 224 21.11 -23.79 26.31
CA THR A 224 21.05 -24.70 27.43
C THR A 224 19.65 -25.28 27.54
N PRO A 225 19.54 -26.58 27.74
CA PRO A 225 18.27 -27.31 27.79
C PRO A 225 17.39 -26.86 28.96
N ASP A 226 16.09 -26.93 28.79
CA ASP A 226 15.19 -26.61 29.86
C ASP A 226 14.56 -27.91 30.37
N ILE A 227 15.01 -28.34 31.53
CA ILE A 227 14.46 -29.53 32.17
C ILE A 227 13.25 -29.13 33.01
N ALA A 228 12.08 -29.65 32.64
CA ALA A 228 10.88 -29.29 33.37
C ALA A 228 9.64 -30.06 32.90
N THR A 229 8.67 -30.18 33.79
CA THR A 229 7.46 -30.93 33.53
C THR A 229 6.47 -30.11 32.71
N ARG A 230 5.96 -30.71 31.64
CA ARG A 230 5.04 -30.02 30.74
C ARG A 230 3.88 -30.93 30.39
N PRO A 231 2.73 -30.33 30.06
CA PRO A 231 1.57 -31.09 29.57
C PRO A 231 2.04 -32.09 28.52
N LYS A 232 1.50 -33.30 28.55
CA LYS A 232 1.93 -34.31 27.59
C LYS A 232 1.34 -34.08 26.21
N VAL A 233 2.20 -34.18 25.21
CA VAL A 233 1.83 -33.95 23.83
C VAL A 233 2.43 -35.14 23.10
N ASN A 234 1.58 -35.97 22.51
CA ASN A 234 2.02 -37.29 22.07
C ASN A 234 2.78 -37.96 23.22
N GLY A 235 2.16 -37.90 24.40
CA GLY A 235 2.65 -38.60 25.56
C GLY A 235 3.97 -38.14 26.13
N LEU A 236 4.56 -37.11 25.52
CA LEU A 236 5.86 -36.62 25.96
C LEU A 236 5.74 -35.27 26.65
N GLY A 237 6.46 -35.10 27.73
CA GLY A 237 6.50 -33.85 28.44
C GLY A 237 7.70 -33.09 27.92
N SER A 238 8.58 -33.83 27.27
CA SER A 238 9.81 -33.29 26.75
C SER A 238 9.56 -32.55 25.43
N ARG A 239 10.52 -31.74 25.01
CA ARG A 239 10.36 -30.97 23.79
C ARG A 239 11.64 -30.98 22.97
N MET A 240 11.49 -30.75 21.67
CA MET A 240 12.64 -30.54 20.82
C MET A 240 12.60 -29.17 20.14
N GLU A 241 13.61 -28.34 20.41
CA GLU A 241 13.66 -27.00 19.84
C GLU A 241 14.63 -26.91 18.66
N PHE A 242 14.08 -26.79 17.47
CA PHE A 242 14.92 -26.71 16.27
C PHE A 242 15.30 -25.27 15.83
N SER A 243 16.47 -25.16 15.22
CA SER A 243 16.95 -23.89 14.69
C SER A 243 17.68 -24.13 13.35
N TRP A 244 17.84 -23.08 12.56
CA TRP A 244 18.54 -23.24 11.29
C TRP A 244 19.45 -22.09 10.93
N THR A 245 20.20 -22.30 9.86
CA THR A 245 21.09 -21.30 9.35
C THR A 245 21.48 -21.63 7.93
N LEU A 246 21.96 -20.62 7.22
CA LEU A 246 22.49 -20.81 5.89
C LEU A 246 24.01 -20.75 5.96
N LEU A 247 24.68 -21.85 5.65
CA LEU A 247 26.14 -21.89 5.65
C LEU A 247 26.63 -21.41 4.30
N ASP A 248 27.49 -20.38 4.29
CA ASP A 248 27.98 -19.85 3.03
C ASP A 248 28.98 -20.79 2.37
N MET A 249 29.18 -20.59 1.07
CA MET A 249 30.17 -21.35 0.30
C MET A 249 31.54 -21.23 0.92
N TRP A 250 32.10 -22.36 1.31
CA TRP A 250 33.45 -22.38 1.80
C TRP A 250 33.52 -21.98 3.27
N ASP A 251 32.38 -21.66 3.87
CA ASP A 251 32.38 -21.46 5.31
C ASP A 251 32.27 -22.81 6.02
N THR A 252 32.48 -22.81 7.33
CA THR A 252 32.43 -24.03 8.10
C THR A 252 31.46 -23.85 9.24
N ILE A 253 30.70 -24.89 9.56
CA ILE A 253 29.85 -24.87 10.74
C ILE A 253 30.44 -25.80 11.81
N ASN A 254 30.38 -25.36 13.07
CA ASN A 254 30.98 -26.07 14.19
C ASN A 254 29.97 -26.38 15.27
N PHE A 255 29.72 -27.66 15.54
CA PHE A 255 28.90 -28.06 16.68
C PHE A 255 29.77 -28.50 17.84
N GLU A 256 29.38 -28.11 19.04
CA GLU A 256 30.01 -28.56 20.28
C GLU A 256 28.89 -28.80 21.27
N SER A 257 28.98 -29.85 22.07
CA SER A 257 27.94 -30.08 23.06
C SER A 257 28.32 -31.05 24.16
N THR A 258 27.95 -30.72 25.40
CA THR A 258 28.15 -31.64 26.50
C THR A 258 26.87 -32.40 26.84
N GLY A 259 25.91 -32.41 25.91
CA GLY A 259 24.66 -33.12 26.09
C GLY A 259 23.48 -32.35 25.51
N ASN A 260 22.43 -33.09 25.13
CA ASN A 260 21.17 -32.53 24.64
C ASN A 260 21.13 -32.04 23.17
N LEU A 261 22.25 -32.09 22.46
CA LEU A 261 22.28 -31.80 21.04
C LEU A 261 21.56 -32.83 20.15
N ILE A 262 20.66 -32.35 19.28
CA ILE A 262 20.17 -33.13 18.17
C ILE A 262 20.87 -32.62 16.92
N ALA A 263 21.89 -33.37 16.49
CA ALA A 263 22.72 -33.03 15.33
C ALA A 263 22.05 -33.37 14.01
N PRO A 264 22.40 -32.62 12.95
CA PRO A 264 22.02 -33.00 11.59
C PRO A 264 23.01 -34.03 11.03
N GLU A 265 22.51 -34.94 10.20
CA GLU A 265 23.38 -35.79 9.39
C GLU A 265 23.50 -35.12 8.03
N TYR A 266 22.38 -34.62 7.52
CA TYR A 266 22.32 -34.02 6.20
C TYR A 266 22.21 -32.49 6.22
N GLY A 267 22.54 -31.87 5.10
CA GLY A 267 22.34 -30.46 4.85
C GLY A 267 21.61 -30.32 3.53
N PHE A 268 21.11 -29.14 3.22
CA PHE A 268 20.42 -28.96 1.96
C PHE A 268 21.04 -27.86 1.11
N LYS A 269 21.71 -28.25 0.04
CA LYS A 269 22.24 -27.29 -0.91
C LYS A 269 21.09 -26.51 -1.48
N ILE A 270 21.23 -25.20 -1.60
CA ILE A 270 20.09 -24.41 -2.04
C ILE A 270 20.53 -23.24 -2.87
N SER A 271 19.87 -23.05 -4.00
CA SER A 271 20.18 -21.96 -4.88
C SER A 271 18.88 -21.28 -5.27
N LYS A 272 18.77 -20.01 -4.97
CA LYS A 272 17.62 -19.25 -5.39
C LYS A 272 18.14 -17.95 -5.95
N ARG A 273 17.47 -17.30 -6.93
CA ARG A 273 16.19 -17.64 -7.57
C ARG A 273 15.35 -16.37 -7.62
N GLY A 274 14.23 -16.35 -6.90
CA GLY A 274 13.37 -15.18 -6.88
C GLY A 274 12.30 -15.07 -5.80
N SER A 275 12.08 -16.16 -5.07
CA SER A 275 11.09 -16.19 -3.98
C SER A 275 9.61 -16.16 -4.41
N SER A 276 8.81 -16.96 -3.72
CA SER A 276 7.45 -17.22 -4.12
C SER A 276 6.51 -17.24 -2.91
N GLY A 277 5.76 -18.33 -2.75
CA GLY A 277 4.88 -18.48 -1.62
C GLY A 277 4.28 -19.88 -1.47
N ILE A 278 3.71 -20.15 -0.31
CA ILE A 278 3.07 -21.43 -0.04
C ILE A 278 1.59 -21.34 -0.39
N MET A 279 1.05 -22.39 -1.01
CA MET A 279 -0.38 -22.45 -1.31
C MET A 279 -1.12 -23.49 -0.47
N LYS A 280 -1.99 -23.02 0.43
CA LYS A 280 -2.80 -23.90 1.27
C LYS A 280 -3.94 -24.51 0.46
N THR A 281 -3.92 -25.82 0.29
CA THR A 281 -4.90 -26.51 -0.55
C THR A 281 -4.92 -28.01 -0.29
N GLU A 282 -5.95 -28.70 -0.79
CA GLU A 282 -6.08 -30.14 -0.58
C GLU A 282 -5.78 -30.92 -1.84
N GLY A 283 -5.63 -30.21 -2.95
CA GLY A 283 -5.54 -30.83 -4.25
C GLY A 283 -4.23 -31.53 -4.51
N THR A 284 -3.98 -31.82 -5.77
CA THR A 284 -2.73 -32.42 -6.20
C THR A 284 -2.39 -31.88 -7.56
N LEU A 285 -1.10 -31.82 -7.85
CA LEU A 285 -0.61 -31.36 -9.15
C LEU A 285 -1.27 -32.18 -10.26
N GLU A 286 -1.50 -31.56 -11.42
CA GLU A 286 -2.27 -32.22 -12.46
C GLU A 286 -1.68 -32.19 -13.86
N ASN A 287 -0.51 -31.61 -14.02
CA ASN A 287 0.11 -31.53 -15.34
C ASN A 287 -0.71 -30.72 -16.34
N CYS A 288 -0.82 -29.42 -16.09
CA CYS A 288 -1.28 -28.49 -17.11
C CYS A 288 -0.28 -27.36 -17.14
N GLU A 289 -0.71 -26.20 -17.61
CA GLU A 289 0.15 -25.04 -17.57
C GLU A 289 -0.60 -23.82 -17.03
N THR A 290 0.15 -22.86 -16.54
CA THR A 290 -0.43 -21.60 -16.09
C THR A 290 0.64 -20.57 -15.73
N LYS A 291 0.23 -19.29 -15.72
CA LYS A 291 1.10 -18.22 -15.25
C LYS A 291 0.48 -17.60 -14.02
N CYS A 292 -0.69 -18.11 -13.67
CA CYS A 292 -1.41 -17.60 -12.52
C CYS A 292 -2.15 -18.75 -11.88
N GLN A 293 -1.71 -19.13 -10.69
CA GLN A 293 -2.34 -20.23 -9.95
C GLN A 293 -3.16 -19.70 -8.81
N THR A 294 -4.36 -20.27 -8.62
CA THR A 294 -5.18 -19.91 -7.47
C THR A 294 -5.64 -21.19 -6.74
N PRO A 295 -5.97 -21.06 -5.44
CA PRO A 295 -6.36 -22.22 -4.64
C PRO A 295 -7.54 -22.98 -5.22
N LEU A 296 -8.25 -22.37 -6.17
CA LEU A 296 -9.40 -23.03 -6.80
C LEU A 296 -9.08 -23.65 -8.17
N GLY A 297 -8.12 -23.07 -8.88
CA GLY A 297 -7.81 -23.50 -10.23
C GLY A 297 -6.86 -22.50 -10.89
N ALA A 298 -6.43 -22.79 -12.11
CA ALA A 298 -5.54 -21.88 -12.79
C ALA A 298 -6.30 -20.90 -13.69
N ILE A 299 -5.76 -19.69 -13.81
CA ILE A 299 -6.38 -18.64 -14.59
C ILE A 299 -5.55 -18.38 -15.82
N ASN A 300 -6.17 -18.44 -16.99
CA ASN A 300 -5.49 -18.15 -18.25
C ASN A 300 -6.17 -17.00 -18.97
N THR A 301 -5.65 -15.78 -18.82
CA THR A 301 -6.32 -14.59 -19.34
C THR A 301 -5.42 -13.42 -19.68
N THR A 302 -5.92 -12.55 -20.57
CA THR A 302 -5.26 -11.30 -20.90
C THR A 302 -6.01 -10.16 -20.23
N LEU A 303 -7.13 -10.51 -19.60
CA LEU A 303 -8.03 -9.60 -18.90
C LEU A 303 -7.41 -8.93 -17.67
N PRO A 304 -7.65 -7.61 -17.51
CA PRO A 304 -6.97 -6.79 -16.49
C PRO A 304 -7.46 -7.01 -15.06
N PHE A 305 -8.60 -7.67 -14.92
CA PHE A 305 -9.22 -7.85 -13.60
C PHE A 305 -9.75 -9.31 -13.49
N HIS A 306 -9.85 -9.81 -12.26
CA HIS A 306 -10.52 -11.09 -12.02
C HIS A 306 -11.11 -11.02 -10.62
N ASN A 307 -11.94 -12.00 -10.28
CA ASN A 307 -12.47 -12.11 -8.94
C ASN A 307 -12.54 -13.57 -8.49
N VAL A 308 -11.61 -14.38 -9.00
CA VAL A 308 -11.61 -15.81 -8.72
C VAL A 308 -11.31 -16.13 -7.27
N HIS A 309 -10.19 -15.59 -6.77
CA HIS A 309 -9.71 -15.81 -5.42
C HIS A 309 -8.57 -14.81 -5.16
N PRO A 310 -8.52 -14.23 -3.95
CA PRO A 310 -7.49 -13.23 -3.61
C PRO A 310 -6.09 -13.82 -3.50
N LEU A 311 -5.97 -15.08 -3.13
CA LEU A 311 -4.67 -15.66 -2.80
C LEU A 311 -4.05 -16.36 -4.01
N THR A 312 -3.37 -15.58 -4.84
CA THR A 312 -2.87 -16.10 -6.10
C THR A 312 -1.34 -16.14 -6.12
N ILE A 313 -0.77 -16.92 -7.01
CA ILE A 313 0.68 -16.95 -7.17
C ILE A 313 0.97 -16.88 -8.67
N GLY A 314 1.85 -15.95 -9.04
CA GLY A 314 2.19 -15.75 -10.44
C GLY A 314 2.02 -14.32 -10.92
N GLU A 315 1.81 -14.17 -12.22
CA GLU A 315 1.56 -12.86 -12.80
C GLU A 315 0.08 -12.82 -13.13
N CYS A 316 -0.69 -12.22 -12.25
CA CYS A 316 -2.14 -12.30 -12.34
C CYS A 316 -2.77 -10.95 -12.60
N PRO A 317 -4.05 -10.94 -12.95
CA PRO A 317 -4.83 -9.72 -13.13
C PRO A 317 -5.05 -9.07 -11.78
N LYS A 318 -5.58 -7.85 -11.73
CA LYS A 318 -5.88 -7.27 -10.42
C LYS A 318 -7.12 -7.90 -9.81
N TYR A 319 -7.04 -8.25 -8.54
CA TYR A 319 -8.15 -8.89 -7.88
C TYR A 319 -9.12 -7.83 -7.42
N VAL A 320 -10.36 -7.99 -7.82
CA VAL A 320 -11.33 -6.93 -7.62
C VAL A 320 -12.61 -7.52 -7.00
N LYS A 321 -13.32 -6.71 -6.22
CA LYS A 321 -14.55 -7.16 -5.58
C LYS A 321 -15.75 -6.91 -6.48
N SER A 322 -15.69 -7.38 -7.72
CA SER A 322 -16.79 -7.10 -8.64
C SER A 322 -17.41 -8.37 -9.21
N GLU A 323 -18.68 -8.31 -9.57
CA GLU A 323 -19.33 -9.48 -10.16
C GLU A 323 -19.33 -9.38 -11.68
N LYS A 324 -19.37 -8.15 -12.20
CA LYS A 324 -19.24 -7.93 -13.65
C LYS A 324 -18.61 -6.58 -14.03
N LEU A 325 -17.73 -6.61 -15.02
CA LEU A 325 -17.16 -5.38 -15.63
C LEU A 325 -17.33 -5.44 -17.12
N VAL A 326 -18.48 -4.96 -17.58
CA VAL A 326 -18.86 -5.11 -18.98
C VAL A 326 -18.80 -3.81 -19.73
N LEU A 327 -17.97 -3.83 -20.76
CA LEU A 327 -17.59 -2.65 -21.52
C LEU A 327 -18.36 -2.70 -22.85
N ALA A 328 -19.22 -1.72 -23.09
CA ALA A 328 -19.90 -1.63 -24.37
C ALA A 328 -18.87 -1.38 -25.46
N THR A 329 -19.00 -2.07 -26.59
CA THR A 329 -18.13 -1.80 -27.74
C THR A 329 -18.93 -1.31 -28.94
N GLY A 330 -20.14 -1.86 -29.09
CA GLY A 330 -21.03 -1.38 -30.14
C GLY A 330 -21.94 -0.29 -29.61
N LEU A 331 -22.81 0.22 -30.48
CA LEU A 331 -23.85 1.15 -30.04
C LEU A 331 -25.04 0.53 -29.26
N ARG A 332 -25.90 1.44 -28.82
CA ARG A 332 -27.08 1.14 -28.07
C ARG A 332 -28.06 0.46 -29.02
N ASN A 333 -28.48 -0.76 -28.69
CA ASN A 333 -29.44 -1.50 -29.49
C ASN A 333 -30.86 -0.97 -29.37
N VAL A 334 -31.44 -0.61 -30.50
CA VAL A 334 -32.70 0.09 -30.55
C VAL A 334 -33.61 -0.56 -31.59
N PRO A 335 -34.25 -1.68 -31.26
CA PRO A 335 -35.05 -2.39 -32.26
C PRO A 335 -36.28 -1.59 -32.66
N GLY A 341 -28.74 10.76 -26.43
CA GLY A 341 -27.30 10.86 -26.26
C GLY A 341 -26.82 12.26 -26.54
N LEU A 342 -25.57 12.55 -26.18
CA LEU A 342 -25.03 13.88 -26.41
C LEU A 342 -25.34 14.43 -27.79
N PHE A 343 -25.51 13.57 -28.78
CA PHE A 343 -25.64 14.00 -30.17
C PHE A 343 -27.02 13.90 -30.82
N GLY A 344 -28.02 13.51 -30.03
CA GLY A 344 -29.41 13.57 -30.44
C GLY A 344 -29.82 12.79 -31.67
N ALA A 345 -28.93 11.95 -32.20
CA ALA A 345 -29.27 11.17 -33.40
C ALA A 345 -29.83 9.80 -33.08
N ILE A 346 -28.96 8.89 -32.63
CA ILE A 346 -29.37 7.52 -32.28
C ILE A 346 -30.46 7.55 -31.22
N ALA A 347 -31.61 6.92 -31.53
CA ALA A 347 -32.72 6.92 -30.57
C ALA A 347 -33.09 8.37 -30.26
N GLY A 348 -32.91 9.22 -31.28
CA GLY A 348 -33.10 10.65 -31.19
C GLY A 348 -33.93 11.13 -32.37
N PHE A 349 -33.33 11.91 -33.28
CA PHE A 349 -34.08 12.32 -34.46
C PHE A 349 -34.11 11.21 -35.52
N ILE A 350 -33.29 10.18 -35.31
CA ILE A 350 -33.39 8.90 -36.02
C ILE A 350 -33.83 7.86 -34.97
N GLU A 351 -35.14 7.63 -34.91
CA GLU A 351 -35.77 6.91 -33.81
C GLU A 351 -35.30 5.47 -33.54
N GLY A 352 -34.98 4.72 -34.59
CA GLY A 352 -34.68 3.31 -34.42
C GLY A 352 -33.50 2.77 -35.20
N GLY A 353 -33.16 1.51 -34.95
CA GLY A 353 -32.06 0.86 -35.63
C GLY A 353 -32.54 0.18 -36.89
N TRP A 354 -31.65 -0.49 -37.62
CA TRP A 354 -32.02 -1.27 -38.81
C TRP A 354 -31.39 -2.63 -38.73
N GLN A 355 -32.18 -3.65 -38.41
CA GLN A 355 -31.66 -5.00 -38.43
C GLN A 355 -31.36 -5.36 -39.86
N GLY A 356 -31.94 -4.60 -40.77
CA GLY A 356 -31.73 -4.83 -42.18
C GLY A 356 -30.28 -4.64 -42.54
N MET A 357 -29.64 -3.66 -41.91
CA MET A 357 -28.24 -3.31 -42.18
C MET A 357 -27.35 -4.31 -41.45
N ILE A 358 -26.57 -5.07 -42.20
CA ILE A 358 -25.75 -6.13 -41.60
C ILE A 358 -24.26 -5.92 -41.88
N ASP A 359 -23.95 -5.01 -42.81
CA ASP A 359 -22.58 -4.82 -43.23
C ASP A 359 -21.74 -4.14 -42.16
N GLY A 360 -22.34 -3.17 -41.48
CA GLY A 360 -21.59 -2.31 -40.56
C GLY A 360 -22.41 -1.68 -39.46
N TRP A 361 -21.90 -0.56 -38.93
CA TRP A 361 -22.56 0.09 -37.79
C TRP A 361 -23.42 1.28 -38.22
N TYR A 362 -23.03 1.92 -39.32
CA TYR A 362 -23.73 3.08 -39.81
C TYR A 362 -23.84 2.91 -41.32
N GLY A 363 -24.84 3.52 -41.94
CA GLY A 363 -25.01 3.34 -43.36
C GLY A 363 -26.24 4.03 -43.90
N TYR A 364 -26.63 3.67 -45.13
CA TYR A 364 -27.74 4.32 -45.79
C TYR A 364 -28.79 3.32 -46.23
N HIS A 365 -30.00 3.81 -46.46
CA HIS A 365 -31.02 2.94 -47.05
C HIS A 365 -31.19 3.19 -48.55
N HIS A 366 -31.61 4.40 -48.91
CA HIS A 366 -31.90 4.76 -50.32
C HIS A 366 -33.09 4.03 -50.99
N SER A 367 -34.04 4.84 -51.45
CA SER A 367 -35.22 4.37 -52.14
C SER A 367 -35.20 4.87 -53.60
N ASN A 368 -35.20 3.92 -54.53
CA ASN A 368 -34.99 4.27 -55.92
C ASN A 368 -36.16 3.85 -56.81
N ASP A 369 -36.17 4.37 -58.04
CA ASP A 369 -37.03 3.79 -59.04
C ASP A 369 -36.28 2.70 -59.78
N GLN A 370 -35.19 2.22 -59.19
CA GLN A 370 -34.52 0.99 -59.63
C GLN A 370 -34.53 -0.07 -58.53
N GLY A 371 -35.03 0.29 -57.35
CA GLY A 371 -35.03 -0.62 -56.21
C GLY A 371 -34.90 0.05 -54.85
N SER A 372 -34.75 -0.76 -53.81
CA SER A 372 -34.45 -0.24 -52.49
C SER A 372 -33.17 -0.92 -52.05
N GLY A 373 -32.64 -0.52 -50.89
CA GLY A 373 -31.48 -1.21 -50.36
C GLY A 373 -31.01 -0.75 -49.00
N TYR A 374 -30.26 -1.61 -48.32
CA TYR A 374 -29.45 -1.18 -47.20
C TYR A 374 -28.00 -1.31 -47.62
N ALA A 375 -27.20 -0.32 -47.26
CA ALA A 375 -25.75 -0.45 -47.41
C ALA A 375 -25.03 0.28 -46.27
N ALA A 376 -24.10 -0.43 -45.63
CA ALA A 376 -23.34 0.17 -44.54
C ALA A 376 -22.30 1.11 -45.10
N ASP A 377 -22.02 2.18 -44.38
CA ASP A 377 -20.92 3.09 -44.73
C ASP A 377 -19.59 2.49 -44.28
N LYS A 378 -18.83 1.95 -45.23
CA LYS A 378 -17.65 1.18 -44.86
C LYS A 378 -16.58 2.01 -44.17
N GLU A 379 -16.34 3.23 -44.64
CA GLU A 379 -15.26 4.03 -44.09
C GLU A 379 -15.50 4.38 -42.62
N SER A 380 -16.69 4.89 -42.32
CA SER A 380 -17.00 5.30 -40.96
C SER A 380 -17.13 4.11 -40.02
N THR A 381 -17.64 2.99 -40.51
CA THR A 381 -17.66 1.82 -39.68
C THR A 381 -16.24 1.40 -39.30
N GLN A 382 -15.36 1.30 -40.30
CA GLN A 382 -13.96 0.95 -40.07
C GLN A 382 -13.26 1.86 -39.07
N LYS A 383 -13.60 3.14 -39.12
CA LYS A 383 -12.93 4.12 -38.30
C LYS A 383 -13.34 3.88 -36.86
N ALA A 384 -14.65 3.76 -36.65
CA ALA A 384 -15.20 3.51 -35.32
C ALA A 384 -14.66 2.20 -34.75
N PHE A 385 -14.56 1.20 -35.62
CA PHE A 385 -14.06 -0.11 -35.21
C PHE A 385 -12.62 -0.02 -34.69
N ASP A 386 -11.74 0.59 -35.48
CA ASP A 386 -10.41 0.87 -35.01
C ASP A 386 -10.50 1.61 -33.67
N GLY A 387 -11.35 2.63 -33.63
CA GLY A 387 -11.52 3.42 -32.44
C GLY A 387 -11.80 2.59 -31.21
N ILE A 388 -12.89 1.82 -31.26
CA ILE A 388 -13.26 0.95 -30.16
C ILE A 388 -12.14 -0.05 -29.84
N THR A 389 -11.58 -0.63 -30.90
CA THR A 389 -10.55 -1.65 -30.73
C THR A 389 -9.46 -1.08 -29.85
N ASN A 390 -8.96 0.09 -30.25
CA ASN A 390 -8.02 0.85 -29.45
C ASN A 390 -8.50 1.07 -28.01
N LYS A 391 -9.71 1.60 -27.83
CA LYS A 391 -10.19 1.80 -26.47
C LYS A 391 -10.11 0.52 -25.63
N VAL A 392 -10.63 -0.60 -26.15
CA VAL A 392 -10.46 -1.86 -25.41
C VAL A 392 -9.00 -2.21 -25.14
N ASN A 393 -8.16 -2.06 -26.16
CA ASN A 393 -6.74 -2.34 -25.92
C ASN A 393 -6.06 -1.42 -24.92
N SER A 394 -6.54 -0.20 -24.75
CA SER A 394 -5.80 0.66 -23.84
C SER A 394 -6.18 0.23 -22.47
N VAL A 395 -7.48 0.01 -22.29
CA VAL A 395 -7.96 -0.41 -20.99
C VAL A 395 -7.23 -1.71 -20.62
N ILE A 396 -6.97 -2.58 -21.60
CA ILE A 396 -6.34 -3.87 -21.30
C ILE A 396 -4.82 -3.93 -21.27
N GLU A 397 -4.16 -3.30 -22.23
CA GLU A 397 -2.71 -3.48 -22.32
C GLU A 397 -1.87 -2.57 -21.42
N LYS A 398 -2.49 -1.60 -20.75
CA LYS A 398 -1.77 -0.66 -19.87
C LYS A 398 -1.62 -1.23 -18.45
N MET A 399 -2.35 -2.30 -18.18
CA MET A 399 -2.31 -2.93 -16.88
C MET A 399 -0.97 -3.60 -16.67
N ASN A 400 -0.16 -3.07 -15.75
CA ASN A 400 1.14 -3.67 -15.48
C ASN A 400 1.07 -4.88 -14.55
N THR A 401 1.53 -6.03 -15.03
CA THR A 401 1.43 -7.27 -14.27
C THR A 401 2.80 -7.84 -13.89
N GLN A 402 3.06 -7.95 -12.60
CA GLN A 402 4.29 -8.60 -12.14
C GLN A 402 4.04 -9.83 -11.28
N PHE A 403 5.11 -10.57 -11.02
CA PHE A 403 4.99 -11.82 -10.25
C PHE A 403 4.81 -11.54 -8.77
N GLU A 404 3.80 -12.17 -8.17
CA GLU A 404 3.54 -11.97 -6.76
C GLU A 404 2.92 -13.23 -6.15
N ALA A 405 3.13 -13.42 -4.85
CA ALA A 405 2.62 -14.58 -4.13
C ALA A 405 1.35 -14.32 -3.29
N VAL A 406 1.20 -13.12 -2.76
CA VAL A 406 0.00 -12.75 -2.01
C VAL A 406 -0.12 -13.50 -0.68
N GLY A 407 -0.56 -14.76 -0.72
CA GLY A 407 -0.63 -15.56 0.50
C GLY A 407 0.67 -15.48 1.32
N LYS A 408 0.54 -15.11 2.61
CA LYS A 408 1.73 -14.95 3.45
C LYS A 408 1.64 -15.66 4.79
N GLU A 409 2.79 -15.84 5.45
CA GLU A 409 2.87 -16.55 6.72
C GLU A 409 3.37 -15.68 7.88
N PHE A 410 2.60 -15.67 8.95
CA PHE A 410 2.97 -14.98 10.16
C PHE A 410 2.75 -15.90 11.35
N SER A 411 3.62 -15.80 12.35
CA SER A 411 3.43 -16.57 13.57
C SER A 411 2.35 -15.95 14.46
N ASN A 412 1.98 -16.65 15.53
CA ASN A 412 0.99 -16.16 16.47
C ASN A 412 1.41 -14.86 17.15
N LEU A 413 2.72 -14.69 17.32
CA LEU A 413 3.22 -13.48 17.91
C LEU A 413 3.42 -12.39 16.87
N GLU A 414 2.94 -12.63 15.65
CA GLU A 414 3.05 -11.63 14.60
C GLU A 414 1.69 -11.16 14.12
N ARG A 415 0.78 -10.89 15.04
CA ARG A 415 -0.55 -10.52 14.57
C ARG A 415 -0.67 -9.09 14.04
N ARG A 416 0.15 -8.16 14.53
CA ARG A 416 0.15 -6.81 13.98
C ARG A 416 0.66 -6.77 12.55
N LEU A 417 1.75 -7.46 12.33
CA LEU A 417 2.35 -7.57 11.01
C LEU A 417 1.36 -8.13 10.01
N GLU A 418 0.73 -9.26 10.35
CA GLU A 418 -0.31 -9.85 9.53
C GLU A 418 -1.44 -8.86 9.29
N ASN A 419 -1.74 -8.05 10.29
CA ASN A 419 -2.81 -7.08 10.18
C ASN A 419 -2.44 -5.92 9.27
N LEU A 420 -1.17 -5.57 9.26
CA LEU A 420 -0.68 -4.56 8.35
C LEU A 420 -0.87 -5.04 6.92
N ASN A 421 -0.33 -6.23 6.66
CA ASN A 421 -0.57 -6.91 5.41
C ASN A 421 -2.04 -6.97 4.97
N LYS A 422 -2.96 -7.30 5.86
CA LYS A 422 -4.37 -7.26 5.47
C LYS A 422 -4.78 -5.84 5.09
N LYS A 423 -4.35 -4.86 5.88
CA LYS A 423 -4.76 -3.48 5.62
C LYS A 423 -4.33 -3.04 4.22
N MET A 424 -3.12 -3.43 3.83
CA MET A 424 -2.57 -3.15 2.50
C MET A 424 -3.36 -3.82 1.36
N GLU A 425 -3.58 -5.11 1.48
CA GLU A 425 -4.26 -5.91 0.47
C GLU A 425 -5.72 -5.47 0.29
N ASP A 426 -6.32 -5.01 1.37
CA ASP A 426 -7.67 -4.45 1.33
C ASP A 426 -7.65 -3.04 0.76
N GLY A 427 -6.61 -2.26 1.10
CA GLY A 427 -6.48 -0.92 0.55
C GLY A 427 -6.41 -0.96 -0.96
N PHE A 428 -5.52 -1.80 -1.47
CA PHE A 428 -5.39 -1.99 -2.91
C PHE A 428 -6.63 -2.63 -3.51
N LEU A 429 -7.26 -3.55 -2.79
CA LEU A 429 -8.50 -4.15 -3.28
C LEU A 429 -9.57 -3.06 -3.49
N ASP A 430 -9.60 -2.08 -2.61
CA ASP A 430 -10.56 -1.01 -2.75
C ASP A 430 -10.24 -0.03 -3.88
N VAL A 431 -8.96 0.37 -4.01
CA VAL A 431 -8.53 1.32 -5.05
C VAL A 431 -8.85 0.81 -6.47
N TRP A 432 -8.43 -0.42 -6.77
CA TRP A 432 -8.73 -1.06 -8.06
C TRP A 432 -10.22 -1.35 -8.28
N THR A 433 -10.95 -1.55 -7.20
CA THR A 433 -12.35 -1.87 -7.41
C THR A 433 -13.07 -0.59 -7.82
N TYR A 434 -12.92 0.42 -6.99
CA TYR A 434 -13.51 1.71 -7.27
C TYR A 434 -13.08 2.19 -8.65
N ASN A 435 -11.80 2.02 -8.97
CA ASN A 435 -11.31 2.44 -10.28
C ASN A 435 -11.89 1.62 -11.44
N ALA A 436 -11.98 0.32 -11.28
CA ALA A 436 -12.49 -0.52 -12.35
C ALA A 436 -13.97 -0.26 -12.57
N GLU A 437 -14.73 -0.04 -11.50
CA GLU A 437 -16.18 0.20 -11.67
C GLU A 437 -16.43 1.49 -12.43
N LEU A 438 -15.76 2.56 -12.03
CA LEU A 438 -15.98 3.87 -12.64
C LEU A 438 -15.42 4.00 -14.05
N LEU A 439 -14.26 3.40 -14.30
CA LEU A 439 -13.70 3.37 -15.66
C LEU A 439 -14.74 2.80 -16.60
N VAL A 440 -15.29 1.65 -16.22
CA VAL A 440 -16.29 0.98 -17.05
C VAL A 440 -17.53 1.87 -17.26
N LEU A 441 -18.12 2.36 -16.16
CA LEU A 441 -19.19 3.37 -16.28
C LEU A 441 -18.78 4.59 -17.14
N MET A 442 -17.66 5.23 -16.86
CA MET A 442 -17.28 6.41 -17.64
C MET A 442 -17.02 6.10 -19.12
N GLU A 443 -16.33 5.01 -19.40
CA GLU A 443 -16.04 4.68 -20.80
C GLU A 443 -17.25 4.15 -21.59
N ASN A 444 -18.22 3.54 -20.90
CA ASN A 444 -19.43 3.06 -21.57
C ASN A 444 -20.27 4.19 -22.13
N GLU A 445 -20.39 5.27 -21.38
CA GLU A 445 -21.17 6.37 -21.91
C GLU A 445 -20.41 7.09 -23.02
N ARG A 446 -19.07 7.17 -22.90
CA ARG A 446 -18.28 7.81 -23.94
C ARG A 446 -18.39 7.01 -25.21
N THR A 447 -18.51 5.68 -25.07
CA THR A 447 -18.60 4.81 -26.24
C THR A 447 -19.93 5.10 -26.95
N LEU A 448 -21.02 5.11 -26.17
CA LEU A 448 -22.37 5.22 -26.76
C LEU A 448 -22.48 6.60 -27.41
N ASP A 449 -21.95 7.60 -26.72
CA ASP A 449 -21.83 8.97 -27.27
C ASP A 449 -21.01 9.00 -28.55
N PHE A 450 -19.91 8.25 -28.56
CA PHE A 450 -19.08 8.10 -29.76
C PHE A 450 -19.88 7.56 -30.96
N HIS A 451 -20.68 6.50 -30.76
CA HIS A 451 -21.49 5.97 -31.87
C HIS A 451 -22.48 7.06 -32.28
N ASP A 452 -23.02 7.76 -31.29
CA ASP A 452 -23.98 8.81 -31.58
C ASP A 452 -23.35 9.87 -32.51
N SER A 453 -22.22 10.43 -32.09
CA SER A 453 -21.49 11.41 -32.90
C SER A 453 -21.20 10.91 -34.32
N ASN A 454 -20.86 9.63 -34.44
CA ASN A 454 -20.58 9.08 -35.76
C ASN A 454 -21.78 9.19 -36.70
N VAL A 455 -22.98 8.91 -36.19
CA VAL A 455 -24.16 8.96 -37.04
C VAL A 455 -24.56 10.40 -37.31
N LYS A 456 -24.59 11.23 -36.29
CA LYS A 456 -24.77 12.65 -36.53
C LYS A 456 -23.86 13.07 -37.69
N ASN A 457 -22.58 12.72 -37.59
CA ASN A 457 -21.60 13.14 -38.60
C ASN A 457 -21.79 12.51 -39.96
N LEU A 458 -22.26 11.26 -39.98
CA LEU A 458 -22.58 10.65 -41.26
C LEU A 458 -23.73 11.48 -41.81
N TYR A 459 -24.83 11.56 -41.06
CA TYR A 459 -25.95 12.41 -41.46
C TYR A 459 -25.54 13.83 -41.90
N ASP A 460 -24.81 14.55 -41.07
CA ASP A 460 -24.37 15.91 -41.49
C ASP A 460 -23.55 15.93 -42.77
N LYS A 461 -22.63 14.98 -42.92
CA LYS A 461 -21.85 14.82 -44.15
C LYS A 461 -22.72 14.72 -45.41
N VAL A 462 -23.80 13.93 -45.37
CA VAL A 462 -24.74 13.87 -46.49
C VAL A 462 -25.50 15.20 -46.69
N ARG A 463 -25.96 15.80 -45.59
CA ARG A 463 -26.73 17.05 -45.67
C ARG A 463 -25.96 18.16 -46.39
N MET A 464 -24.69 18.34 -46.03
CA MET A 464 -23.90 19.44 -46.59
C MET A 464 -23.60 19.30 -48.09
N GLN A 465 -23.85 18.12 -48.67
CA GLN A 465 -23.73 17.95 -50.12
C GLN A 465 -25.06 18.21 -50.79
N LEU A 466 -26.08 17.47 -50.41
CA LEU A 466 -27.35 17.57 -51.09
C LEU A 466 -27.88 19.02 -51.12
N ARG A 467 -27.61 19.79 -50.08
CA ARG A 467 -28.09 21.16 -49.97
C ARG A 467 -29.55 21.37 -50.32
N ASP A 468 -29.78 22.06 -51.44
CA ASP A 468 -31.12 22.43 -51.91
C ASP A 468 -31.86 21.30 -52.61
N ASN A 469 -31.12 20.40 -53.23
CA ASN A 469 -31.71 19.36 -54.07
C ASN A 469 -32.55 18.36 -53.31
N VAL A 470 -32.67 18.53 -52.01
CA VAL A 470 -33.43 17.57 -51.23
C VAL A 470 -34.26 18.23 -50.13
N LYS A 471 -35.39 17.61 -49.85
CA LYS A 471 -36.21 17.99 -48.72
C LYS A 471 -35.69 17.20 -47.54
N GLU A 472 -35.47 17.87 -46.42
CA GLU A 472 -35.00 17.21 -45.20
C GLU A 472 -36.19 16.78 -44.33
N LEU A 473 -36.61 15.53 -44.49
CA LEU A 473 -37.81 15.03 -43.81
C LEU A 473 -37.77 15.04 -42.27
N GLY A 474 -36.58 14.89 -41.69
CA GLY A 474 -36.42 14.97 -40.23
C GLY A 474 -36.33 13.67 -39.46
N ASN A 475 -36.51 12.56 -40.16
CA ASN A 475 -36.38 11.23 -39.60
C ASN A 475 -35.03 10.65 -39.97
N GLY A 476 -34.15 11.53 -40.42
CA GLY A 476 -32.87 11.12 -40.97
C GLY A 476 -32.88 10.90 -42.46
N CYS A 477 -34.00 11.21 -43.12
CA CYS A 477 -34.17 10.97 -44.55
C CYS A 477 -34.13 12.23 -45.42
N PHE A 478 -33.53 12.13 -46.60
CA PHE A 478 -33.55 13.23 -47.55
C PHE A 478 -34.36 12.87 -48.79
N GLU A 479 -35.45 13.59 -49.05
CA GLU A 479 -36.22 13.37 -50.27
C GLU A 479 -35.69 14.24 -51.40
N PHE A 480 -35.33 13.60 -52.50
CA PHE A 480 -34.73 14.30 -53.64
C PHE A 480 -35.75 15.08 -54.47
N TYR A 481 -35.41 16.32 -54.77
CA TYR A 481 -36.20 17.04 -55.75
C TYR A 481 -35.93 16.40 -57.10
N HIS A 482 -34.65 16.34 -57.50
CA HIS A 482 -34.30 15.68 -58.76
C HIS A 482 -34.41 14.16 -58.70
N LYS A 483 -34.13 13.49 -59.80
CA LYS A 483 -34.10 12.03 -59.81
C LYS A 483 -32.67 11.54 -59.62
N CYS A 484 -32.54 10.48 -58.82
CA CYS A 484 -31.22 10.04 -58.37
C CYS A 484 -31.09 8.53 -58.51
N ASP A 485 -30.57 8.06 -59.64
CA ASP A 485 -30.41 6.63 -59.83
C ASP A 485 -29.24 6.04 -59.05
N ASP A 486 -28.95 4.78 -59.31
CA ASP A 486 -27.88 4.06 -58.61
C ASP A 486 -26.56 4.81 -58.68
N GLU A 487 -26.25 5.32 -59.87
CA GLU A 487 -25.02 6.06 -60.08
C GLU A 487 -24.94 7.26 -59.15
N CYS A 488 -25.99 8.07 -59.11
CA CYS A 488 -26.00 9.24 -58.24
C CYS A 488 -26.15 8.88 -56.74
N MET A 489 -26.83 7.77 -56.42
CA MET A 489 -26.84 7.28 -55.04
C MET A 489 -25.41 7.09 -54.54
N ASN A 490 -24.62 6.37 -55.33
CA ASN A 490 -23.23 6.15 -54.97
C ASN A 490 -22.44 7.44 -54.81
N SER A 491 -22.73 8.42 -55.68
CA SER A 491 -22.08 9.72 -55.60
C SER A 491 -22.37 10.38 -54.27
N VAL A 492 -23.52 10.07 -53.68
CA VAL A 492 -23.84 10.58 -52.34
C VAL A 492 -23.10 9.79 -51.28
N LYS A 493 -23.21 8.47 -51.31
CA LYS A 493 -22.52 7.65 -50.32
C LYS A 493 -21.00 7.81 -50.44
N ASN A 494 -20.53 8.24 -51.62
CA ASN A 494 -19.10 8.38 -51.92
C ASN A 494 -18.42 9.62 -51.36
N GLY A 495 -19.11 10.75 -51.46
CA GLY A 495 -18.49 12.04 -51.23
C GLY A 495 -18.63 12.89 -52.49
N THR A 496 -18.77 12.23 -53.63
CA THR A 496 -18.93 12.88 -54.93
C THR A 496 -20.06 13.90 -55.01
N TYR A 497 -21.14 13.49 -55.67
CA TYR A 497 -22.34 14.32 -55.82
C TYR A 497 -22.14 15.80 -56.18
N ASP A 498 -22.97 16.31 -57.10
CA ASP A 498 -23.12 17.75 -57.32
C ASP A 498 -24.31 18.08 -58.19
N ASP B 16 -17.09 37.42 -53.01
CA ASP B 16 -16.27 37.45 -51.81
C ASP B 16 -16.65 36.29 -50.90
N GLN B 17 -15.68 35.75 -50.19
CA GLN B 17 -16.00 34.72 -49.22
C GLN B 17 -15.24 34.93 -47.92
N ILE B 18 -15.85 34.54 -46.81
CA ILE B 18 -15.12 34.43 -45.55
C ILE B 18 -15.06 32.94 -45.17
N CYS B 19 -13.93 32.52 -44.61
CA CYS B 19 -13.73 31.11 -44.27
C CYS B 19 -13.42 30.91 -42.79
N ILE B 20 -13.98 29.85 -42.21
CA ILE B 20 -13.64 29.46 -40.84
C ILE B 20 -12.62 28.33 -40.87
N GLY B 21 -11.58 28.43 -40.06
CA GLY B 21 -10.50 27.47 -40.11
C GLY B 21 -9.66 27.42 -38.84
N TYR B 22 -8.62 26.61 -38.84
CA TYR B 22 -7.89 26.38 -37.62
C TYR B 22 -6.41 26.17 -37.88
N HIS B 23 -5.63 26.37 -36.83
CA HIS B 23 -4.17 26.44 -36.90
C HIS B 23 -3.49 25.14 -37.33
N ALA B 24 -2.42 25.29 -38.09
CA ALA B 24 -1.53 24.20 -38.45
C ALA B 24 -0.08 24.71 -38.35
N ASN B 25 0.83 23.85 -37.94
CA ASN B 25 2.21 24.25 -37.80
C ASN B 25 3.14 23.12 -38.25
N ASN B 26 4.42 23.24 -37.93
CA ASN B 26 5.42 22.26 -38.39
C ASN B 26 5.68 21.21 -37.33
N SER B 27 4.93 21.29 -36.24
CA SER B 27 5.09 20.32 -35.17
C SER B 27 5.01 18.88 -35.69
N THR B 28 5.79 18.00 -35.09
CA THR B 28 5.77 16.60 -35.43
C THR B 28 5.48 15.77 -34.17
N GLU B 29 5.14 16.47 -33.09
CA GLU B 29 4.86 15.88 -31.80
C GLU B 29 3.62 14.97 -31.79
N LYS B 30 3.76 13.77 -31.23
CA LYS B 30 2.67 12.80 -31.23
C LYS B 30 2.09 12.45 -29.84
N VAL B 31 0.79 12.33 -29.74
CA VAL B 31 0.17 11.89 -28.50
C VAL B 31 -0.72 10.68 -28.75
N ASP B 32 -1.18 10.04 -27.69
CA ASP B 32 -2.10 8.95 -27.89
C ASP B 32 -3.38 9.32 -27.20
N THR B 33 -4.47 8.81 -27.74
CA THR B 33 -5.76 9.06 -27.14
C THR B 33 -6.41 7.71 -26.97
N ILE B 34 -7.44 7.65 -26.13
CA ILE B 34 -8.15 6.38 -25.90
C ILE B 34 -8.56 5.72 -27.22
N LEU B 35 -8.91 6.52 -28.23
CA LEU B 35 -9.37 5.99 -29.51
C LEU B 35 -8.31 5.84 -30.58
N GLU B 36 -7.30 6.70 -30.55
CA GLU B 36 -6.29 6.77 -31.61
C GLU B 36 -4.88 6.65 -31.08
N ARG B 37 -3.94 6.33 -31.97
CA ARG B 37 -2.53 6.40 -31.59
C ARG B 37 -1.66 7.19 -32.57
N ASN B 38 -0.60 7.79 -32.05
CA ASN B 38 0.34 8.57 -32.85
C ASN B 38 -0.33 9.74 -33.54
N VAL B 39 -1.10 10.52 -32.79
CA VAL B 39 -1.78 11.68 -33.35
C VAL B 39 -0.86 12.90 -33.28
N THR B 40 -0.62 13.51 -34.42
CA THR B 40 0.24 14.69 -34.49
C THR B 40 -0.51 15.94 -34.04
N VAL B 41 0.04 16.62 -33.04
CA VAL B 41 -0.60 17.83 -32.53
C VAL B 41 0.33 19.04 -32.68
N THR B 42 -0.26 20.22 -32.73
CA THR B 42 0.47 21.44 -32.94
C THR B 42 1.25 21.82 -31.71
N HIS B 43 0.79 21.34 -30.55
CA HIS B 43 1.41 21.63 -29.24
C HIS B 43 1.15 20.51 -28.23
N ALA B 44 2.13 20.26 -27.37
CA ALA B 44 2.10 19.17 -26.42
C ALA B 44 2.94 19.48 -25.19
N LYS B 45 2.50 19.00 -24.03
CA LYS B 45 3.21 19.19 -22.77
C LYS B 45 3.53 17.83 -22.15
N ASP B 46 4.80 17.59 -21.89
CA ASP B 46 5.22 16.35 -21.25
C ASP B 46 5.03 16.47 -19.73
N ILE B 47 4.39 15.48 -19.10
CA ILE B 47 4.26 15.49 -17.64
C ILE B 47 5.04 14.39 -16.92
N LEU B 48 5.95 13.75 -17.62
CA LEU B 48 6.81 12.76 -16.97
C LEU B 48 8.25 13.25 -16.95
N GLU B 49 8.79 13.46 -15.76
CA GLU B 49 10.18 13.90 -15.59
C GLU B 49 11.13 12.75 -15.81
N LYS B 50 12.16 12.95 -16.61
CA LYS B 50 13.10 11.86 -16.83
C LYS B 50 14.57 12.28 -16.76
N THR B 51 14.80 13.53 -16.42
CA THR B 51 16.14 14.10 -16.36
C THR B 51 16.58 14.40 -14.93
N HIS B 52 17.84 14.12 -14.66
CA HIS B 52 18.49 14.50 -13.41
C HIS B 52 19.76 15.26 -13.75
N ASN B 53 20.53 15.66 -12.73
CA ASN B 53 21.72 16.47 -12.97
C ASN B 53 23.03 15.73 -12.73
N GLY B 54 22.93 14.43 -12.47
CA GLY B 54 24.09 13.60 -12.19
C GLY B 54 24.72 13.79 -10.82
N LYS B 55 24.15 14.66 -9.98
CA LYS B 55 24.81 15.02 -8.73
C LYS B 55 24.12 14.53 -7.47
N LEU B 56 24.92 14.28 -6.44
CA LEU B 56 24.40 14.10 -5.10
C LEU B 56 24.47 15.45 -4.41
N CYS B 57 23.41 15.88 -3.78
CA CYS B 57 23.31 17.26 -3.32
C CYS B 57 22.89 17.41 -1.89
N LYS B 58 22.99 18.65 -1.40
CA LYS B 58 22.35 19.03 -0.15
C LYS B 58 20.85 18.90 -0.34
N LEU B 59 20.14 18.55 0.72
CA LEU B 59 18.72 18.23 0.59
C LEU B 59 17.94 19.21 1.45
N ASN B 60 17.38 20.24 0.81
CA ASN B 60 16.77 21.34 1.55
C ASN B 60 17.81 22.13 2.37
N GLY B 61 18.98 22.33 1.78
CA GLY B 61 20.04 23.12 2.38
C GLY B 61 20.99 22.41 3.33
N ILE B 62 20.77 21.11 3.51
CA ILE B 62 21.48 20.36 4.52
C ILE B 62 22.24 19.20 3.90
N PRO B 63 23.58 19.23 4.04
CA PRO B 63 24.38 18.18 3.41
C PRO B 63 23.98 16.82 3.98
N PRO B 64 24.29 15.74 3.25
CA PRO B 64 24.19 14.36 3.73
C PRO B 64 25.51 13.97 4.39
N LEU B 65 25.44 13.09 5.39
CA LEU B 65 26.62 12.47 5.96
C LEU B 65 27.29 11.59 4.89
N GLU B 66 28.57 11.83 4.61
CA GLU B 66 29.32 11.00 3.66
C GLU B 66 30.20 9.96 4.35
N LEU B 67 29.92 8.69 4.12
CA LEU B 67 30.56 7.67 4.94
C LEU B 67 31.80 7.05 4.30
N GLY B 68 31.97 7.29 3.01
CA GLY B 68 33.19 6.86 2.34
C GLY B 68 33.14 5.38 2.09
N ASP B 69 34.22 4.69 2.44
CA ASP B 69 34.22 3.24 2.40
C ASP B 69 33.81 2.67 3.76
N CYS B 70 33.23 3.51 4.59
CA CYS B 70 32.84 3.09 5.90
C CYS B 70 31.36 2.74 6.01
N SER B 71 31.04 1.81 6.90
CA SER B 71 29.65 1.55 7.24
C SER B 71 29.34 2.31 8.50
N ILE B 72 28.05 2.38 8.83
CA ILE B 72 27.65 3.08 10.04
C ILE B 72 28.26 2.43 11.28
N ALA B 73 28.26 1.10 11.31
CA ALA B 73 28.86 0.43 12.47
C ALA B 73 30.30 0.90 12.67
N GLY B 74 31.08 0.86 11.59
CA GLY B 74 32.50 1.18 11.66
C GLY B 74 32.75 2.62 12.04
N TRP B 75 31.89 3.50 11.54
CA TRP B 75 31.96 4.90 11.87
C TRP B 75 31.67 5.15 13.37
N LEU B 76 30.59 4.58 13.90
CA LEU B 76 30.28 4.75 15.34
C LEU B 76 31.26 4.08 16.28
N LEU B 77 31.75 2.91 15.90
CA LEU B 77 32.67 2.23 16.79
C LEU B 77 34.02 2.96 16.78
N GLY B 78 34.37 3.52 15.62
CA GLY B 78 35.65 4.14 15.48
C GLY B 78 36.62 3.16 14.86
N ASN B 79 36.18 2.47 13.82
CA ASN B 79 37.13 1.70 13.02
C ASN B 79 38.28 2.63 12.64
N PRO B 80 39.53 2.24 12.93
CA PRO B 80 40.64 3.18 12.68
C PRO B 80 40.62 3.60 11.23
N GLU B 81 40.19 2.69 10.38
CA GLU B 81 40.15 2.89 8.95
C GLU B 81 39.13 3.99 8.56
N CYS B 82 38.38 4.48 9.54
CA CYS B 82 37.39 5.54 9.31
C CYS B 82 37.82 6.85 9.93
N ASP B 83 39.03 6.87 10.47
CA ASP B 83 39.57 8.05 11.17
C ASP B 83 39.36 9.35 10.40
N ARG B 84 39.42 9.29 9.07
CA ARG B 84 39.45 10.50 8.25
C ARG B 84 38.08 11.04 7.83
N LEU B 85 37.01 10.51 8.41
CA LEU B 85 35.67 10.91 7.99
C LEU B 85 35.33 12.33 8.40
N LEU B 86 34.81 13.10 7.45
CA LEU B 86 34.45 14.50 7.66
C LEU B 86 33.57 14.71 8.89
N SER B 87 32.32 14.25 8.85
CA SER B 87 31.42 14.35 10.01
C SER B 87 30.90 15.76 10.29
N VAL B 88 29.58 15.92 10.17
CA VAL B 88 28.93 17.18 10.34
C VAL B 88 27.94 17.00 11.48
N PRO B 89 27.50 18.09 12.13
CA PRO B 89 26.64 17.92 13.30
C PRO B 89 25.15 17.85 12.92
N GLU B 90 24.87 17.87 11.62
CA GLU B 90 23.51 17.77 11.14
C GLU B 90 23.53 17.25 9.71
N TRP B 91 22.76 16.21 9.40
CA TRP B 91 22.72 15.78 8.00
C TRP B 91 21.27 15.49 7.70
N SER B 92 20.95 15.25 6.43
CA SER B 92 19.55 15.07 6.07
C SER B 92 19.27 13.67 5.46
N TYR B 93 20.36 12.92 5.29
CA TYR B 93 20.37 11.61 4.70
C TYR B 93 21.80 11.08 4.72
N ILE B 94 21.97 9.77 4.73
CA ILE B 94 23.33 9.22 4.72
C ILE B 94 23.70 8.57 3.38
N MET B 95 24.92 8.81 2.94
CA MET B 95 25.49 8.10 1.78
C MET B 95 26.39 6.95 2.22
N GLU B 96 26.05 5.74 1.77
CA GLU B 96 26.80 4.56 2.15
C GLU B 96 26.94 3.71 0.88
N LYS B 97 28.13 3.21 0.62
CA LYS B 97 28.32 2.33 -0.52
C LYS B 97 27.55 1.03 -0.31
N GLU B 98 27.21 0.37 -1.41
CA GLU B 98 26.66 -0.98 -1.32
C GLU B 98 27.81 -1.87 -0.90
N ASN B 99 27.71 -2.52 0.24
CA ASN B 99 28.85 -3.30 0.73
C ASN B 99 30.09 -2.45 0.92
N PRO B 100 30.16 -1.65 1.99
CA PRO B 100 31.38 -0.89 2.26
C PRO B 100 32.62 -1.77 2.31
N ARG B 101 33.41 -1.61 3.35
CA ARG B 101 34.70 -2.26 3.39
C ARG B 101 35.19 -2.18 4.81
N ASP B 102 35.02 -1.00 5.38
CA ASP B 102 35.50 -0.72 6.71
C ASP B 102 34.32 -0.68 7.68
N GLY B 103 33.96 -1.85 8.20
CA GLY B 103 32.88 -1.97 9.16
C GLY B 103 33.44 -2.50 10.45
N LEU B 104 32.99 -3.68 10.85
CA LEU B 104 33.53 -4.36 12.02
C LEU B 104 34.90 -4.96 11.74
N CYS B 105 35.96 -4.20 12.00
CA CYS B 105 37.29 -4.73 11.74
C CYS B 105 37.52 -6.04 12.54
N TYR B 106 37.11 -6.04 13.81
CA TYR B 106 37.14 -7.25 14.62
C TYR B 106 35.85 -8.03 14.40
N PRO B 107 35.93 -9.30 13.99
CA PRO B 107 34.72 -10.02 13.57
C PRO B 107 33.66 -10.08 14.67
N GLY B 108 32.40 -9.96 14.29
CA GLY B 108 31.34 -10.03 15.29
C GLY B 108 30.01 -9.62 14.75
N SER B 109 29.16 -9.03 15.57
CA SER B 109 27.87 -8.57 15.08
C SER B 109 27.39 -7.31 15.81
N PHE B 110 26.28 -6.75 15.32
CA PHE B 110 25.70 -5.55 15.89
C PHE B 110 24.18 -5.71 16.01
N ASN B 111 23.63 -5.78 17.23
CA ASN B 111 22.18 -6.08 17.36
C ASN B 111 21.29 -4.91 16.95
N ASP B 112 20.14 -5.18 16.36
CA ASP B 112 19.22 -4.11 15.95
C ASP B 112 19.95 -3.05 15.15
N TYR B 113 20.82 -3.52 14.27
CA TYR B 113 21.64 -2.66 13.45
C TYR B 113 20.75 -1.82 12.56
N GLU B 114 19.74 -2.47 11.99
CA GLU B 114 18.88 -1.81 11.03
C GLU B 114 18.11 -0.66 11.68
N GLU B 115 17.64 -0.87 12.90
CA GLU B 115 16.97 0.19 13.65
C GLU B 115 17.93 1.36 13.89
N LEU B 116 19.17 1.04 14.24
CA LEU B 116 20.16 2.08 14.46
C LEU B 116 20.32 2.96 13.20
N LYS B 117 20.41 2.33 12.05
CA LYS B 117 20.63 3.08 10.85
C LYS B 117 19.41 3.93 10.60
N HIS B 118 18.24 3.38 10.89
CA HIS B 118 17.06 4.16 10.62
C HIS B 118 17.03 5.46 11.41
N LEU B 119 17.37 5.36 12.69
CA LEU B 119 17.40 6.48 13.62
C LEU B 119 18.48 7.53 13.30
N LEU B 120 19.61 7.08 12.77
CA LEU B 120 20.74 7.94 12.46
C LEU B 120 20.57 8.62 11.11
N SER B 121 19.61 8.13 10.35
CA SER B 121 19.52 8.49 8.93
C SER B 121 19.45 10.03 8.67
N SER B 122 19.27 10.80 9.72
CA SER B 122 18.72 12.11 9.56
C SER B 122 18.74 12.70 10.96
N VAL B 123 19.51 13.75 11.13
CA VAL B 123 19.79 14.22 12.47
C VAL B 123 19.86 15.72 12.50
N LYS B 124 19.11 16.33 13.42
CA LYS B 124 19.16 17.78 13.55
C LYS B 124 20.42 18.18 14.28
N HIS B 125 20.84 17.38 15.25
CA HIS B 125 22.11 17.62 15.91
C HIS B 125 22.85 16.34 16.32
N PHE B 126 24.17 16.33 16.15
CA PHE B 126 24.93 15.13 16.46
C PHE B 126 26.29 15.47 16.99
N GLU B 127 26.56 15.03 18.21
CA GLU B 127 27.78 15.45 18.87
C GLU B 127 28.39 14.37 19.75
N LYS B 128 29.61 14.00 19.43
CA LYS B 128 30.30 12.98 20.20
C LYS B 128 30.81 13.59 21.48
N VAL B 129 30.56 12.92 22.61
CA VAL B 129 31.02 13.40 23.91
C VAL B 129 31.68 12.29 24.76
N LYS B 130 32.67 12.66 25.57
CA LYS B 130 33.41 11.66 26.34
C LYS B 130 32.69 11.32 27.65
N ILE B 131 32.19 10.08 27.77
CA ILE B 131 31.33 9.72 28.90
C ILE B 131 31.99 8.85 29.96
N LEU B 132 32.89 7.97 29.56
CA LEU B 132 33.68 7.23 30.53
C LEU B 132 35.14 7.22 30.10
N PRO B 133 35.91 8.20 30.59
CA PRO B 133 37.31 8.33 30.18
C PRO B 133 38.14 7.10 30.45
N LYS B 134 38.69 6.52 29.39
CA LYS B 134 39.57 5.36 29.42
C LYS B 134 40.54 5.33 30.61
N ASP B 135 41.10 6.49 30.94
CA ASP B 135 42.10 6.61 31.99
C ASP B 135 41.58 6.36 33.40
N ARG B 136 40.26 6.44 33.54
CA ARG B 136 39.63 6.23 34.84
C ARG B 136 39.52 4.75 35.18
N TRP B 137 39.69 3.88 34.18
CA TRP B 137 39.70 2.45 34.47
C TRP B 137 41.03 2.02 35.09
N THR B 138 41.41 2.62 36.20
CA THR B 138 42.51 2.06 36.98
C THR B 138 42.05 0.64 37.35
N GLN B 139 42.90 -0.17 37.97
CA GLN B 139 42.48 -1.54 38.34
C GLN B 139 42.19 -2.44 37.11
N HIS B 140 42.19 -1.86 35.92
CA HIS B 140 41.98 -2.64 34.71
C HIS B 140 42.98 -2.26 33.62
N THR B 141 43.26 -3.21 32.74
CA THR B 141 44.10 -2.89 31.61
C THR B 141 43.21 -2.45 30.46
N THR B 142 43.71 -1.50 29.70
CA THR B 142 42.88 -0.66 28.90
C THR B 142 43.45 -0.54 27.50
N THR B 143 44.68 -1.01 27.33
CA THR B 143 45.42 -0.84 26.08
C THR B 143 45.27 -1.95 25.05
N GLY B 144 44.45 -2.97 25.30
CA GLY B 144 44.38 -4.12 24.41
C GLY B 144 43.82 -3.85 23.03
N GLY B 145 44.41 -4.46 22.01
CA GLY B 145 43.92 -4.27 20.65
C GLY B 145 44.02 -5.53 19.81
N SER B 146 43.81 -5.39 18.52
CA SER B 146 44.02 -6.53 17.63
C SER B 146 44.69 -6.09 16.34
N ARG B 147 45.33 -7.02 15.64
CA ARG B 147 45.85 -6.70 14.32
C ARG B 147 44.74 -6.79 13.29
N ALA B 148 43.55 -7.21 13.73
CA ALA B 148 42.39 -7.13 12.86
C ALA B 148 41.95 -5.67 12.71
N CYS B 149 42.34 -4.83 13.67
CA CYS B 149 42.03 -3.41 13.63
C CYS B 149 43.33 -2.62 13.47
N ALA B 150 44.25 -3.18 12.71
CA ALA B 150 45.66 -2.75 12.71
C ALA B 150 45.99 -1.42 12.00
N VAL B 151 46.70 -0.56 12.71
CA VAL B 151 47.25 0.63 12.08
C VAL B 151 48.78 0.56 12.05
N SER B 152 49.33 0.49 10.84
CA SER B 152 50.78 0.43 10.68
C SER B 152 51.32 -0.87 11.28
N GLY B 153 50.68 -1.98 10.93
CA GLY B 153 51.09 -3.30 11.38
C GLY B 153 50.88 -3.59 12.85
N ASN B 154 50.53 -2.58 13.63
CA ASN B 154 50.40 -2.76 15.08
C ASN B 154 48.97 -3.00 15.51
N PRO B 155 48.77 -3.80 16.56
CA PRO B 155 47.43 -3.92 17.13
C PRO B 155 46.85 -2.53 17.38
N SER B 156 45.55 -2.41 17.16
CA SER B 156 44.83 -1.20 17.53
C SER B 156 43.38 -1.58 17.80
N PHE B 157 42.54 -0.60 18.07
CA PHE B 157 41.17 -0.92 18.40
C PHE B 157 40.20 0.16 17.93
N PHE B 158 38.93 -0.19 17.97
CA PHE B 158 37.87 0.78 17.77
C PHE B 158 38.13 2.03 18.60
N ARG B 159 38.36 3.14 17.93
CA ARG B 159 38.80 4.39 18.58
C ARG B 159 37.85 4.92 19.65
N ASN B 160 36.58 4.52 19.61
CA ASN B 160 35.58 5.01 20.57
C ASN B 160 35.30 4.06 21.73
N MET B 161 35.93 2.89 21.68
CA MET B 161 35.62 1.80 22.57
C MET B 161 36.83 1.44 23.40
N VAL B 162 36.60 0.85 24.57
CA VAL B 162 37.68 0.43 25.44
C VAL B 162 37.62 -1.09 25.66
N TRP B 163 38.68 -1.80 25.25
CA TRP B 163 38.85 -3.20 25.61
C TRP B 163 39.37 -3.35 27.03
N LEU B 164 38.51 -3.78 27.94
CA LEU B 164 38.94 -3.92 29.33
C LEU B 164 39.55 -5.31 29.50
N THR B 165 40.80 -5.40 29.98
CA THR B 165 41.39 -6.72 30.28
C THR B 165 42.02 -6.81 31.67
N GLU B 166 42.47 -8.00 32.09
CA GLU B 166 43.10 -8.18 33.41
C GLU B 166 44.31 -7.26 33.58
N LYS B 167 44.48 -6.77 34.80
CA LYS B 167 45.69 -6.04 35.18
C LYS B 167 46.31 -6.70 36.41
N GLY B 168 47.61 -6.98 36.35
CA GLY B 168 48.32 -7.64 37.45
C GLY B 168 48.18 -9.14 37.34
N SER B 169 46.94 -9.57 37.15
CA SER B 169 46.52 -10.97 37.02
C SER B 169 45.20 -10.96 37.75
N ASN B 170 44.56 -9.81 37.65
CA ASN B 170 43.40 -9.52 38.44
C ASN B 170 42.40 -8.70 37.64
N TYR B 171 41.13 -9.12 37.70
CA TYR B 171 40.04 -8.40 37.04
C TYR B 171 38.97 -8.11 38.07
N PRO B 172 39.16 -7.02 38.81
CA PRO B 172 38.14 -6.65 39.81
C PRO B 172 36.82 -6.38 39.08
N VAL B 173 35.68 -6.62 39.70
CA VAL B 173 34.40 -6.28 39.09
C VAL B 173 34.47 -4.87 38.55
N ALA B 174 34.14 -4.71 37.28
CA ALA B 174 34.17 -3.40 36.66
C ALA B 174 32.81 -2.70 36.72
N LYS B 175 32.75 -1.60 37.47
CA LYS B 175 31.55 -0.79 37.58
C LYS B 175 31.78 0.58 36.99
N GLY B 176 30.84 1.06 36.19
CA GLY B 176 30.94 2.39 35.65
C GLY B 176 29.57 2.88 35.26
N SER B 177 29.30 4.16 35.47
CA SER B 177 28.02 4.68 35.04
C SER B 177 28.11 6.09 34.48
N TYR B 178 26.99 6.54 33.92
CA TYR B 178 26.93 7.86 33.37
C TYR B 178 25.51 8.40 33.44
N ASN B 179 25.34 9.45 34.22
CA ASN B 179 24.10 10.21 34.27
C ASN B 179 24.06 11.17 33.07
N ASN B 180 22.99 11.12 32.29
CA ASN B 180 22.88 11.91 31.05
C ASN B 180 22.61 13.38 31.35
N THR B 181 23.63 14.13 31.75
CA THR B 181 23.46 15.55 31.99
C THR B 181 23.76 16.37 30.72
N SER B 182 23.79 15.71 29.56
CA SER B 182 24.24 16.33 28.32
C SER B 182 23.28 17.41 27.75
N GLY B 183 22.02 17.34 28.14
CA GLY B 183 21.02 18.20 27.55
C GLY B 183 20.27 17.56 26.40
N GLU B 184 20.76 16.41 25.96
CA GLU B 184 20.13 15.71 24.85
C GLU B 184 20.10 14.19 25.04
N GLN B 185 19.22 13.53 24.31
CA GLN B 185 19.24 12.08 24.27
C GLN B 185 20.62 11.65 23.82
N MET B 186 21.08 10.51 24.28
CA MET B 186 22.41 10.08 23.88
C MET B 186 22.45 8.63 23.45
N LEU B 187 22.89 8.39 22.23
CA LEU B 187 23.15 7.06 21.75
C LEU B 187 24.37 6.48 22.50
N ILE B 188 24.21 5.28 23.04
CA ILE B 188 25.34 4.60 23.66
C ILE B 188 25.45 3.13 23.21
N ILE B 189 26.68 2.69 23.00
CA ILE B 189 26.96 1.41 22.40
C ILE B 189 27.89 0.64 23.32
N TRP B 190 27.70 -0.66 23.49
CA TRP B 190 28.68 -1.44 24.23
C TRP B 190 28.86 -2.79 23.55
N GLY B 191 29.85 -3.56 24.01
CA GLY B 191 30.19 -4.82 23.36
C GLY B 191 30.44 -5.94 24.33
N VAL B 192 30.33 -7.15 23.83
CA VAL B 192 30.78 -8.29 24.61
C VAL B 192 31.75 -9.08 23.77
N HIS B 193 32.89 -9.42 24.35
CA HIS B 193 33.87 -10.21 23.64
C HIS B 193 33.61 -11.69 23.87
N HIS B 194 33.49 -12.46 22.78
CA HIS B 194 33.29 -13.92 22.88
C HIS B 194 34.57 -14.66 22.48
N PRO B 195 35.33 -15.13 23.46
CA PRO B 195 36.62 -15.82 23.24
C PRO B 195 36.51 -17.12 22.44
N ASN B 196 37.63 -17.57 21.88
CA ASN B 196 37.65 -18.83 21.12
C ASN B 196 37.78 -20.06 22.01
N ASP B 197 38.44 -19.90 23.14
CA ASP B 197 38.65 -21.01 24.05
C ASP B 197 38.93 -20.53 25.46
N GLU B 198 38.86 -21.47 26.39
CA GLU B 198 38.98 -21.18 27.80
C GLU B 198 40.33 -20.56 28.20
N THR B 199 41.36 -20.79 27.40
CA THR B 199 42.69 -20.34 27.79
C THR B 199 42.79 -18.85 27.46
N GLU B 200 42.20 -18.49 26.33
CA GLU B 200 42.06 -17.12 25.91
C GLU B 200 41.31 -16.33 27.00
N GLN B 201 40.20 -16.90 27.43
CA GLN B 201 39.37 -16.31 28.47
C GLN B 201 40.20 -16.02 29.72
N ARG B 202 41.03 -16.98 30.09
CA ARG B 202 41.78 -16.79 31.33
C ARG B 202 42.94 -15.80 31.14
N THR B 203 43.58 -15.81 29.97
CA THR B 203 44.69 -14.90 29.81
C THR B 203 44.20 -13.44 29.70
N LEU B 204 42.97 -13.26 29.22
CA LEU B 204 42.37 -11.91 29.11
C LEU B 204 41.74 -11.38 30.40
N TYR B 205 40.98 -12.22 31.11
CA TYR B 205 40.16 -11.73 32.21
C TYR B 205 40.31 -12.45 33.57
N GLN B 206 41.28 -13.38 33.68
CA GLN B 206 41.38 -14.25 34.86
C GLN B 206 40.12 -15.04 35.14
N ASN B 207 39.02 -14.31 35.30
CA ASN B 207 37.76 -14.86 35.77
C ASN B 207 37.10 -15.76 34.72
N VAL B 208 36.40 -16.79 35.16
CA VAL B 208 35.85 -17.71 34.19
C VAL B 208 34.34 -17.66 34.03
N GLY B 209 33.60 -17.35 35.08
CA GLY B 209 32.16 -17.35 34.87
C GLY B 209 31.63 -15.95 34.71
N THR B 210 31.95 -15.28 33.62
CA THR B 210 31.67 -13.86 33.64
C THR B 210 30.31 -13.47 33.07
N TYR B 211 29.89 -12.26 33.40
CA TYR B 211 28.69 -11.67 32.80
C TYR B 211 28.95 -10.20 32.44
N VAL B 212 28.25 -9.69 31.44
CA VAL B 212 28.17 -8.25 31.21
C VAL B 212 26.75 -7.78 31.48
N SER B 213 26.65 -6.81 32.37
CA SER B 213 25.38 -6.28 32.83
C SER B 213 25.22 -4.81 32.45
N VAL B 214 24.10 -4.47 31.81
CA VAL B 214 23.86 -3.09 31.41
C VAL B 214 22.43 -2.71 31.70
N GLY B 215 22.23 -1.59 32.41
CA GLY B 215 20.88 -1.18 32.78
C GLY B 215 20.60 0.31 32.78
N THR B 216 19.38 0.67 32.41
CA THR B 216 18.90 2.04 32.62
C THR B 216 17.52 2.04 33.26
N SER B 217 16.79 3.15 33.13
CA SER B 217 15.42 3.20 33.60
C SER B 217 14.52 2.24 32.85
N THR B 218 14.98 1.89 31.65
CA THR B 218 14.19 1.26 30.63
C THR B 218 14.80 -0.07 30.19
N LEU B 219 16.14 -0.08 30.13
CA LEU B 219 16.89 -1.24 29.66
C LEU B 219 17.45 -2.08 30.78
N ASN B 220 17.13 -3.36 30.77
CA ASN B 220 17.77 -4.32 31.67
C ASN B 220 18.38 -5.49 30.89
N LYS B 221 19.71 -5.53 30.73
CA LYS B 221 20.30 -6.61 29.94
C LYS B 221 21.52 -7.29 30.55
N ARG B 222 21.52 -8.61 30.55
CA ARG B 222 22.66 -9.38 31.07
C ARG B 222 23.11 -10.43 30.06
N SER B 223 24.38 -10.41 29.73
CA SER B 223 24.91 -11.31 28.72
C SER B 223 25.99 -12.17 29.37
N THR B 224 26.26 -13.32 28.79
CA THR B 224 27.42 -14.10 29.19
C THR B 224 28.19 -14.38 27.92
N PRO B 225 29.52 -14.23 27.97
CA PRO B 225 30.35 -14.55 26.80
C PRO B 225 30.15 -16.01 26.38
N ASP B 226 30.12 -16.31 25.10
CA ASP B 226 29.99 -17.68 24.63
C ASP B 226 31.34 -18.17 24.17
N ILE B 227 31.92 -19.10 24.90
CA ILE B 227 33.24 -19.60 24.58
C ILE B 227 33.16 -20.83 23.67
N ALA B 228 33.73 -20.73 22.48
CA ALA B 228 33.60 -21.81 21.50
C ALA B 228 34.51 -21.61 20.30
N THR B 229 34.97 -22.71 19.72
CA THR B 229 35.77 -22.70 18.49
C THR B 229 34.89 -22.37 17.29
N ARG B 230 35.28 -21.36 16.52
CA ARG B 230 34.53 -20.97 15.31
C ARG B 230 35.48 -20.83 14.13
N PRO B 231 34.95 -20.87 12.91
CA PRO B 231 35.88 -20.59 11.82
C PRO B 231 36.54 -19.22 12.03
N LYS B 232 37.80 -19.12 11.64
CA LYS B 232 38.52 -17.87 11.80
C LYS B 232 38.12 -16.87 10.75
N VAL B 233 38.00 -15.62 11.18
CA VAL B 233 37.74 -14.51 10.30
C VAL B 233 38.80 -13.46 10.62
N ASN B 234 39.48 -12.94 9.60
CA ASN B 234 40.65 -12.12 9.84
C ASN B 234 41.52 -12.86 10.86
N GLY B 235 41.47 -14.19 10.77
CA GLY B 235 42.30 -15.05 11.60
C GLY B 235 41.83 -15.25 13.03
N LEU B 236 40.61 -14.80 13.33
CA LEU B 236 40.09 -14.92 14.70
C LEU B 236 38.89 -15.87 14.86
N GLY B 237 38.91 -16.70 15.90
CA GLY B 237 37.76 -17.53 16.23
C GLY B 237 36.80 -16.80 17.16
N SER B 238 37.35 -15.81 17.85
CA SER B 238 36.58 -14.89 18.68
C SER B 238 35.71 -13.92 17.86
N ARG B 239 34.79 -13.28 18.57
CA ARG B 239 33.81 -12.35 17.99
C ARG B 239 33.57 -11.28 19.03
N MET B 240 33.27 -10.07 18.58
CA MET B 240 32.71 -9.04 19.46
C MET B 240 31.28 -8.72 19.05
N GLU B 241 30.36 -8.80 19.99
CA GLU B 241 28.94 -8.53 19.74
C GLU B 241 28.52 -7.17 20.33
N PHE B 242 28.06 -6.28 19.48
CA PHE B 242 27.65 -4.98 19.98
C PHE B 242 26.15 -4.74 20.15
N SER B 243 25.82 -3.91 21.13
CA SER B 243 24.44 -3.51 21.37
C SER B 243 24.38 -2.02 21.65
N TRP B 244 23.17 -1.47 21.56
CA TRP B 244 23.05 -0.03 21.72
C TRP B 244 21.77 0.38 22.43
N THR B 245 21.75 1.61 22.94
CA THR B 245 20.55 2.13 23.55
C THR B 245 20.55 3.63 23.40
N LEU B 246 19.37 4.23 23.44
CA LEU B 246 19.24 5.67 23.52
C LEU B 246 19.02 6.04 24.96
N LEU B 247 20.00 6.69 25.59
CA LEU B 247 19.80 7.12 26.98
C LEU B 247 19.07 8.48 27.06
N ASP B 248 17.89 8.49 27.66
CA ASP B 248 17.11 9.72 27.85
C ASP B 248 17.85 10.74 28.70
N MET B 249 17.43 11.99 28.59
CA MET B 249 17.97 13.09 29.38
C MET B 249 17.76 12.85 30.86
N TRP B 250 18.82 13.01 31.65
CA TRP B 250 18.72 12.80 33.09
C TRP B 250 18.61 11.32 33.51
N ASP B 251 18.59 10.40 32.55
CA ASP B 251 18.67 8.99 32.94
C ASP B 251 20.13 8.61 33.10
N THR B 252 20.37 7.45 33.69
CA THR B 252 21.71 6.96 33.92
C THR B 252 21.84 5.57 33.30
N ILE B 253 23.03 5.28 32.78
CA ILE B 253 23.35 3.93 32.33
C ILE B 253 24.37 3.32 33.28
N ASN B 254 24.12 2.08 33.69
CA ASN B 254 25.00 1.35 34.59
C ASN B 254 25.64 0.18 33.88
N PHE B 255 26.96 0.09 33.92
CA PHE B 255 27.68 -1.06 33.38
C PHE B 255 28.29 -1.82 34.54
N GLU B 256 28.09 -3.13 34.60
CA GLU B 256 28.84 -3.93 35.57
C GLU B 256 29.30 -5.21 34.91
N SER B 257 30.55 -5.59 35.13
CA SER B 257 31.06 -6.81 34.53
C SER B 257 32.26 -7.40 35.23
N THR B 258 32.43 -8.70 35.09
CA THR B 258 33.53 -9.43 35.72
C THR B 258 34.43 -9.93 34.62
N GLY B 259 34.11 -9.54 33.40
CA GLY B 259 34.93 -9.86 32.24
C GLY B 259 34.20 -9.66 30.92
N ASN B 260 34.97 -9.52 29.84
CA ASN B 260 34.39 -9.59 28.49
C ASN B 260 33.64 -8.35 28.04
N LEU B 261 33.46 -7.37 28.91
CA LEU B 261 32.80 -6.12 28.52
C LEU B 261 33.67 -5.25 27.59
N ILE B 262 33.13 -4.86 26.44
CA ILE B 262 33.77 -3.83 25.63
C ILE B 262 32.98 -2.54 25.86
N ALA B 263 33.60 -1.63 26.62
CA ALA B 263 32.91 -0.45 27.14
C ALA B 263 33.07 0.80 26.26
N PRO B 264 32.02 1.64 26.21
CA PRO B 264 32.11 2.83 25.36
C PRO B 264 33.02 3.82 26.02
N GLU B 265 33.88 4.53 25.29
CA GLU B 265 34.49 5.71 25.90
C GLU B 265 33.60 6.92 25.65
N TYR B 266 32.93 6.90 24.50
CA TYR B 266 32.13 8.03 24.03
C TYR B 266 30.66 7.71 23.95
N GLY B 267 29.87 8.77 23.92
CA GLY B 267 28.47 8.67 23.58
C GLY B 267 28.16 9.75 22.56
N PHE B 268 27.02 9.62 21.88
CA PHE B 268 26.63 10.58 20.87
C PHE B 268 25.31 11.24 21.23
N LYS B 269 25.38 12.51 21.59
CA LYS B 269 24.17 13.31 21.80
C LYS B 269 23.43 13.39 20.49
N ILE B 270 22.14 13.17 20.53
CA ILE B 270 21.43 13.12 19.27
C ILE B 270 20.10 13.81 19.38
N SER B 271 19.87 14.73 18.46
CA SER B 271 18.59 15.38 18.41
C SER B 271 17.98 15.26 17.03
N LYS B 272 16.72 14.87 16.99
CA LYS B 272 16.04 14.64 15.74
C LYS B 272 14.55 14.78 15.98
N ARG B 273 13.74 15.10 14.97
CA ARG B 273 14.08 15.56 13.61
C ARG B 273 12.90 15.20 12.72
N GLY B 274 12.99 14.04 12.07
CA GLY B 274 11.91 13.61 11.20
C GLY B 274 12.18 12.34 10.41
N SER B 275 13.41 11.85 10.48
CA SER B 275 13.72 10.55 9.89
C SER B 275 13.74 10.55 8.35
N SER B 276 14.80 9.99 7.78
CA SER B 276 15.09 10.03 6.35
C SER B 276 15.53 8.61 5.96
N GLY B 277 16.55 8.49 5.12
CA GLY B 277 17.15 7.21 4.82
C GLY B 277 18.60 7.19 4.37
N ILE B 278 19.07 6.00 4.02
CA ILE B 278 20.41 5.77 3.56
C ILE B 278 20.39 5.65 2.06
N MET B 279 21.35 6.27 1.39
CA MET B 279 21.38 6.14 -0.05
C MET B 279 22.61 5.35 -0.47
N LYS B 280 22.37 4.22 -1.12
CA LYS B 280 23.45 3.37 -1.61
C LYS B 280 24.01 3.93 -2.90
N THR B 281 25.24 4.40 -2.84
CA THR B 281 25.82 5.13 -3.95
C THR B 281 27.34 5.08 -3.90
N GLU B 282 28.01 5.21 -5.06
CA GLU B 282 29.47 5.33 -5.09
C GLU B 282 29.90 6.79 -5.19
N GLY B 283 28.93 7.66 -5.44
CA GLY B 283 29.19 9.07 -5.69
C GLY B 283 29.68 9.81 -4.46
N THR B 284 29.90 11.11 -4.64
CA THR B 284 30.36 11.97 -3.56
C THR B 284 29.56 13.26 -3.63
N LEU B 285 29.30 13.87 -2.48
CA LEU B 285 28.55 15.11 -2.39
C LEU B 285 29.23 16.21 -3.21
N GLU B 286 28.45 17.07 -3.86
CA GLU B 286 29.00 17.99 -4.87
C GLU B 286 28.64 19.47 -4.77
N ASN B 287 27.92 19.87 -3.72
CA ASN B 287 27.53 21.28 -3.56
C ASN B 287 26.58 21.82 -4.62
N CYS B 288 25.43 21.17 -4.76
CA CYS B 288 24.32 21.71 -5.53
C CYS B 288 23.13 21.66 -4.59
N GLU B 289 21.94 21.82 -5.14
CA GLU B 289 20.75 21.81 -4.32
C GLU B 289 19.69 20.90 -4.92
N THR B 290 18.72 20.49 -4.10
CA THR B 290 17.59 19.70 -4.55
C THR B 290 16.62 19.50 -3.41
N LYS B 291 15.38 19.13 -3.76
CA LYS B 291 14.40 18.74 -2.79
C LYS B 291 14.12 17.27 -3.03
N CYS B 292 14.79 16.73 -4.04
CA CYS B 292 14.60 15.35 -4.46
C CYS B 292 15.90 14.78 -4.99
N GLN B 293 16.47 13.86 -4.23
CA GLN B 293 17.74 13.27 -4.59
C GLN B 293 17.48 11.83 -4.99
N THR B 294 18.18 11.37 -6.02
CA THR B 294 18.13 9.98 -6.47
C THR B 294 19.57 9.52 -6.63
N PRO B 295 19.78 8.19 -6.69
CA PRO B 295 21.13 7.62 -6.78
C PRO B 295 21.86 7.93 -8.09
N LEU B 296 21.15 8.42 -9.09
CA LEU B 296 21.77 8.81 -10.35
C LEU B 296 21.99 10.31 -10.38
N GLY B 297 21.08 11.07 -9.76
CA GLY B 297 21.18 12.52 -9.76
C GLY B 297 20.05 13.21 -9.02
N ALA B 298 20.16 14.54 -8.88
CA ALA B 298 19.07 15.28 -8.29
C ALA B 298 18.01 15.65 -9.34
N ILE B 299 16.75 15.68 -8.91
CA ILE B 299 15.62 15.99 -9.77
C ILE B 299 15.07 17.34 -9.34
N ASN B 300 14.96 18.25 -10.30
CA ASN B 300 14.39 19.57 -10.01
C ASN B 300 13.18 19.78 -10.91
N THR B 301 11.98 19.50 -10.39
CA THR B 301 10.83 19.46 -11.27
C THR B 301 9.50 19.79 -10.60
N THR B 302 8.56 20.25 -11.41
CA THR B 302 7.21 20.52 -10.94
C THR B 302 6.25 19.42 -11.38
N LEU B 303 6.77 18.49 -12.17
CA LEU B 303 5.96 17.49 -12.87
C LEU B 303 5.36 16.37 -11.98
N PRO B 304 4.12 16.00 -12.26
CA PRO B 304 3.47 15.01 -11.39
C PRO B 304 4.23 13.69 -11.32
N PHE B 305 4.77 13.18 -12.41
CA PHE B 305 5.41 11.86 -12.40
C PHE B 305 6.85 11.85 -12.91
N HIS B 306 7.67 10.94 -12.36
CA HIS B 306 9.02 10.69 -12.90
C HIS B 306 9.27 9.21 -13.18
N ASN B 307 10.32 8.92 -13.95
CA ASN B 307 10.71 7.52 -14.17
C ASN B 307 12.19 7.28 -13.93
N VAL B 308 12.82 8.22 -13.24
CA VAL B 308 14.28 8.24 -13.06
C VAL B 308 14.85 7.08 -12.23
N HIS B 309 14.37 6.92 -11.01
CA HIS B 309 14.85 5.84 -10.17
C HIS B 309 13.92 5.65 -8.98
N PRO B 310 13.57 4.41 -8.67
CA PRO B 310 12.59 4.11 -7.62
C PRO B 310 13.04 4.55 -6.24
N LEU B 311 14.34 4.64 -6.01
CA LEU B 311 14.86 4.81 -4.66
C LEU B 311 15.25 6.26 -4.41
N THR B 312 14.29 7.11 -4.07
CA THR B 312 14.56 8.53 -3.98
C THR B 312 14.46 9.00 -2.55
N ILE B 313 14.99 10.20 -2.29
CA ILE B 313 14.84 10.79 -0.98
C ILE B 313 14.50 12.24 -1.10
N GLY B 314 13.39 12.61 -0.46
CA GLY B 314 12.89 13.98 -0.54
C GLY B 314 11.43 14.05 -0.93
N GLU B 315 11.05 15.13 -1.60
CA GLU B 315 9.69 15.30 -2.09
C GLU B 315 9.73 15.09 -3.59
N CYS B 316 9.20 13.97 -4.04
CA CYS B 316 9.46 13.56 -5.40
C CYS B 316 8.21 13.49 -6.23
N PRO B 317 8.32 13.74 -7.53
CA PRO B 317 7.11 13.40 -8.25
C PRO B 317 6.82 11.90 -7.99
N LYS B 318 5.68 11.36 -8.43
CA LYS B 318 5.38 9.93 -8.29
C LYS B 318 6.17 9.11 -9.29
N TYR B 319 6.97 8.17 -8.81
CA TYR B 319 7.72 7.30 -9.72
C TYR B 319 6.77 6.35 -10.43
N VAL B 320 7.06 6.05 -11.69
CA VAL B 320 6.09 5.45 -12.57
C VAL B 320 6.83 4.66 -13.66
N LYS B 321 6.22 3.60 -14.19
CA LYS B 321 6.93 2.70 -15.11
C LYS B 321 6.81 3.09 -16.59
N SER B 322 6.49 4.34 -16.87
CA SER B 322 6.26 4.75 -18.26
C SER B 322 7.51 5.35 -18.92
N GLU B 323 7.48 5.47 -20.24
CA GLU B 323 8.58 6.03 -21.00
C GLU B 323 8.22 7.43 -21.49
N LYS B 324 6.92 7.65 -21.66
CA LYS B 324 6.46 9.01 -21.95
C LYS B 324 5.02 9.19 -21.50
N LEU B 325 4.73 10.36 -20.96
CA LEU B 325 3.37 10.76 -20.68
C LEU B 325 3.16 12.14 -21.30
N VAL B 326 2.82 12.19 -22.57
CA VAL B 326 2.60 13.49 -23.21
C VAL B 326 1.12 13.89 -23.30
N LEU B 327 0.86 15.14 -23.01
CA LEU B 327 -0.50 15.66 -22.97
C LEU B 327 -0.68 16.57 -24.17
N ALA B 328 -1.68 16.27 -25.00
CA ALA B 328 -2.04 17.23 -26.04
C ALA B 328 -2.42 18.59 -25.42
N THR B 329 -1.89 19.67 -25.97
CA THR B 329 -2.34 21.00 -25.56
C THR B 329 -2.92 21.74 -26.74
N GLY B 330 -2.19 21.77 -27.85
CA GLY B 330 -2.73 22.27 -29.11
C GLY B 330 -3.75 21.31 -29.74
N LEU B 331 -3.93 21.40 -31.05
CA LEU B 331 -4.92 20.55 -31.68
C LEU B 331 -4.29 19.60 -32.69
N ARG B 332 -5.14 18.78 -33.30
CA ARG B 332 -4.67 17.86 -34.31
C ARG B 332 -4.01 18.68 -35.43
N ASN B 333 -2.76 18.36 -35.75
CA ASN B 333 -2.00 19.10 -36.76
C ASN B 333 -2.14 18.47 -38.13
N VAL B 334 -2.96 19.11 -38.96
CA VAL B 334 -3.38 18.55 -40.24
C VAL B 334 -3.03 19.54 -41.34
N PRO B 335 -1.80 19.48 -41.87
CA PRO B 335 -1.51 20.51 -42.87
C PRO B 335 -1.90 20.09 -44.29
N GLY B 341 -13.48 13.21 -35.47
CA GLY B 341 -13.66 14.08 -34.31
C GLY B 341 -15.11 14.22 -33.90
N LEU B 342 -15.35 14.23 -32.58
CA LEU B 342 -16.69 14.28 -32.06
C LEU B 342 -17.59 15.32 -32.70
N PHE B 343 -17.03 16.45 -33.14
CA PHE B 343 -17.94 17.46 -33.62
C PHE B 343 -17.92 17.63 -35.11
N GLY B 344 -17.16 16.76 -35.77
CA GLY B 344 -17.12 16.77 -37.21
C GLY B 344 -16.47 17.98 -37.88
N ALA B 345 -15.98 18.96 -37.13
CA ALA B 345 -15.29 20.10 -37.77
C ALA B 345 -13.84 19.82 -38.22
N ILE B 346 -12.92 19.70 -37.26
CA ILE B 346 -11.49 19.50 -37.51
C ILE B 346 -11.18 18.17 -38.19
N ALA B 347 -10.37 18.21 -39.25
CA ALA B 347 -10.18 17.06 -40.16
C ALA B 347 -11.54 16.45 -40.48
N GLY B 348 -12.57 17.29 -40.45
CA GLY B 348 -13.93 16.91 -40.77
C GLY B 348 -14.36 17.69 -42.00
N PHE B 349 -15.41 18.48 -41.88
CA PHE B 349 -15.87 19.18 -43.07
C PHE B 349 -14.93 20.33 -43.38
N ILE B 350 -14.18 20.74 -42.37
CA ILE B 350 -13.04 21.60 -42.65
C ILE B 350 -11.79 20.70 -42.74
N GLU B 351 -11.47 20.28 -43.97
CA GLU B 351 -10.42 19.28 -44.25
C GLU B 351 -9.06 19.45 -43.60
N GLY B 352 -8.55 20.67 -43.55
CA GLY B 352 -7.20 20.87 -43.06
C GLY B 352 -6.95 22.13 -42.23
N GLY B 353 -5.78 22.19 -41.62
CA GLY B 353 -5.36 23.37 -40.89
C GLY B 353 -4.75 24.41 -41.81
N TRP B 354 -4.42 25.55 -41.23
CA TRP B 354 -3.84 26.65 -41.98
C TRP B 354 -2.51 27.01 -41.40
N GLN B 355 -1.44 26.64 -42.11
CA GLN B 355 -0.12 27.07 -41.71
C GLN B 355 -0.06 28.59 -41.73
N GLY B 356 -0.84 29.17 -42.63
CA GLY B 356 -0.88 30.60 -42.81
C GLY B 356 -1.44 31.37 -41.62
N MET B 357 -2.16 30.70 -40.74
CA MET B 357 -2.73 31.39 -39.58
C MET B 357 -1.87 31.26 -38.35
N ILE B 358 -1.12 32.30 -38.06
CA ILE B 358 -0.09 32.25 -37.03
C ILE B 358 -0.57 32.86 -35.73
N ASP B 359 -1.65 33.62 -35.78
CA ASP B 359 -2.01 34.48 -34.66
C ASP B 359 -2.67 33.71 -33.54
N GLY B 360 -3.31 32.58 -33.87
CA GLY B 360 -4.10 31.87 -32.89
C GLY B 360 -4.47 30.46 -33.30
N TRP B 361 -5.39 29.85 -32.57
CA TRP B 361 -5.78 28.47 -32.85
C TRP B 361 -6.94 28.37 -33.83
N TYR B 362 -7.88 29.30 -33.75
CA TYR B 362 -9.01 29.33 -34.64
C TYR B 362 -9.25 30.74 -35.14
N GLY B 363 -9.70 30.84 -36.39
CA GLY B 363 -9.99 32.15 -36.94
C GLY B 363 -10.50 32.07 -38.36
N TYR B 364 -10.23 33.12 -39.12
CA TYR B 364 -10.88 33.35 -40.40
C TYR B 364 -9.92 33.50 -41.55
N HIS B 365 -10.33 33.06 -42.74
CA HIS B 365 -9.59 33.49 -43.90
C HIS B 365 -10.11 34.83 -44.45
N HIS B 366 -11.19 34.80 -45.22
CA HIS B 366 -11.71 36.00 -45.91
C HIS B 366 -10.90 36.44 -47.15
N SER B 367 -11.63 36.59 -48.26
CA SER B 367 -11.05 36.98 -49.54
C SER B 367 -11.90 38.06 -50.22
N ASN B 368 -11.31 39.24 -50.34
CA ASN B 368 -12.04 40.43 -50.72
C ASN B 368 -11.59 40.97 -52.07
N ASP B 369 -12.30 41.99 -52.53
CA ASP B 369 -11.77 42.80 -53.62
C ASP B 369 -10.95 43.94 -53.00
N GLN B 370 -10.63 43.78 -51.71
CA GLN B 370 -9.65 44.63 -51.03
C GLN B 370 -8.51 43.78 -50.50
N GLY B 371 -8.39 42.55 -50.98
CA GLY B 371 -7.28 41.67 -50.60
C GLY B 371 -7.67 40.44 -49.80
N SER B 372 -6.73 39.50 -49.68
CA SER B 372 -6.92 38.28 -48.91
C SER B 372 -6.28 38.40 -47.52
N GLY B 373 -6.61 37.48 -46.62
CA GLY B 373 -6.01 37.48 -45.30
C GLY B 373 -6.40 36.34 -44.36
N TYR B 374 -5.56 36.09 -43.36
CA TYR B 374 -5.90 35.19 -42.27
C TYR B 374 -6.04 36.05 -41.04
N ALA B 375 -6.88 35.64 -40.10
CA ALA B 375 -6.91 36.31 -38.81
C ALA B 375 -7.49 35.39 -37.74
N ALA B 376 -6.77 35.26 -36.64
CA ALA B 376 -7.29 34.47 -35.54
C ALA B 376 -8.46 35.19 -34.91
N ASP B 377 -9.42 34.41 -34.43
CA ASP B 377 -10.48 34.89 -33.56
C ASP B 377 -9.87 34.92 -32.17
N LYS B 378 -9.48 36.10 -31.70
CA LYS B 378 -8.74 36.23 -30.44
C LYS B 378 -9.54 35.76 -29.24
N GLU B 379 -10.82 36.11 -29.19
CA GLU B 379 -11.64 35.78 -28.04
C GLU B 379 -11.75 34.26 -27.85
N SER B 380 -12.05 33.55 -28.93
CA SER B 380 -12.17 32.10 -28.84
C SER B 380 -10.81 31.42 -28.70
N THR B 381 -9.74 32.03 -29.18
CA THR B 381 -8.43 31.44 -29.00
C THR B 381 -7.97 31.55 -27.55
N GLN B 382 -8.34 32.66 -26.91
CA GLN B 382 -7.91 32.97 -25.56
C GLN B 382 -8.65 32.12 -24.53
N LYS B 383 -9.93 31.89 -24.79
CA LYS B 383 -10.77 31.04 -23.97
C LYS B 383 -10.20 29.62 -23.98
N ALA B 384 -9.99 29.08 -25.17
CA ALA B 384 -9.39 27.77 -25.33
C ALA B 384 -8.09 27.69 -24.54
N PHE B 385 -7.19 28.65 -24.83
CA PHE B 385 -5.92 28.73 -24.14
C PHE B 385 -6.06 28.71 -22.61
N ASP B 386 -7.01 29.48 -22.09
CA ASP B 386 -7.27 29.47 -20.66
C ASP B 386 -7.76 28.11 -20.22
N GLY B 387 -8.63 27.50 -21.04
CA GLY B 387 -9.15 26.17 -20.78
C GLY B 387 -8.05 25.13 -20.68
N ILE B 388 -7.13 25.10 -21.65
CA ILE B 388 -6.11 24.06 -21.69
C ILE B 388 -5.09 24.26 -20.57
N THR B 389 -4.76 25.51 -20.30
CA THR B 389 -3.86 25.85 -19.19
C THR B 389 -4.48 25.37 -17.89
N ASN B 390 -5.74 25.69 -17.68
CA ASN B 390 -6.41 25.12 -16.51
C ASN B 390 -6.34 23.58 -16.44
N LYS B 391 -6.39 22.91 -17.58
CA LYS B 391 -6.35 21.45 -17.54
C LYS B 391 -4.99 20.91 -17.15
N VAL B 392 -3.94 21.47 -17.73
CA VAL B 392 -2.60 21.03 -17.40
C VAL B 392 -2.32 21.26 -15.93
N ASN B 393 -2.50 22.50 -15.49
CA ASN B 393 -2.37 22.86 -14.08
C ASN B 393 -3.12 21.92 -13.14
N SER B 394 -4.31 21.48 -13.55
CA SER B 394 -5.08 20.60 -12.70
C SER B 394 -4.36 19.29 -12.48
N VAL B 395 -4.04 18.65 -13.60
CA VAL B 395 -3.28 17.42 -13.61
C VAL B 395 -2.00 17.58 -12.79
N ILE B 396 -1.35 18.74 -12.92
CA ILE B 396 -0.08 18.95 -12.28
C ILE B 396 -0.18 19.35 -10.81
N GLU B 397 -1.03 20.31 -10.48
CA GLU B 397 -1.00 20.88 -9.14
C GLU B 397 -1.86 20.16 -8.08
N LYS B 398 -2.73 19.24 -8.50
CA LYS B 398 -3.51 18.42 -7.56
C LYS B 398 -2.67 17.26 -6.98
N MET B 399 -1.49 17.06 -7.54
CA MET B 399 -0.62 16.01 -7.06
C MET B 399 -0.06 16.44 -5.72
N ASN B 400 -0.35 15.63 -4.70
CA ASN B 400 0.17 15.90 -3.37
C ASN B 400 1.50 15.21 -3.17
N THR B 401 2.51 16.01 -2.84
CA THR B 401 3.85 15.50 -2.63
C THR B 401 4.33 15.76 -1.21
N GLN B 402 4.59 14.71 -0.46
CA GLN B 402 5.24 14.83 0.84
C GLN B 402 6.62 14.17 0.82
N PHE B 403 7.34 14.32 1.92
CA PHE B 403 8.70 13.82 2.02
C PHE B 403 8.70 12.32 2.36
N GLU B 404 9.41 11.52 1.56
CA GLU B 404 9.59 10.11 1.89
C GLU B 404 11.02 9.60 1.61
N ALA B 405 11.29 8.36 2.02
CA ALA B 405 12.63 7.80 1.86
C ALA B 405 12.69 6.67 0.84
N VAL B 406 11.80 5.69 0.96
CA VAL B 406 11.71 4.61 -0.01
C VAL B 406 12.71 3.47 0.20
N GLY B 407 13.99 3.76 -0.02
CA GLY B 407 15.04 2.78 0.14
C GLY B 407 15.04 2.34 1.59
N LYS B 408 15.19 1.04 1.85
CA LYS B 408 15.04 0.56 3.23
C LYS B 408 15.99 -0.57 3.59
N GLU B 409 16.29 -0.71 4.87
CA GLU B 409 17.15 -1.81 5.33
C GLU B 409 16.42 -2.93 6.13
N PHE B 410 16.63 -4.18 5.72
CA PHE B 410 16.19 -5.35 6.48
C PHE B 410 17.30 -6.38 6.65
N SER B 411 17.41 -6.91 7.85
CA SER B 411 18.31 -8.01 8.13
C SER B 411 17.91 -9.28 7.33
N ASN B 412 18.81 -10.26 7.36
CA ASN B 412 18.61 -11.56 6.73
C ASN B 412 17.49 -12.38 7.35
N LEU B 413 17.11 -12.06 8.58
CA LEU B 413 16.00 -12.76 9.20
C LEU B 413 14.72 -11.95 9.07
N GLU B 414 14.70 -11.04 8.11
CA GLU B 414 13.55 -10.17 7.90
C GLU B 414 13.12 -10.16 6.44
N ARG B 415 13.18 -11.30 5.79
CA ARG B 415 12.90 -11.36 4.37
C ARG B 415 11.41 -11.23 4.07
N ARG B 416 10.57 -11.71 4.98
CA ARG B 416 9.12 -11.56 4.81
C ARG B 416 8.74 -10.08 4.89
N LEU B 417 9.31 -9.37 5.86
CA LEU B 417 9.10 -7.94 6.02
C LEU B 417 9.55 -7.17 4.77
N GLU B 418 10.71 -7.52 4.25
CA GLU B 418 11.20 -6.91 3.03
C GLU B 418 10.28 -7.20 1.85
N ASN B 419 9.67 -8.38 1.86
CA ASN B 419 8.74 -8.74 0.79
C ASN B 419 7.48 -7.89 0.90
N LEU B 420 7.10 -7.58 2.13
CA LEU B 420 5.95 -6.73 2.40
C LEU B 420 6.22 -5.31 1.85
N ASN B 421 7.37 -4.75 2.19
CA ASN B 421 7.77 -3.45 1.65
C ASN B 421 7.72 -3.44 0.12
N LYS B 422 8.39 -4.42 -0.50
CA LYS B 422 8.36 -4.59 -1.94
C LYS B 422 6.95 -4.72 -2.50
N LYS B 423 6.11 -5.57 -1.91
CA LYS B 423 4.77 -5.73 -2.45
C LYS B 423 4.05 -4.39 -2.42
N MET B 424 4.24 -3.66 -1.34
CA MET B 424 3.63 -2.34 -1.19
C MET B 424 4.12 -1.36 -2.25
N GLU B 425 5.44 -1.21 -2.36
CA GLU B 425 6.00 -0.25 -3.30
C GLU B 425 5.60 -0.61 -4.74
N ASP B 426 5.59 -1.90 -5.07
CA ASP B 426 5.10 -2.38 -6.36
C ASP B 426 3.62 -2.06 -6.59
N GLY B 427 2.84 -2.17 -5.51
CA GLY B 427 1.40 -2.04 -5.59
C GLY B 427 1.04 -0.62 -5.95
N PHE B 428 1.66 0.31 -5.25
CA PHE B 428 1.56 1.69 -5.62
C PHE B 428 2.14 1.97 -7.02
N LEU B 429 3.21 1.28 -7.39
CA LEU B 429 3.75 1.44 -8.73
C LEU B 429 2.67 1.16 -9.75
N ASP B 430 1.99 0.02 -9.63
CA ASP B 430 0.93 -0.34 -10.59
C ASP B 430 -0.25 0.60 -10.57
N VAL B 431 -0.58 1.17 -9.42
CA VAL B 431 -1.65 2.14 -9.38
C VAL B 431 -1.26 3.43 -10.15
N TRP B 432 -0.16 4.08 -9.80
CA TRP B 432 0.18 5.37 -10.47
C TRP B 432 0.39 5.32 -12.00
N THR B 433 1.22 4.37 -12.45
CA THR B 433 1.39 4.08 -13.88
C THR B 433 0.05 3.88 -14.60
N TYR B 434 -0.76 2.94 -14.12
CA TYR B 434 -2.02 2.68 -14.80
C TYR B 434 -2.84 3.94 -14.83
N ASN B 435 -2.91 4.61 -13.69
CA ASN B 435 -3.77 5.77 -13.62
C ASN B 435 -3.20 6.91 -14.43
N ALA B 436 -1.88 7.08 -14.40
CA ALA B 436 -1.20 8.15 -15.16
C ALA B 436 -1.38 7.97 -16.68
N GLU B 437 -1.11 6.76 -17.17
CA GLU B 437 -1.28 6.46 -18.58
C GLU B 437 -2.71 6.75 -19.03
N LEU B 438 -3.66 6.15 -18.35
CA LEU B 438 -5.07 6.32 -18.71
C LEU B 438 -5.58 7.76 -18.60
N LEU B 439 -5.19 8.49 -17.55
CA LEU B 439 -5.56 9.90 -17.42
C LEU B 439 -5.12 10.69 -18.66
N VAL B 440 -3.95 10.36 -19.16
CA VAL B 440 -3.42 10.99 -20.34
C VAL B 440 -4.19 10.56 -21.60
N LEU B 441 -4.44 9.25 -21.73
CA LEU B 441 -5.22 8.78 -22.88
C LEU B 441 -6.62 9.40 -22.89
N MET B 442 -7.19 9.61 -21.72
CA MET B 442 -8.54 10.13 -21.66
C MET B 442 -8.53 11.64 -21.87
N GLU B 443 -7.62 12.34 -21.23
CA GLU B 443 -7.58 13.78 -21.42
C GLU B 443 -7.20 14.21 -22.83
N ASN B 444 -6.39 13.42 -23.51
CA ASN B 444 -6.03 13.79 -24.89
C ASN B 444 -7.22 13.79 -25.82
N GLU B 445 -8.07 12.76 -25.73
CA GLU B 445 -9.23 12.74 -26.58
C GLU B 445 -10.14 13.93 -26.24
N ARG B 446 -10.41 14.17 -24.96
CA ARG B 446 -11.22 15.32 -24.57
C ARG B 446 -10.62 16.64 -25.12
N THR B 447 -9.31 16.79 -25.03
CA THR B 447 -8.64 17.95 -25.59
C THR B 447 -8.94 18.01 -27.09
N LEU B 448 -8.61 16.97 -27.85
CA LEU B 448 -8.97 17.00 -29.28
C LEU B 448 -10.44 17.38 -29.55
N ASP B 449 -11.40 16.73 -28.86
CA ASP B 449 -12.82 17.03 -29.03
C ASP B 449 -13.13 18.50 -28.70
N PHE B 450 -12.39 19.07 -27.74
CA PHE B 450 -12.67 20.42 -27.25
C PHE B 450 -12.34 21.43 -28.36
N HIS B 451 -11.11 21.32 -28.90
CA HIS B 451 -10.75 22.13 -30.04
C HIS B 451 -11.79 21.95 -31.15
N ASP B 452 -12.15 20.71 -31.42
CA ASP B 452 -13.15 20.45 -32.46
C ASP B 452 -14.43 21.27 -32.19
N SER B 453 -15.04 21.06 -31.03
CA SER B 453 -16.19 21.84 -30.61
C SER B 453 -15.95 23.37 -30.77
N ASN B 454 -14.80 23.86 -30.37
CA ASN B 454 -14.56 25.31 -30.51
C ASN B 454 -14.73 25.77 -31.96
N VAL B 455 -14.08 25.06 -32.88
CA VAL B 455 -14.23 25.37 -34.30
C VAL B 455 -15.68 25.24 -34.76
N LYS B 456 -16.32 24.10 -34.45
CA LYS B 456 -17.71 23.95 -34.81
C LYS B 456 -18.51 25.17 -34.36
N ASN B 457 -18.42 25.52 -33.08
CA ASN B 457 -19.10 26.73 -32.60
C ASN B 457 -18.73 28.04 -33.32
N LEU B 458 -17.44 28.26 -33.58
CA LEU B 458 -17.06 29.44 -34.35
C LEU B 458 -17.78 29.38 -35.72
N TYR B 459 -17.79 28.18 -36.31
CA TYR B 459 -18.45 28.00 -37.59
C TYR B 459 -19.92 28.39 -37.50
N ASP B 460 -20.63 27.82 -36.52
CA ASP B 460 -22.09 28.06 -36.43
C ASP B 460 -22.44 29.49 -36.12
N LYS B 461 -21.56 30.18 -35.41
CA LYS B 461 -21.81 31.56 -35.03
C LYS B 461 -21.89 32.39 -36.30
N VAL B 462 -21.04 32.06 -37.27
CA VAL B 462 -20.98 32.79 -38.55
C VAL B 462 -22.15 32.38 -39.43
N ARG B 463 -22.43 31.10 -39.47
CA ARG B 463 -23.58 30.61 -40.24
C ARG B 463 -24.84 31.35 -39.84
N MET B 464 -25.11 31.44 -38.54
CA MET B 464 -26.36 32.02 -38.05
C MET B 464 -26.51 33.50 -38.39
N GLN B 465 -25.39 34.23 -38.45
CA GLN B 465 -25.42 35.63 -38.86
C GLN B 465 -25.68 35.79 -40.34
N LEU B 466 -24.86 35.09 -41.14
CA LEU B 466 -24.87 35.22 -42.58
C LEU B 466 -26.22 34.84 -43.17
N ARG B 467 -26.81 33.76 -42.62
CA ARG B 467 -28.11 33.28 -43.07
C ARG B 467 -28.20 33.08 -44.59
N ASP B 468 -29.29 33.59 -45.14
CA ASP B 468 -29.64 33.62 -46.56
C ASP B 468 -28.67 34.32 -47.50
N ASN B 469 -27.88 35.26 -46.99
CA ASN B 469 -27.13 36.17 -47.84
C ASN B 469 -25.92 35.53 -48.49
N VAL B 470 -25.58 34.33 -48.03
CA VAL B 470 -24.38 33.68 -48.53
C VAL B 470 -24.69 32.25 -48.95
N LYS B 471 -23.80 31.67 -49.75
CA LYS B 471 -23.88 30.28 -50.12
C LYS B 471 -22.89 29.50 -49.25
N GLU B 472 -23.36 28.39 -48.66
CA GLU B 472 -22.57 27.59 -47.73
C GLU B 472 -21.89 26.45 -48.49
N LEU B 473 -20.59 26.59 -48.77
CA LEU B 473 -19.92 25.67 -49.71
C LEU B 473 -19.68 24.28 -49.14
N GLY B 474 -19.82 24.13 -47.82
CA GLY B 474 -19.65 22.84 -47.18
C GLY B 474 -18.21 22.50 -46.83
N ASN B 475 -17.31 23.44 -47.11
CA ASN B 475 -15.89 23.29 -46.81
C ASN B 475 -15.43 24.18 -45.66
N GLY B 476 -16.36 24.86 -45.01
CA GLY B 476 -15.99 25.86 -44.02
C GLY B 476 -16.12 27.28 -44.53
N CYS B 477 -16.28 27.45 -45.83
CA CYS B 477 -16.38 28.79 -46.39
C CYS B 477 -17.81 29.22 -46.61
N PHE B 478 -17.99 30.52 -46.74
CA PHE B 478 -19.28 31.05 -47.14
C PHE B 478 -19.03 31.97 -48.33
N GLU B 479 -19.72 31.71 -49.44
CA GLU B 479 -19.65 32.62 -50.57
C GLU B 479 -20.81 33.61 -50.53
N PHE B 480 -20.48 34.88 -50.36
CA PHE B 480 -21.49 35.94 -50.23
C PHE B 480 -22.27 36.18 -51.52
N TYR B 481 -23.53 36.57 -51.38
CA TYR B 481 -24.31 36.94 -52.54
C TYR B 481 -24.15 38.42 -52.80
N HIS B 482 -23.78 39.16 -51.77
CA HIS B 482 -23.52 40.58 -51.94
C HIS B 482 -22.03 40.86 -51.93
N LYS B 483 -21.70 42.13 -51.87
CA LYS B 483 -20.32 42.55 -51.74
C LYS B 483 -20.03 42.82 -50.27
N CYS B 484 -18.88 42.37 -49.81
CA CYS B 484 -18.53 42.49 -48.41
C CYS B 484 -17.13 43.06 -48.26
N ASP B 485 -17.04 44.37 -48.05
CA ASP B 485 -15.74 44.98 -47.84
C ASP B 485 -15.21 44.75 -46.42
N ASP B 486 -14.01 45.25 -46.16
CA ASP B 486 -13.34 45.04 -44.89
C ASP B 486 -14.15 45.44 -43.65
N GLU B 487 -14.95 46.49 -43.75
CA GLU B 487 -15.81 46.87 -42.62
C GLU B 487 -16.96 45.87 -42.43
N CYS B 488 -17.34 45.21 -43.51
CA CYS B 488 -18.41 44.23 -43.49
C CYS B 488 -17.90 42.91 -42.90
N MET B 489 -16.83 42.36 -43.49
CA MET B 489 -16.10 41.25 -42.90
C MET B 489 -15.97 41.46 -41.39
N ASN B 490 -15.40 42.60 -41.01
CA ASN B 490 -15.24 42.91 -39.60
C ASN B 490 -16.52 42.68 -38.82
N SER B 491 -17.66 43.05 -39.40
CA SER B 491 -18.93 42.92 -38.68
C SER B 491 -19.28 41.46 -38.52
N VAL B 492 -18.86 40.63 -39.47
CA VAL B 492 -19.05 39.19 -39.38
C VAL B 492 -18.19 38.59 -38.26
N LYS B 493 -16.92 39.00 -38.20
CA LYS B 493 -16.01 38.54 -37.16
C LYS B 493 -16.34 39.14 -35.79
N ASN B 494 -16.90 40.36 -35.82
CA ASN B 494 -17.30 41.11 -34.63
C ASN B 494 -18.53 40.56 -33.97
N GLY B 495 -19.34 39.84 -34.75
CA GLY B 495 -20.63 39.39 -34.28
C GLY B 495 -21.66 40.46 -34.55
N THR B 496 -21.22 41.54 -35.19
CA THR B 496 -22.09 42.63 -35.57
C THR B 496 -22.97 42.22 -36.73
N TYR B 497 -22.46 42.35 -37.96
CA TYR B 497 -23.15 41.96 -39.21
C TYR B 497 -24.65 41.93 -39.12
N ASP B 498 -25.28 42.41 -40.18
CA ASP B 498 -26.71 42.38 -40.30
C ASP B 498 -26.88 43.32 -41.41
N TYR B 499 -27.51 42.91 -42.49
CA TYR B 499 -28.10 41.60 -42.80
C TYR B 499 -29.28 42.05 -43.68
N PRO B 500 -30.02 43.06 -43.21
CA PRO B 500 -30.74 43.80 -44.25
C PRO B 500 -29.78 44.35 -45.32
N LYS B 501 -29.59 43.49 -46.35
CA LYS B 501 -28.87 43.78 -47.58
C LYS B 501 -28.26 42.51 -48.22
N TYR B 502 -28.90 41.76 -49.13
CA TYR B 502 -30.34 41.63 -49.42
C TYR B 502 -31.04 42.40 -50.63
N GLU B 503 -30.48 42.52 -51.86
CA GLU B 503 -29.14 42.13 -52.37
C GLU B 503 -28.38 40.97 -51.68
N GLU B 504 -28.54 39.76 -52.15
CA GLU B 504 -29.33 39.50 -53.31
C GLU B 504 -29.51 38.00 -53.28
N GLU B 505 -30.72 37.48 -53.46
CA GLU B 505 -31.90 38.20 -53.94
C GLU B 505 -31.73 38.56 -55.41
N SER B 506 -31.45 39.83 -55.68
CA SER B 506 -31.41 40.37 -57.06
C SER B 506 -29.99 40.51 -57.63
N ILE C 18 -42.60 30.67 -29.99
CA ILE C 18 -42.21 29.94 -28.79
C ILE C 18 -40.69 29.94 -28.56
N CYS C 19 -40.28 30.23 -27.32
CA CYS C 19 -38.86 30.31 -26.95
C CYS C 19 -38.34 29.06 -26.25
N ILE C 20 -37.05 28.78 -26.43
CA ILE C 20 -36.38 27.69 -25.73
C ILE C 20 -35.31 28.22 -24.79
N GLY C 21 -35.36 27.76 -23.54
CA GLY C 21 -34.46 28.28 -22.52
C GLY C 21 -34.21 27.30 -21.40
N TYR C 22 -33.41 27.73 -20.45
CA TYR C 22 -32.99 26.86 -19.36
C TYR C 22 -33.07 27.62 -18.05
N HIS C 23 -33.17 26.86 -16.97
CA HIS C 23 -33.47 27.38 -15.64
C HIS C 23 -32.33 28.21 -15.08
N ALA C 24 -32.66 29.18 -14.23
CA ALA C 24 -31.66 30.02 -13.61
C ALA C 24 -32.18 30.47 -12.25
N ASN C 25 -31.30 30.57 -11.26
CA ASN C 25 -31.73 30.83 -9.90
C ASN C 25 -30.80 31.76 -9.13
N ASN C 26 -31.03 31.89 -7.83
CA ASN C 26 -30.23 32.81 -7.03
C ASN C 26 -28.99 32.14 -6.42
N SER C 27 -28.78 30.88 -6.79
CA SER C 27 -27.64 30.09 -6.32
C SER C 27 -26.29 30.76 -6.54
N THR C 28 -25.43 30.66 -5.53
CA THR C 28 -24.10 31.23 -5.58
C THR C 28 -23.08 30.11 -5.35
N GLU C 29 -23.59 28.88 -5.41
CA GLU C 29 -22.75 27.71 -5.28
C GLU C 29 -21.71 27.69 -6.41
N LYS C 30 -20.49 27.28 -6.08
CA LYS C 30 -19.43 27.20 -7.08
C LYS C 30 -18.78 25.83 -7.13
N VAL C 31 -18.43 25.40 -8.33
CA VAL C 31 -17.68 24.16 -8.55
C VAL C 31 -16.54 24.44 -9.51
N ASP C 32 -15.52 23.59 -9.54
CA ASP C 32 -14.54 23.67 -10.60
C ASP C 32 -14.69 22.48 -11.53
N THR C 33 -14.17 22.66 -12.73
CA THR C 33 -14.10 21.62 -13.75
C THR C 33 -12.65 21.60 -14.22
N ILE C 34 -12.31 20.65 -15.08
CA ILE C 34 -10.93 20.56 -15.55
C ILE C 34 -10.57 21.75 -16.46
N LEU C 35 -11.58 22.50 -16.90
CA LEU C 35 -11.38 23.60 -17.83
C LEU C 35 -11.62 24.97 -17.19
N GLU C 36 -12.51 25.01 -16.21
CA GLU C 36 -12.87 26.24 -15.55
C GLU C 36 -12.85 26.11 -14.03
N ARG C 37 -12.39 27.14 -13.35
CA ARG C 37 -12.55 27.22 -11.90
C ARG C 37 -13.57 28.31 -11.49
N ASN C 38 -14.17 28.12 -10.32
CA ASN C 38 -15.19 29.03 -9.78
C ASN C 38 -16.42 29.24 -10.67
N VAL C 39 -16.95 28.16 -11.23
CA VAL C 39 -18.16 28.26 -12.03
C VAL C 39 -19.40 28.11 -11.18
N THR C 40 -20.35 29.02 -11.38
CA THR C 40 -21.54 29.06 -10.58
C THR C 40 -22.59 28.16 -11.22
N VAL C 41 -23.19 27.30 -10.42
CA VAL C 41 -24.14 26.37 -10.97
C VAL C 41 -25.45 26.49 -10.22
N THR C 42 -26.52 26.00 -10.82
CA THR C 42 -27.82 26.14 -10.18
C THR C 42 -27.95 25.21 -8.97
N HIS C 43 -27.31 24.05 -9.04
CA HIS C 43 -27.38 23.06 -7.96
C HIS C 43 -26.11 22.23 -7.84
N ALA C 44 -25.82 21.76 -6.62
CA ALA C 44 -24.56 21.05 -6.36
C ALA C 44 -24.70 20.09 -5.20
N LYS C 45 -23.88 19.03 -5.22
CA LYS C 45 -23.86 18.03 -4.16
C LYS C 45 -22.45 17.99 -3.64
N ASP C 46 -22.25 18.17 -2.34
CA ASP C 46 -20.91 17.95 -1.82
C ASP C 46 -20.76 16.47 -1.53
N ILE C 47 -19.59 15.91 -1.83
CA ILE C 47 -19.40 14.49 -1.61
C ILE C 47 -18.29 14.23 -0.63
N LEU C 48 -17.87 15.30 0.05
CA LEU C 48 -16.90 15.21 1.12
C LEU C 48 -17.54 15.47 2.48
N GLU C 49 -17.51 14.45 3.33
CA GLU C 49 -18.03 14.55 4.68
C GLU C 49 -16.98 15.22 5.53
N LYS C 50 -17.33 16.35 6.14
CA LYS C 50 -16.40 17.00 7.07
C LYS C 50 -17.01 17.27 8.42
N THR C 51 -18.09 16.56 8.74
CA THR C 51 -18.77 16.77 10.01
C THR C 51 -18.83 15.52 10.89
N HIS C 52 -18.54 15.68 12.17
CA HIS C 52 -18.74 14.62 13.15
C HIS C 52 -19.71 15.15 14.21
N ASN C 53 -19.94 14.36 15.24
CA ASN C 53 -20.88 14.75 16.29
C ASN C 53 -20.18 15.05 17.60
N GLY C 54 -18.85 15.04 17.61
CA GLY C 54 -18.07 15.39 18.79
C GLY C 54 -18.23 14.43 19.97
N LYS C 55 -18.56 13.17 19.69
CA LYS C 55 -18.88 12.22 20.74
C LYS C 55 -18.16 10.88 20.53
N LEU C 56 -17.60 10.33 21.59
CA LEU C 56 -17.11 8.98 21.49
C LEU C 56 -18.32 8.06 21.68
N CYS C 57 -18.57 7.18 20.72
CA CYS C 57 -19.79 6.39 20.73
C CYS C 57 -19.58 4.90 20.82
N LYS C 58 -20.69 4.17 20.91
CA LYS C 58 -20.70 2.72 20.73
C LYS C 58 -20.50 2.42 19.25
N LEU C 59 -19.65 1.47 18.96
CA LEU C 59 -19.39 1.07 17.58
C LEU C 59 -20.25 -0.16 17.32
N ASN C 60 -21.22 -0.04 16.41
CA ASN C 60 -22.09 -1.18 16.07
C ASN C 60 -22.80 -1.82 17.26
N GLY C 61 -23.24 -0.99 18.19
CA GLY C 61 -24.05 -1.42 19.30
C GLY C 61 -23.28 -1.82 20.55
N ILE C 62 -21.98 -2.00 20.41
CA ILE C 62 -21.14 -2.41 21.55
C ILE C 62 -20.24 -1.28 22.01
N PRO C 63 -20.21 -1.03 23.33
CA PRO C 63 -19.38 0.04 23.88
C PRO C 63 -17.91 -0.28 23.71
N PRO C 64 -17.08 0.74 23.91
CA PRO C 64 -15.63 0.58 24.06
C PRO C 64 -15.29 0.25 25.50
N LEU C 65 -14.21 -0.48 25.72
CA LEU C 65 -13.59 -0.61 27.02
C LEU C 65 -13.00 0.75 27.38
N GLU C 66 -13.29 1.24 28.59
CA GLU C 66 -12.86 2.58 29.01
C GLU C 66 -11.79 2.53 30.10
N LEU C 67 -10.52 2.73 29.76
CA LEU C 67 -9.44 2.56 30.73
C LEU C 67 -9.15 3.72 31.68
N GLY C 68 -9.90 4.82 31.59
CA GLY C 68 -9.62 5.98 32.42
C GLY C 68 -8.19 6.46 32.24
N ASP C 69 -7.44 6.47 33.35
CA ASP C 69 -6.04 6.84 33.36
C ASP C 69 -5.16 5.63 33.40
N CYS C 70 -5.76 4.46 33.22
CA CYS C 70 -4.99 3.23 33.25
C CYS C 70 -4.53 2.83 31.86
N SER C 71 -3.40 2.13 31.82
CA SER C 71 -3.00 1.44 30.61
C SER C 71 -3.46 -0.02 30.66
N ILE C 72 -3.33 -0.71 29.52
CA ILE C 72 -3.70 -2.10 29.48
C ILE C 72 -2.90 -2.97 30.49
N ALA C 73 -1.58 -2.80 30.53
CA ALA C 73 -0.77 -3.54 31.51
C ALA C 73 -1.26 -3.20 32.93
N GLY C 74 -1.37 -1.90 33.21
CA GLY C 74 -1.90 -1.47 34.49
C GLY C 74 -3.13 -2.29 34.87
N TRP C 75 -4.11 -2.27 33.99
CA TRP C 75 -5.40 -2.95 34.17
C TRP C 75 -5.30 -4.49 34.38
N LEU C 76 -4.69 -5.19 33.42
CA LEU C 76 -4.51 -6.62 33.49
C LEU C 76 -3.83 -7.14 34.76
N LEU C 77 -2.80 -6.45 35.20
CA LEU C 77 -2.00 -6.87 36.34
C LEU C 77 -2.70 -6.53 37.64
N GLY C 78 -3.63 -5.61 37.57
CA GLY C 78 -4.28 -5.11 38.76
C GLY C 78 -3.50 -4.09 39.58
N ASN C 79 -2.87 -3.13 38.90
CA ASN C 79 -2.36 -1.96 39.61
C ASN C 79 -3.50 -1.45 40.53
N PRO C 80 -3.22 -1.27 41.82
CA PRO C 80 -4.27 -0.85 42.76
C PRO C 80 -4.97 0.43 42.31
N GLU C 81 -4.25 1.27 41.57
CA GLU C 81 -4.74 2.55 41.10
C GLU C 81 -5.79 2.42 39.99
N CYS C 82 -6.04 1.17 39.57
CA CYS C 82 -7.08 0.84 38.60
C CYS C 82 -8.27 0.12 39.25
N ASP C 83 -8.34 0.15 40.57
CA ASP C 83 -9.42 -0.50 41.31
C ASP C 83 -10.84 -0.14 40.83
N ARG C 84 -11.06 1.12 40.45
CA ARG C 84 -12.39 1.62 40.11
C ARG C 84 -12.73 1.57 38.64
N LEU C 85 -12.05 0.73 37.87
CA LEU C 85 -12.36 0.64 36.44
C LEU C 85 -13.66 -0.10 36.20
N LEU C 86 -14.39 0.33 35.18
CA LEU C 86 -15.69 -0.23 34.84
C LEU C 86 -15.60 -1.72 34.52
N SER C 87 -15.01 -2.01 33.37
CA SER C 87 -14.90 -3.39 32.87
C SER C 87 -16.24 -3.92 32.34
N VAL C 88 -16.35 -4.02 31.01
CA VAL C 88 -17.48 -4.67 30.38
C VAL C 88 -17.04 -6.06 29.91
N PRO C 89 -18.00 -6.96 29.70
CA PRO C 89 -17.67 -8.32 29.24
C PRO C 89 -17.40 -8.38 27.72
N GLU C 90 -17.84 -7.36 27.00
CA GLU C 90 -17.68 -7.32 25.55
C GLU C 90 -17.38 -5.87 25.14
N TRP C 91 -16.36 -5.67 24.31
CA TRP C 91 -16.07 -4.30 23.82
C TRP C 91 -15.66 -4.29 22.34
N SER C 92 -15.78 -3.13 21.70
CA SER C 92 -15.60 -3.04 20.26
C SER C 92 -14.35 -2.26 19.90
N TYR C 93 -13.87 -1.48 20.85
CA TYR C 93 -12.55 -0.85 20.73
C TYR C 93 -12.07 -0.49 22.12
N ILE C 94 -10.87 0.05 22.22
CA ILE C 94 -10.37 0.45 23.53
C ILE C 94 -10.14 1.95 23.56
N MET C 95 -10.53 2.57 24.66
CA MET C 95 -10.27 3.97 24.86
C MET C 95 -9.15 4.04 25.87
N GLU C 96 -8.04 4.63 25.48
CA GLU C 96 -6.90 4.72 26.34
C GLU C 96 -6.30 6.10 26.16
N LYS C 97 -5.87 6.72 27.24
CA LYS C 97 -5.20 8.00 27.11
C LYS C 97 -3.88 7.87 26.37
N GLU C 98 -3.46 8.95 25.73
CA GLU C 98 -2.10 9.08 25.23
C GLU C 98 -1.23 9.26 26.46
N ASN C 99 -0.21 8.43 26.64
CA ASN C 99 0.48 8.44 27.93
C ASN C 99 -0.49 8.36 29.07
N PRO C 100 -1.04 7.16 29.34
CA PRO C 100 -1.88 6.98 30.53
C PRO C 100 -1.18 7.53 31.75
N ARG C 101 -1.15 6.79 32.85
CA ARG C 101 -0.55 7.30 34.08
C ARG C 101 -0.27 6.21 35.07
N ASP C 102 -1.15 5.22 35.10
CA ASP C 102 -1.07 4.15 36.05
C ASP C 102 -0.88 2.87 35.27
N GLY C 103 0.39 2.49 35.12
CA GLY C 103 0.75 1.30 34.37
C GLY C 103 1.45 0.35 35.28
N LEU C 104 2.71 0.09 35.00
CA LEU C 104 3.52 -0.75 35.86
C LEU C 104 3.92 0.05 37.10
N CYS C 105 3.15 -0.06 38.17
CA CYS C 105 3.48 0.72 39.35
C CYS C 105 4.86 0.28 39.87
N TYR C 106 5.10 -1.04 39.87
CA TYR C 106 6.42 -1.60 40.11
C TYR C 106 7.19 -1.59 38.81
N PRO C 107 8.38 -0.99 38.78
CA PRO C 107 8.96 -0.71 37.46
C PRO C 107 9.42 -2.01 36.79
N GLY C 108 9.39 -2.05 35.46
CA GLY C 108 9.87 -3.21 34.74
C GLY C 108 9.45 -3.15 33.30
N SER C 109 9.13 -4.29 32.70
CA SER C 109 8.71 -4.30 31.31
C SER C 109 7.68 -5.39 31.06
N PHE C 110 7.01 -5.27 29.93
CA PHE C 110 6.00 -6.22 29.51
C PHE C 110 6.37 -6.74 28.12
N ASN C 111 6.79 -8.00 28.02
CA ASN C 111 7.17 -8.58 26.73
C ASN C 111 5.97 -8.72 25.76
N ASP C 112 6.25 -8.55 24.47
CA ASP C 112 5.21 -8.54 23.44
C ASP C 112 3.97 -7.73 23.84
N TYR C 113 4.18 -6.55 24.43
CA TYR C 113 3.06 -5.72 24.89
C TYR C 113 2.16 -5.31 23.75
N GLU C 114 2.74 -4.86 22.63
CA GLU C 114 1.91 -4.45 21.50
C GLU C 114 0.97 -5.57 20.97
N GLU C 115 1.48 -6.78 20.81
CA GLU C 115 0.69 -7.87 20.30
C GLU C 115 -0.48 -8.07 21.23
N LEU C 116 -0.23 -8.00 22.53
CA LEU C 116 -1.29 -8.12 23.53
C LEU C 116 -2.38 -7.07 23.30
N LYS C 117 -1.98 -5.80 23.20
CA LYS C 117 -2.96 -4.75 23.03
C LYS C 117 -3.79 -5.03 21.79
N HIS C 118 -3.17 -5.58 20.76
CA HIS C 118 -3.86 -5.78 19.51
C HIS C 118 -4.82 -6.96 19.67
N LEU C 119 -4.38 -7.96 20.42
CA LEU C 119 -5.21 -9.10 20.76
C LEU C 119 -6.46 -8.64 21.50
N LEU C 120 -6.26 -7.78 22.51
CA LEU C 120 -7.34 -7.33 23.40
C LEU C 120 -8.19 -6.23 22.80
N SER C 121 -7.74 -5.67 21.68
CA SER C 121 -8.36 -4.44 21.20
C SER C 121 -9.88 -4.57 20.98
N SER C 122 -10.31 -5.80 20.75
CA SER C 122 -11.71 -6.08 20.46
C SER C 122 -12.03 -7.51 20.91
N VAL C 123 -13.17 -7.68 21.56
CA VAL C 123 -13.45 -8.96 22.18
C VAL C 123 -14.94 -9.31 22.12
N LYS C 124 -15.27 -10.58 21.91
CA LYS C 124 -16.67 -10.97 22.04
C LYS C 124 -17.00 -11.30 23.48
N HIS C 125 -16.07 -11.91 24.18
CA HIS C 125 -16.26 -12.19 25.59
C HIS C 125 -14.94 -12.09 26.36
N PHE C 126 -15.04 -11.64 27.60
CA PHE C 126 -13.84 -11.42 28.37
C PHE C 126 -14.22 -11.50 29.83
N GLU C 127 -13.59 -12.39 30.57
CA GLU C 127 -13.99 -12.69 31.93
C GLU C 127 -12.80 -13.16 32.76
N LYS C 128 -12.61 -12.55 33.92
CA LYS C 128 -11.47 -12.86 34.78
C LYS C 128 -11.82 -14.00 35.72
N VAL C 129 -11.03 -15.07 35.74
CA VAL C 129 -11.32 -16.19 36.62
C VAL C 129 -10.12 -16.58 37.47
N LYS C 130 -10.40 -16.92 38.73
CA LYS C 130 -9.35 -17.31 39.66
C LYS C 130 -8.84 -18.71 39.31
N ILE C 131 -7.58 -18.78 38.92
CA ILE C 131 -6.99 -20.01 38.40
C ILE C 131 -5.96 -20.66 39.31
N LEU C 132 -5.37 -19.90 40.22
CA LEU C 132 -4.38 -20.45 41.13
C LEU C 132 -4.48 -19.57 42.34
N PRO C 133 -5.43 -19.91 43.24
CA PRO C 133 -5.75 -19.06 44.39
C PRO C 133 -4.50 -18.81 45.24
N LYS C 134 -4.39 -17.60 45.77
CA LYS C 134 -3.23 -17.16 46.51
C LYS C 134 -2.90 -18.08 47.69
N ASP C 135 -3.91 -18.44 48.47
CA ASP C 135 -3.66 -19.18 49.71
C ASP C 135 -3.24 -20.64 49.54
N ARG C 136 -3.24 -21.12 48.31
CA ARG C 136 -2.74 -22.46 48.03
C ARG C 136 -1.23 -22.57 48.08
N TRP C 137 -0.52 -21.45 48.08
CA TRP C 137 0.95 -21.49 48.24
C TRP C 137 1.36 -21.60 49.70
N THR C 138 0.82 -22.61 50.38
CA THR C 138 1.40 -23.00 51.66
C THR C 138 2.87 -23.29 51.34
N GLN C 139 3.72 -23.34 52.36
CA GLN C 139 5.16 -23.45 52.14
C GLN C 139 5.85 -22.16 51.67
N HIS C 140 5.11 -21.26 51.00
CA HIS C 140 5.69 -19.98 50.60
C HIS C 140 4.97 -18.80 51.21
N THR C 141 5.69 -17.71 51.47
CA THR C 141 5.05 -16.47 51.91
C THR C 141 4.39 -15.84 50.68
N THR C 142 3.36 -15.02 50.88
CA THR C 142 2.47 -14.68 49.79
C THR C 142 1.96 -13.23 49.85
N THR C 143 2.46 -12.48 50.83
CA THR C 143 1.92 -11.16 51.18
C THR C 143 2.86 -9.98 50.80
N GLY C 144 4.00 -10.30 50.21
CA GLY C 144 4.96 -9.29 49.83
C GLY C 144 4.36 -8.25 48.91
N GLY C 145 4.51 -6.99 49.26
CA GLY C 145 4.05 -5.92 48.39
C GLY C 145 5.20 -4.97 48.21
N SER C 146 4.91 -3.77 47.73
CA SER C 146 5.94 -2.75 47.58
C SER C 146 5.35 -1.36 47.82
N ARG C 147 6.18 -0.40 48.23
CA ARG C 147 5.63 0.93 48.35
C ARG C 147 5.50 1.61 47.01
N ALA C 148 6.05 0.99 45.97
CA ALA C 148 5.83 1.51 44.62
C ALA C 148 4.37 1.30 44.24
N CYS C 149 3.70 0.37 44.90
CA CYS C 149 2.29 0.11 44.63
C CYS C 149 1.46 0.37 45.89
N ALA C 150 1.78 1.46 46.57
CA ALA C 150 1.21 1.79 47.86
C ALA C 150 -0.26 2.22 47.82
N VAL C 151 -1.09 1.57 48.64
CA VAL C 151 -2.40 2.11 48.88
C VAL C 151 -2.48 2.59 50.33
N SER C 152 -2.87 3.84 50.49
CA SER C 152 -2.84 4.48 51.80
C SER C 152 -1.47 4.28 52.47
N GLY C 153 -0.39 4.61 51.75
CA GLY C 153 0.96 4.62 52.30
C GLY C 153 1.57 3.28 52.69
N ASN C 154 0.76 2.22 52.67
CA ASN C 154 1.24 0.87 52.93
C ASN C 154 1.68 0.14 51.68
N PRO C 155 2.65 -0.77 51.83
CA PRO C 155 3.08 -1.62 50.71
C PRO C 155 1.91 -2.44 50.19
N SER C 156 1.77 -2.51 48.89
CA SER C 156 0.79 -3.37 48.29
C SER C 156 1.31 -3.83 46.93
N PHE C 157 0.51 -4.58 46.19
CA PHE C 157 1.03 -5.22 45.00
C PHE C 157 -0.02 -5.27 43.90
N PHE C 158 0.32 -5.81 42.74
CA PHE C 158 -0.65 -5.97 41.67
C PHE C 158 -1.74 -6.94 42.10
N ARG C 159 -2.96 -6.44 42.22
CA ARG C 159 -4.11 -7.20 42.70
C ARG C 159 -4.33 -8.55 42.03
N ASN C 160 -3.94 -8.70 40.77
CA ASN C 160 -4.10 -9.99 40.12
C ASN C 160 -2.90 -10.94 40.20
N MET C 161 -1.85 -10.54 40.93
CA MET C 161 -0.65 -11.36 40.99
C MET C 161 -0.18 -11.67 42.41
N VAL C 162 0.61 -12.73 42.55
CA VAL C 162 1.14 -13.12 43.83
C VAL C 162 2.65 -13.08 43.79
N TRP C 163 3.24 -12.34 44.71
CA TRP C 163 4.67 -12.36 44.90
C TRP C 163 5.02 -13.49 45.88
N LEU C 164 5.67 -14.52 45.39
CA LEU C 164 6.09 -15.66 46.21
C LEU C 164 7.46 -15.41 46.85
N THR C 165 7.53 -15.39 48.18
CA THR C 165 8.80 -15.26 48.90
C THR C 165 9.07 -16.37 49.93
N GLU C 166 10.29 -16.39 50.47
CA GLU C 166 10.72 -17.39 51.45
C GLU C 166 9.78 -17.40 52.65
N LYS C 167 9.54 -18.58 53.21
CA LYS C 167 8.71 -18.69 54.41
C LYS C 167 9.47 -19.31 55.59
N GLY C 168 9.77 -18.49 56.59
CA GLY C 168 10.50 -18.96 57.75
C GLY C 168 11.99 -18.80 57.54
N SER C 169 12.40 -18.94 56.28
CA SER C 169 13.80 -18.84 55.87
C SER C 169 14.05 -19.93 54.84
N ASN C 170 12.97 -20.36 54.18
CA ASN C 170 13.05 -21.46 53.24
C ASN C 170 12.19 -21.21 52.00
N TYR C 171 12.73 -21.48 50.81
CA TYR C 171 11.95 -21.38 49.56
C TYR C 171 11.96 -22.70 48.79
N PRO C 172 10.97 -23.56 49.04
CA PRO C 172 10.94 -24.86 48.35
C PRO C 172 10.49 -24.68 46.90
N VAL C 173 10.85 -25.63 46.05
CA VAL C 173 10.38 -25.61 44.68
C VAL C 173 8.89 -25.32 44.66
N ALA C 174 8.53 -24.19 44.05
CA ALA C 174 7.13 -23.80 43.96
C ALA C 174 6.51 -24.32 42.66
N LYS C 175 5.61 -25.29 42.77
CA LYS C 175 4.99 -25.88 41.61
C LYS C 175 3.52 -25.50 41.61
N GLY C 176 2.95 -25.36 40.44
CA GLY C 176 1.56 -24.97 40.32
C GLY C 176 1.13 -25.08 38.89
N SER C 177 0.06 -25.81 38.63
CA SER C 177 -0.43 -25.94 37.27
C SER C 177 -1.90 -25.57 37.19
N TYR C 178 -2.40 -25.41 35.97
CA TYR C 178 -3.82 -25.14 35.78
C TYR C 178 -4.33 -25.62 34.45
N ASN C 179 -5.34 -26.49 34.51
CA ASN C 179 -5.97 -27.09 33.35
C ASN C 179 -7.06 -26.13 32.90
N ASN C 180 -6.95 -25.67 31.65
CA ASN C 180 -7.94 -24.75 31.11
C ASN C 180 -9.24 -25.47 30.78
N THR C 181 -10.09 -25.58 31.80
CA THR C 181 -11.42 -26.17 31.61
C THR C 181 -12.47 -25.08 31.61
N SER C 182 -12.04 -23.83 31.41
CA SER C 182 -12.97 -22.72 31.42
C SER C 182 -14.05 -22.82 30.34
N GLY C 183 -13.71 -23.35 29.18
CA GLY C 183 -14.65 -23.31 28.07
C GLY C 183 -14.19 -22.32 27.02
N GLU C 184 -13.15 -21.53 27.31
CA GLU C 184 -12.60 -20.59 26.33
C GLU C 184 -11.09 -20.42 26.44
N GLN C 185 -10.47 -19.87 25.41
CA GLN C 185 -9.04 -19.56 25.49
C GLN C 185 -8.77 -18.63 26.67
N MET C 186 -7.70 -18.90 27.39
CA MET C 186 -7.41 -18.08 28.55
C MET C 186 -6.08 -17.36 28.43
N LEU C 187 -6.10 -16.03 28.56
CA LEU C 187 -4.88 -15.20 28.63
C LEU C 187 -4.28 -15.24 30.02
N ILE C 188 -3.10 -15.83 30.16
CA ILE C 188 -2.43 -15.83 31.45
C ILE C 188 -1.12 -14.98 31.39
N ILE C 189 -0.83 -14.25 32.47
CA ILE C 189 0.36 -13.43 32.58
C ILE C 189 1.24 -13.82 33.78
N TRP C 190 2.56 -13.85 33.61
CA TRP C 190 3.45 -14.04 34.76
C TRP C 190 4.63 -13.06 34.75
N GLY C 191 5.36 -13.01 35.85
CA GLY C 191 6.49 -12.10 35.96
C GLY C 191 7.76 -12.70 36.53
N VAL C 192 8.86 -12.01 36.30
CA VAL C 192 10.11 -12.41 36.91
C VAL C 192 10.62 -11.19 37.66
N HIS C 193 11.02 -11.39 38.90
CA HIS C 193 11.53 -10.27 39.68
C HIS C 193 13.04 -10.14 39.53
N HIS C 194 13.52 -9.02 38.96
CA HIS C 194 14.97 -8.75 38.89
C HIS C 194 15.41 -7.89 40.07
N PRO C 195 16.04 -8.52 41.07
CA PRO C 195 16.46 -7.79 42.27
C PRO C 195 17.52 -6.71 41.97
N ASN C 196 17.79 -5.89 42.98
CA ASN C 196 18.74 -4.81 42.89
C ASN C 196 20.13 -5.25 43.36
N ASP C 197 20.17 -6.31 44.16
CA ASP C 197 21.41 -6.78 44.76
C ASP C 197 21.28 -8.17 45.39
N GLU C 198 22.40 -8.86 45.55
CA GLU C 198 22.39 -10.23 46.01
C GLU C 198 21.76 -10.36 47.39
N THR C 199 21.86 -9.31 48.19
CA THR C 199 21.24 -9.28 49.52
C THR C 199 19.71 -9.37 49.40
N GLU C 200 19.16 -8.55 48.51
CA GLU C 200 17.74 -8.50 48.29
C GLU C 200 17.26 -9.88 47.85
N GLN C 201 18.08 -10.52 47.03
CA GLN C 201 17.85 -11.86 46.54
C GLN C 201 17.72 -12.88 47.68
N ARG C 202 18.71 -12.87 48.58
CA ARG C 202 18.72 -13.84 49.67
C ARG C 202 17.65 -13.57 50.74
N THR C 203 17.45 -12.29 51.07
CA THR C 203 16.43 -11.94 52.04
C THR C 203 15.03 -12.24 51.55
N LEU C 204 14.87 -12.43 50.24
CA LEU C 204 13.55 -12.68 49.66
C LEU C 204 13.29 -14.17 49.36
N TYR C 205 14.30 -14.87 48.86
CA TYR C 205 14.10 -16.19 48.27
C TYR C 205 15.05 -17.27 48.81
N GLN C 206 16.07 -16.84 49.55
CA GLN C 206 17.09 -17.75 50.08
C GLN C 206 18.05 -18.33 49.04
N ASN C 207 17.49 -18.95 48.01
CA ASN C 207 18.28 -19.59 46.96
C ASN C 207 18.97 -18.57 46.06
N VAL C 208 20.11 -18.94 45.47
CA VAL C 208 20.90 -17.94 44.76
C VAL C 208 21.02 -18.18 43.25
N GLY C 209 20.73 -19.40 42.80
CA GLY C 209 20.81 -19.66 41.37
C GLY C 209 19.46 -19.94 40.74
N THR C 210 18.48 -19.08 41.05
CA THR C 210 17.07 -19.39 40.80
C THR C 210 16.73 -19.40 39.33
N TYR C 211 15.54 -19.88 39.01
CA TYR C 211 15.01 -19.81 37.65
C TYR C 211 13.49 -19.76 37.79
N VAL C 212 12.82 -19.37 36.71
CA VAL C 212 11.37 -19.40 36.69
C VAL C 212 10.99 -20.10 35.41
N SER C 213 10.06 -21.05 35.52
CA SER C 213 9.75 -21.95 34.41
C SER C 213 8.27 -22.01 34.11
N VAL C 214 7.93 -21.87 32.83
CA VAL C 214 6.55 -21.82 32.41
C VAL C 214 6.35 -22.70 31.19
N GLY C 215 5.30 -23.53 31.21
CA GLY C 215 5.09 -24.48 30.12
C GLY C 215 3.67 -24.94 29.82
N THR C 216 3.35 -24.95 28.53
CA THR C 216 2.09 -25.52 28.02
C THR C 216 2.45 -26.51 26.90
N SER C 217 1.45 -26.90 26.12
CA SER C 217 1.68 -27.80 25.00
C SER C 217 2.46 -27.10 23.91
N THR C 218 2.47 -25.78 24.00
CA THR C 218 2.96 -24.92 22.94
C THR C 218 4.14 -24.11 23.47
N LEU C 219 4.06 -23.77 24.76
CA LEU C 219 5.03 -22.87 25.36
C LEU C 219 6.05 -23.60 26.21
N ASN C 220 7.31 -23.20 26.05
CA ASN C 220 8.39 -23.64 26.93
C ASN C 220 9.33 -22.48 27.19
N LYS C 221 9.28 -21.91 28.39
CA LYS C 221 10.14 -20.77 28.68
C LYS C 221 10.79 -20.90 30.04
N ARG C 222 12.12 -20.72 30.07
CA ARG C 222 12.88 -20.71 31.32
C ARG C 222 13.55 -19.37 31.44
N SER C 223 13.34 -18.69 32.56
CA SER C 223 13.89 -17.36 32.75
C SER C 223 14.76 -17.33 33.97
N THR C 224 15.88 -16.65 33.91
CA THR C 224 16.69 -16.48 35.11
C THR C 224 16.72 -15.01 35.54
N PRO C 225 16.47 -14.74 36.82
CA PRO C 225 16.43 -13.35 37.29
C PRO C 225 17.78 -12.71 37.03
N ASP C 226 17.80 -11.41 36.81
CA ASP C 226 19.05 -10.68 36.60
C ASP C 226 19.28 -9.75 37.78
N ILE C 227 20.36 -9.99 38.52
CA ILE C 227 20.67 -9.22 39.72
C ILE C 227 21.72 -8.14 39.41
N ALA C 228 21.27 -6.91 39.27
CA ALA C 228 22.19 -5.81 38.98
C ALA C 228 21.66 -4.50 39.52
N THR C 229 22.56 -3.53 39.68
CA THR C 229 22.19 -2.18 40.09
C THR C 229 21.67 -1.39 38.90
N ARG C 230 20.51 -0.77 39.06
CA ARG C 230 19.94 0.09 38.02
C ARG C 230 19.55 1.43 38.62
N PRO C 231 19.28 2.41 37.76
CA PRO C 231 18.71 3.69 38.20
C PRO C 231 17.32 3.47 38.81
N LYS C 232 17.06 4.11 39.93
CA LYS C 232 15.78 3.91 40.59
C LYS C 232 14.63 4.58 39.83
N VAL C 233 13.51 3.87 39.82
CA VAL C 233 12.30 4.29 39.14
C VAL C 233 11.23 4.07 40.18
N ASN C 234 10.47 5.10 40.53
CA ASN C 234 9.54 4.98 41.64
C ASN C 234 10.24 4.43 42.87
N GLY C 235 11.51 4.81 43.01
CA GLY C 235 12.28 4.45 44.19
C GLY C 235 12.94 3.08 44.16
N LEU C 236 13.11 2.49 42.99
CA LEU C 236 13.60 1.12 42.97
C LEU C 236 14.59 0.83 41.87
N GLY C 237 15.67 0.17 42.25
CA GLY C 237 16.62 -0.37 41.30
C GLY C 237 16.18 -1.73 40.77
N SER C 238 15.20 -2.33 41.44
CA SER C 238 14.73 -3.64 40.99
C SER C 238 13.76 -3.50 39.81
N ARG C 239 13.44 -4.60 39.14
CA ARG C 239 12.46 -4.52 38.07
C ARG C 239 11.59 -5.75 38.04
N MET C 240 10.38 -5.64 37.50
CA MET C 240 9.62 -6.84 37.22
C MET C 240 9.33 -6.92 35.71
N GLU C 241 9.71 -8.06 35.14
CA GLU C 241 9.45 -8.32 33.73
C GLU C 241 8.24 -9.29 33.56
N PHE C 242 7.17 -8.84 32.89
CA PHE C 242 6.02 -9.68 32.73
C PHE C 242 5.97 -10.30 31.34
N SER C 243 5.33 -11.47 31.25
CA SER C 243 5.11 -12.18 29.99
C SER C 243 3.72 -12.88 29.96
N TRP C 244 3.26 -13.27 28.77
CA TRP C 244 1.90 -13.81 28.64
C TRP C 244 1.76 -14.98 27.67
N THR C 245 0.60 -15.62 27.68
CA THR C 245 0.39 -16.70 26.75
C THR C 245 -1.10 -16.94 26.61
N LEU C 246 -1.49 -17.58 25.53
CA LEU C 246 -2.88 -17.96 25.35
C LEU C 246 -3.01 -19.44 25.69
N LEU C 247 -3.48 -19.78 26.89
CA LEU C 247 -3.77 -21.20 27.21
C LEU C 247 -5.02 -21.68 26.43
N ASP C 248 -4.78 -22.50 25.42
CA ASP C 248 -5.82 -23.16 24.62
C ASP C 248 -6.84 -23.92 25.45
N MET C 249 -8.02 -24.19 24.87
CA MET C 249 -9.03 -24.98 25.60
C MET C 249 -8.56 -26.38 25.92
N TRP C 250 -8.54 -26.70 27.20
CA TRP C 250 -8.27 -28.07 27.67
C TRP C 250 -6.75 -28.29 27.80
N ASP C 251 -5.98 -27.27 27.45
CA ASP C 251 -4.54 -27.38 27.65
C ASP C 251 -4.23 -27.01 29.09
N THR C 252 -3.03 -27.33 29.54
CA THR C 252 -2.63 -27.06 30.91
C THR C 252 -1.36 -26.20 30.97
N ILE C 253 -1.27 -25.35 31.99
CA ILE C 253 -0.07 -24.54 32.19
C ILE C 253 0.70 -24.93 33.45
N ASN C 254 2.01 -25.09 33.32
CA ASN C 254 2.87 -25.50 34.43
C ASN C 254 3.84 -24.43 34.86
N PHE C 255 3.72 -24.04 36.12
CA PHE C 255 4.64 -23.13 36.75
C PHE C 255 5.55 -23.87 37.71
N GLU C 256 6.83 -23.59 37.62
CA GLU C 256 7.79 -24.20 38.52
C GLU C 256 8.90 -23.19 38.74
N SER C 257 9.18 -22.86 40.00
CA SER C 257 10.22 -21.88 40.27
C SER C 257 11.00 -22.13 41.56
N THR C 258 12.29 -21.82 41.52
CA THR C 258 13.11 -21.86 42.72
C THR C 258 13.33 -20.46 43.28
N GLY C 259 12.47 -19.54 42.88
CA GLY C 259 12.55 -18.16 43.34
C GLY C 259 12.30 -17.13 42.25
N ASN C 260 11.85 -15.96 42.66
CA ASN C 260 11.66 -14.83 41.77
C ASN C 260 10.42 -14.89 40.87
N LEU C 261 9.61 -15.95 41.02
CA LEU C 261 8.35 -16.05 40.30
C LEU C 261 7.35 -15.01 40.77
N ILE C 262 6.64 -14.39 39.84
CA ILE C 262 5.50 -13.57 40.21
C ILE C 262 4.29 -14.25 39.58
N ALA C 263 3.61 -15.10 40.36
CA ALA C 263 2.56 -15.96 39.83
C ALA C 263 1.25 -15.21 39.62
N PRO C 264 0.51 -15.60 38.58
CA PRO C 264 -0.84 -15.08 38.39
C PRO C 264 -1.78 -15.72 39.44
N GLU C 265 -2.67 -14.92 39.99
CA GLU C 265 -3.79 -15.47 40.71
C GLU C 265 -4.93 -15.71 39.73
N TYR C 266 -5.13 -14.80 38.77
CA TYR C 266 -6.21 -15.01 37.82
C TYR C 266 -5.78 -15.18 36.36
N GLY C 267 -6.74 -15.61 35.55
CA GLY C 267 -6.60 -15.63 34.12
C GLY C 267 -7.74 -14.83 33.51
N PHE C 268 -7.88 -14.87 32.18
CA PHE C 268 -8.89 -14.08 31.50
C PHE C 268 -9.40 -14.91 30.35
N LYS C 269 -10.57 -15.52 30.50
CA LYS C 269 -11.16 -16.27 29.41
C LYS C 269 -11.42 -15.22 28.37
N ILE C 270 -10.93 -15.44 27.16
CA ILE C 270 -11.19 -14.47 26.12
C ILE C 270 -11.68 -15.19 24.87
N SER C 271 -12.61 -14.57 24.16
CA SER C 271 -13.20 -15.17 22.99
C SER C 271 -13.41 -14.08 21.95
N LYS C 272 -12.72 -14.19 20.83
CA LYS C 272 -12.74 -13.13 19.84
C LYS C 272 -12.72 -13.74 18.44
N ARG C 273 -13.48 -13.22 17.47
CA ARG C 273 -14.25 -11.98 17.46
C ARG C 273 -13.97 -11.30 16.12
N GLY C 274 -12.87 -10.55 16.03
CA GLY C 274 -12.54 -9.90 14.79
C GLY C 274 -11.37 -8.94 14.76
N SER C 275 -10.91 -8.49 15.93
CA SER C 275 -9.80 -7.51 16.01
C SER C 275 -10.17 -6.07 15.58
N SER C 276 -9.83 -5.11 16.44
CA SER C 276 -10.19 -3.72 16.24
C SER C 276 -8.95 -2.83 16.47
N GLY C 277 -9.05 -1.82 17.32
CA GLY C 277 -7.89 -1.04 17.65
C GLY C 277 -8.03 -0.19 18.89
N ILE C 278 -6.99 0.56 19.22
CA ILE C 278 -6.99 1.39 20.41
C ILE C 278 -7.16 2.82 19.99
N MET C 279 -7.93 3.58 20.75
CA MET C 279 -8.10 4.98 20.41
C MET C 279 -7.58 5.88 21.52
N LYS C 280 -6.56 6.66 21.20
CA LYS C 280 -5.98 7.57 22.17
C LYS C 280 -6.86 8.80 22.29
N THR C 281 -7.50 8.96 23.45
CA THR C 281 -8.35 10.11 23.67
C THR C 281 -8.48 10.45 25.15
N GLU C 282 -9.07 11.60 25.42
CA GLU C 282 -9.22 12.07 26.78
C GLU C 282 -10.70 12.03 27.13
N GLY C 283 -11.51 11.69 26.14
CA GLY C 283 -12.94 11.83 26.28
C GLY C 283 -13.51 10.68 27.03
N THR C 284 -14.83 10.64 27.15
CA THR C 284 -15.48 9.58 27.88
C THR C 284 -16.73 9.18 27.11
N LEU C 285 -17.04 7.89 27.07
CA LEU C 285 -18.17 7.36 26.29
C LEU C 285 -19.46 8.18 26.45
N GLU C 286 -20.34 8.13 25.45
CA GLU C 286 -21.53 8.99 25.52
C GLU C 286 -22.92 8.42 25.17
N ASN C 287 -23.01 7.16 24.80
CA ASN C 287 -24.33 6.62 24.42
C ASN C 287 -24.92 7.24 23.17
N CYS C 288 -24.14 7.29 22.11
CA CYS C 288 -24.68 7.53 20.79
C CYS C 288 -24.26 6.30 20.01
N GLU C 289 -24.60 6.26 18.74
CA GLU C 289 -24.32 5.07 17.95
C GLU C 289 -23.50 5.44 16.74
N THR C 290 -22.65 4.53 16.28
CA THR C 290 -21.91 4.81 15.06
C THR C 290 -21.32 3.56 14.40
N LYS C 291 -20.93 3.70 13.13
CA LYS C 291 -20.25 2.62 12.43
C LYS C 291 -18.83 3.06 12.17
N CYS C 292 -18.54 4.30 12.56
CA CYS C 292 -17.27 4.94 12.26
C CYS C 292 -16.88 5.98 13.32
N GLN C 293 -15.89 5.66 14.13
CA GLN C 293 -15.47 6.54 15.22
C GLN C 293 -14.14 7.22 14.89
N THR C 294 -14.04 8.53 15.10
CA THR C 294 -12.73 9.21 15.07
C THR C 294 -12.43 9.77 16.46
N PRO C 295 -11.16 10.19 16.68
CA PRO C 295 -10.85 10.79 17.99
C PRO C 295 -11.54 12.13 18.20
N LEU C 296 -12.21 12.66 17.17
CA LEU C 296 -12.87 13.96 17.31
C LEU C 296 -14.37 13.80 17.45
N GLY C 297 -14.86 12.59 17.17
CA GLY C 297 -16.30 12.39 17.16
C GLY C 297 -16.64 11.34 16.12
N ALA C 298 -17.90 10.93 16.10
CA ALA C 298 -18.29 9.85 15.22
C ALA C 298 -18.79 10.44 13.93
N ILE C 299 -18.54 9.72 12.85
CA ILE C 299 -19.00 10.11 11.54
C ILE C 299 -20.19 9.24 11.19
N ASN C 300 -21.17 9.82 10.52
CA ASN C 300 -22.38 9.15 10.09
C ASN C 300 -22.71 9.67 8.71
N THR C 301 -22.28 8.93 7.70
CA THR C 301 -22.43 9.43 6.34
C THR C 301 -22.59 8.30 5.33
N THR C 302 -23.05 8.68 4.15
CA THR C 302 -23.02 7.79 3.03
C THR C 302 -21.93 8.25 2.06
N LEU C 303 -21.39 9.44 2.30
CA LEU C 303 -20.37 10.03 1.42
C LEU C 303 -19.12 9.15 1.23
N PRO C 304 -18.50 9.24 0.06
CA PRO C 304 -17.34 8.43 -0.35
C PRO C 304 -16.08 8.82 0.37
N PHE C 305 -15.96 10.08 0.76
CA PHE C 305 -14.71 10.56 1.33
C PHE C 305 -14.97 11.43 2.53
N HIS C 306 -14.01 11.47 3.45
CA HIS C 306 -14.08 12.40 4.57
C HIS C 306 -12.70 12.98 4.81
N ASN C 307 -12.65 14.08 5.55
CA ASN C 307 -11.38 14.73 5.89
C ASN C 307 -11.34 15.05 7.40
N VAL C 308 -12.22 14.38 8.13
CA VAL C 308 -12.37 14.64 9.56
C VAL C 308 -11.07 14.38 10.34
N HIS C 309 -10.52 13.17 10.21
CA HIS C 309 -9.35 12.79 11.00
C HIS C 309 -8.75 11.48 10.47
N PRO C 310 -7.43 11.34 10.46
CA PRO C 310 -6.95 10.10 9.85
C PRO C 310 -7.19 8.85 10.71
N LEU C 311 -7.27 8.97 12.03
CA LEU C 311 -7.31 7.78 12.90
C LEU C 311 -8.71 7.23 13.22
N THR C 312 -9.34 6.61 12.24
CA THR C 312 -10.72 6.17 12.44
C THR C 312 -10.77 4.70 12.87
N ILE C 313 -11.89 4.31 13.46
CA ILE C 313 -12.12 2.89 13.71
C ILE C 313 -13.51 2.62 13.23
N GLY C 314 -13.65 1.66 12.33
CA GLY C 314 -14.97 1.28 11.86
C GLY C 314 -15.00 1.09 10.37
N GLU C 315 -16.15 1.36 9.77
CA GLU C 315 -16.30 1.34 8.33
C GLU C 315 -16.45 2.78 7.88
N CYS C 316 -15.42 3.30 7.25
CA CYS C 316 -15.32 4.73 7.10
C CYS C 316 -15.17 5.19 5.66
N PRO C 317 -15.59 6.42 5.36
CA PRO C 317 -15.30 6.93 4.02
C PRO C 317 -13.79 6.97 3.84
N LYS C 318 -13.31 7.03 2.59
CA LYS C 318 -11.88 7.14 2.37
C LYS C 318 -11.38 8.48 2.88
N TYR C 319 -10.38 8.44 3.75
CA TYR C 319 -9.74 9.65 4.24
C TYR C 319 -9.01 10.34 3.12
N VAL C 320 -9.26 11.63 2.96
CA VAL C 320 -8.73 12.33 1.80
C VAL C 320 -8.22 13.67 2.27
N LYS C 321 -7.25 14.25 1.57
CA LYS C 321 -6.65 15.52 1.98
C LYS C 321 -7.41 16.77 1.55
N SER C 322 -8.57 16.63 0.93
CA SER C 322 -9.28 17.80 0.37
C SER C 322 -9.94 18.70 1.37
N GLU C 323 -10.19 19.94 0.97
CA GLU C 323 -11.00 20.86 1.76
C GLU C 323 -12.43 20.78 1.30
N LYS C 324 -12.62 20.49 0.02
CA LYS C 324 -13.96 20.32 -0.52
C LYS C 324 -13.97 19.45 -1.76
N LEU C 325 -15.10 18.80 -2.00
CA LEU C 325 -15.27 17.99 -3.20
C LEU C 325 -16.69 18.20 -3.72
N VAL C 326 -16.89 19.28 -4.48
CA VAL C 326 -18.24 19.65 -4.89
C VAL C 326 -18.60 19.23 -6.30
N LEU C 327 -19.63 18.40 -6.39
CA LEU C 327 -20.11 17.83 -7.65
C LEU C 327 -21.24 18.70 -8.19
N ALA C 328 -21.11 19.15 -9.43
CA ALA C 328 -22.18 19.92 -10.04
C ALA C 328 -23.35 19.00 -10.33
N THR C 329 -24.57 19.48 -10.16
CA THR C 329 -25.71 18.65 -10.52
C THR C 329 -26.63 19.39 -11.45
N GLY C 330 -26.86 20.66 -11.15
CA GLY C 330 -27.65 21.52 -12.02
C GLY C 330 -26.76 22.06 -13.10
N LEU C 331 -27.22 23.07 -13.83
CA LEU C 331 -26.41 23.62 -14.90
C LEU C 331 -25.68 24.89 -14.49
N ARG C 332 -24.91 25.42 -15.42
CA ARG C 332 -24.33 26.74 -15.27
C ARG C 332 -25.46 27.74 -15.01
N ASN C 333 -25.35 28.48 -13.90
CA ASN C 333 -26.28 29.55 -13.59
C ASN C 333 -25.90 30.83 -14.32
N VAL C 334 -26.65 31.19 -15.34
CA VAL C 334 -26.37 32.39 -16.12
C VAL C 334 -27.43 33.47 -15.84
N PRO C 335 -27.04 34.54 -15.14
CA PRO C 335 -28.02 35.60 -14.85
C PRO C 335 -28.57 36.20 -16.14
N GLY C 341 -19.93 26.19 -23.83
CA GLY C 341 -20.12 24.76 -23.66
C GLY C 341 -19.85 23.97 -24.93
N LEU C 342 -19.46 22.72 -24.78
CA LEU C 342 -19.18 21.86 -25.91
C LEU C 342 -20.27 21.96 -26.98
N PHE C 343 -21.50 22.23 -26.56
CA PHE C 343 -22.60 22.21 -27.52
C PHE C 343 -23.12 23.59 -27.98
N GLY C 344 -22.56 24.65 -27.40
CA GLY C 344 -22.77 25.99 -27.90
C GLY C 344 -24.11 26.62 -27.57
N ALA C 345 -24.89 25.97 -26.71
CA ALA C 345 -26.25 26.44 -26.43
C ALA C 345 -26.31 27.27 -25.16
N ILE C 346 -25.91 26.70 -24.04
CA ILE C 346 -25.98 27.42 -22.78
C ILE C 346 -24.87 28.45 -22.69
N ALA C 347 -25.24 29.67 -22.33
CA ALA C 347 -24.30 30.78 -22.36
C ALA C 347 -23.65 30.80 -23.73
N GLY C 348 -24.45 30.45 -24.73
CA GLY C 348 -24.06 30.53 -26.12
C GLY C 348 -25.15 31.24 -26.92
N PHE C 349 -25.67 30.58 -27.95
CA PHE C 349 -26.63 31.24 -28.82
C PHE C 349 -27.92 31.50 -28.08
N ILE C 350 -28.07 30.87 -26.93
CA ILE C 350 -29.11 31.25 -25.97
C ILE C 350 -28.41 31.92 -24.79
N GLU C 351 -28.26 33.25 -24.86
CA GLU C 351 -27.34 33.98 -24.00
C GLU C 351 -27.44 33.70 -22.51
N GLY C 352 -28.67 33.56 -22.00
CA GLY C 352 -28.89 33.43 -20.58
C GLY C 352 -30.07 32.56 -20.17
N GLY C 353 -30.25 32.42 -18.86
CA GLY C 353 -31.29 31.57 -18.34
C GLY C 353 -32.57 32.31 -17.99
N TRP C 354 -33.54 31.54 -17.47
CA TRP C 354 -34.83 32.06 -17.10
C TRP C 354 -35.11 31.77 -15.64
N GLN C 355 -35.03 32.81 -14.80
CA GLN C 355 -35.43 32.69 -13.41
C GLN C 355 -36.93 32.44 -13.31
N GLY C 356 -37.66 32.78 -14.37
CA GLY C 356 -39.09 32.63 -14.41
C GLY C 356 -39.56 31.20 -14.63
N MET C 357 -38.65 30.35 -15.07
CA MET C 357 -38.98 28.94 -15.26
C MET C 357 -38.61 28.15 -14.01
N ILE C 358 -39.62 27.67 -13.28
CA ILE C 358 -39.39 27.03 -12.00
C ILE C 358 -39.82 25.57 -11.95
N ASP C 359 -40.49 25.11 -13.01
CA ASP C 359 -40.98 23.74 -13.06
C ASP C 359 -39.88 22.75 -13.39
N GLY C 360 -38.78 23.24 -13.97
CA GLY C 360 -37.71 22.36 -14.39
C GLY C 360 -36.42 23.00 -14.90
N TRP C 361 -35.56 22.16 -15.47
CA TRP C 361 -34.27 22.60 -15.97
C TRP C 361 -34.36 23.24 -17.35
N TYR C 362 -34.98 22.54 -18.29
CA TYR C 362 -35.16 23.08 -19.65
C TYR C 362 -36.63 23.30 -19.95
N GLY C 363 -36.93 24.33 -20.72
CA GLY C 363 -38.32 24.61 -21.05
C GLY C 363 -38.64 25.65 -22.11
N TYR C 364 -39.93 25.95 -22.23
CA TYR C 364 -40.45 26.83 -23.27
C TYR C 364 -40.98 28.13 -22.70
N HIS C 365 -40.98 29.18 -23.53
CA HIS C 365 -41.58 30.44 -23.15
C HIS C 365 -42.94 30.64 -23.83
N HIS C 366 -42.91 30.91 -25.13
CA HIS C 366 -44.13 31.09 -25.93
C HIS C 366 -44.92 32.37 -25.59
N SER C 367 -44.88 33.33 -26.51
CA SER C 367 -45.63 34.56 -26.38
C SER C 367 -46.80 34.53 -27.35
N ASN C 368 -48.01 34.57 -26.80
CA ASN C 368 -49.22 34.40 -27.60
C ASN C 368 -50.13 35.62 -27.54
N ASP C 369 -51.10 35.67 -28.45
CA ASP C 369 -52.15 36.68 -28.40
C ASP C 369 -53.28 36.15 -27.53
N GLN C 370 -52.95 35.14 -26.73
CA GLN C 370 -53.83 34.65 -25.68
C GLN C 370 -53.14 34.82 -24.34
N GLY C 371 -51.83 35.11 -24.39
CA GLY C 371 -51.05 35.33 -23.18
C GLY C 371 -49.59 34.92 -23.32
N SER C 372 -48.80 35.21 -22.29
CA SER C 372 -47.40 34.76 -22.23
C SER C 372 -47.27 33.65 -21.20
N GLY C 373 -46.04 33.27 -20.88
CA GLY C 373 -45.79 32.29 -19.83
C GLY C 373 -44.51 31.50 -19.97
N TYR C 374 -44.22 30.69 -18.96
CA TYR C 374 -43.09 29.78 -18.98
C TYR C 374 -43.60 28.37 -18.75
N ALA C 375 -42.89 27.37 -19.27
CA ALA C 375 -43.31 25.99 -19.07
C ALA C 375 -42.16 25.01 -19.29
N ALA C 376 -41.76 24.32 -18.23
CA ALA C 376 -40.69 23.34 -18.34
C ALA C 376 -41.09 22.18 -19.24
N ASP C 377 -40.12 21.54 -19.88
CA ASP C 377 -40.38 20.37 -20.70
C ASP C 377 -40.20 19.12 -19.86
N LYS C 378 -41.30 18.64 -19.27
CA LYS C 378 -41.21 17.61 -18.24
C LYS C 378 -40.41 16.36 -18.65
N GLU C 379 -40.52 15.93 -19.90
CA GLU C 379 -39.84 14.70 -20.30
C GLU C 379 -38.31 14.83 -20.36
N SER C 380 -37.83 16.02 -20.69
CA SER C 380 -36.40 16.23 -20.88
C SER C 380 -35.71 16.69 -19.62
N THR C 381 -36.50 17.16 -18.65
CA THR C 381 -35.96 17.54 -17.36
C THR C 381 -35.90 16.30 -16.50
N GLN C 382 -36.89 15.42 -16.67
CA GLN C 382 -36.94 14.20 -15.89
C GLN C 382 -35.83 13.24 -16.31
N LYS C 383 -35.49 13.25 -17.59
CA LYS C 383 -34.46 12.37 -18.10
C LYS C 383 -33.07 12.89 -17.72
N ALA C 384 -32.95 14.20 -17.56
CA ALA C 384 -31.70 14.82 -17.13
C ALA C 384 -31.49 14.58 -15.64
N PHE C 385 -32.59 14.67 -14.90
CA PHE C 385 -32.61 14.43 -13.47
C PHE C 385 -32.23 12.98 -13.15
N ASP C 386 -32.78 12.04 -13.90
CA ASP C 386 -32.47 10.63 -13.65
C ASP C 386 -30.99 10.39 -13.94
N GLY C 387 -30.52 10.91 -15.07
CA GLY C 387 -29.11 10.88 -15.40
C GLY C 387 -28.19 11.41 -14.30
N ILE C 388 -28.46 12.61 -13.83
CA ILE C 388 -27.61 13.20 -12.80
C ILE C 388 -27.74 12.46 -11.46
N THR C 389 -28.93 11.98 -11.17
CA THR C 389 -29.12 11.14 -10.00
C THR C 389 -28.30 9.86 -10.13
N ASN C 390 -28.32 9.24 -11.30
CA ASN C 390 -27.54 8.03 -11.52
C ASN C 390 -26.03 8.25 -11.39
N LYS C 391 -25.57 9.46 -11.73
CA LYS C 391 -24.16 9.78 -11.68
C LYS C 391 -23.71 9.91 -10.25
N VAL C 392 -24.38 10.77 -9.51
CA VAL C 392 -24.08 10.93 -8.09
C VAL C 392 -24.09 9.61 -7.36
N ASN C 393 -25.13 8.79 -7.61
CA ASN C 393 -25.23 7.48 -6.99
C ASN C 393 -24.09 6.54 -7.36
N SER C 394 -23.53 6.69 -8.56
CA SER C 394 -22.41 5.86 -9.00
C SER C 394 -21.13 6.19 -8.24
N VAL C 395 -20.80 7.48 -8.17
CA VAL C 395 -19.67 7.94 -7.39
C VAL C 395 -19.77 7.44 -5.95
N ILE C 396 -20.96 7.46 -5.40
CA ILE C 396 -21.16 7.14 -3.98
C ILE C 396 -21.25 5.63 -3.66
N GLU C 397 -22.02 4.87 -4.40
CA GLU C 397 -22.27 3.50 -3.99
C GLU C 397 -21.27 2.47 -4.51
N LYS C 398 -20.39 2.90 -5.41
CA LYS C 398 -19.35 1.99 -5.88
C LYS C 398 -18.17 1.92 -4.91
N MET C 399 -18.12 2.88 -4.00
CA MET C 399 -17.08 2.90 -2.97
C MET C 399 -17.29 1.73 -2.02
N ASN C 400 -16.32 0.84 -1.97
CA ASN C 400 -16.40 -0.30 -1.06
C ASN C 400 -15.78 0.04 0.29
N THR C 401 -16.56 -0.10 1.36
CA THR C 401 -16.10 0.24 2.70
C THR C 401 -16.01 -0.97 3.65
N GLN C 402 -14.81 -1.23 4.17
CA GLN C 402 -14.64 -2.31 5.13
C GLN C 402 -14.04 -1.87 6.45
N PHE C 403 -14.33 -2.63 7.51
CA PHE C 403 -13.90 -2.30 8.85
C PHE C 403 -12.38 -2.21 8.94
N GLU C 404 -11.86 -1.09 9.42
CA GLU C 404 -10.43 -0.97 9.67
C GLU C 404 -10.16 -0.15 10.93
N ALA C 405 -8.97 -0.29 11.51
CA ALA C 405 -8.63 0.39 12.74
C ALA C 405 -7.75 1.61 12.52
N VAL C 406 -6.72 1.45 11.72
CA VAL C 406 -5.84 2.56 11.33
C VAL C 406 -4.77 2.86 12.36
N GLY C 407 -5.11 3.57 13.43
CA GLY C 407 -4.13 3.84 14.47
C GLY C 407 -3.44 2.53 14.83
N LYS C 408 -2.12 2.55 15.04
CA LYS C 408 -1.44 1.31 15.38
C LYS C 408 -0.36 1.51 16.43
N GLU C 409 0.12 0.38 16.97
CA GLU C 409 1.05 0.43 18.07
C GLU C 409 2.34 -0.31 17.74
N PHE C 410 3.45 0.41 17.86
CA PHE C 410 4.79 -0.14 17.69
C PHE C 410 5.66 0.29 18.82
N SER C 411 6.60 -0.59 19.20
CA SER C 411 7.53 -0.31 20.28
C SER C 411 8.67 0.63 19.82
N ASN C 412 9.57 0.95 20.73
CA ASN C 412 10.69 1.85 20.42
C ASN C 412 11.74 1.19 19.53
N LEU C 413 11.64 -0.12 19.38
CA LEU C 413 12.53 -0.87 18.53
C LEU C 413 11.84 -1.35 17.27
N GLU C 414 10.66 -0.83 17.01
CA GLU C 414 9.99 -1.17 15.77
C GLU C 414 9.75 0.04 14.89
N ARG C 415 10.66 1.02 14.93
CA ARG C 415 10.46 2.23 14.16
C ARG C 415 10.34 1.97 12.65
N ARG C 416 11.20 1.12 12.09
CA ARG C 416 11.09 0.79 10.67
C ARG C 416 9.66 0.37 10.32
N LEU C 417 9.12 -0.54 11.13
CA LEU C 417 7.79 -1.06 10.94
C LEU C 417 6.73 0.07 11.02
N GLU C 418 6.85 0.92 12.02
CA GLU C 418 5.99 2.08 12.08
C GLU C 418 6.15 2.95 10.85
N ASN C 419 7.38 3.09 10.35
CA ASN C 419 7.63 3.90 9.16
C ASN C 419 7.04 3.28 7.91
N LEU C 420 7.05 1.95 7.89
CA LEU C 420 6.39 1.16 6.85
C LEU C 420 4.90 1.50 6.82
N ASN C 421 4.30 1.47 8.01
CA ASN C 421 2.87 1.71 8.12
C ASN C 421 2.49 3.15 7.74
N LYS C 422 3.32 4.12 8.13
CA LYS C 422 3.08 5.51 7.75
C LYS C 422 3.19 5.62 6.25
N LYS C 423 4.28 5.10 5.70
CA LYS C 423 4.50 5.14 4.25
C LYS C 423 3.28 4.67 3.49
N MET C 424 2.71 3.55 3.95
CA MET C 424 1.56 2.95 3.32
C MET C 424 0.29 3.80 3.48
N GLU C 425 0.03 4.24 4.71
CA GLU C 425 -1.08 5.14 4.95
C GLU C 425 -0.97 6.42 4.08
N ASP C 426 0.21 7.03 4.00
CA ASP C 426 0.39 8.18 3.13
C ASP C 426 0.18 7.81 1.68
N GLY C 427 0.63 6.61 1.33
CA GLY C 427 0.42 6.06 0.00
C GLY C 427 -1.02 6.10 -0.46
N PHE C 428 -1.94 5.63 0.37
CA PHE C 428 -3.34 5.64 0.00
C PHE C 428 -3.95 7.03 0.09
N LEU C 429 -3.50 7.80 1.07
CA LEU C 429 -3.90 9.20 1.15
C LEU C 429 -3.72 9.89 -0.21
N ASP C 430 -2.52 9.80 -0.78
CA ASP C 430 -2.25 10.48 -2.04
C ASP C 430 -3.00 9.90 -3.23
N VAL C 431 -3.15 8.57 -3.28
CA VAL C 431 -3.92 7.96 -4.34
C VAL C 431 -5.36 8.46 -4.25
N TRP C 432 -5.98 8.37 -3.08
CA TRP C 432 -7.38 8.76 -2.96
C TRP C 432 -7.61 10.28 -3.18
N THR C 433 -6.66 11.09 -2.73
CA THR C 433 -6.80 12.53 -2.88
C THR C 433 -6.74 12.96 -4.34
N TYR C 434 -5.75 12.45 -5.06
CA TYR C 434 -5.60 12.79 -6.48
C TYR C 434 -6.82 12.34 -7.26
N ASN C 435 -7.21 11.10 -7.05
CA ASN C 435 -8.34 10.58 -7.77
C ASN C 435 -9.63 11.34 -7.44
N ALA C 436 -9.87 11.66 -6.17
CA ALA C 436 -11.11 12.35 -5.82
C ALA C 436 -11.13 13.76 -6.38
N GLU C 437 -10.04 14.51 -6.22
CA GLU C 437 -9.98 15.85 -6.79
C GLU C 437 -10.32 15.78 -8.28
N LEU C 438 -9.61 14.90 -8.98
CA LEU C 438 -9.76 14.76 -10.43
C LEU C 438 -11.10 14.17 -10.88
N LEU C 439 -11.58 13.11 -10.24
CA LEU C 439 -12.90 12.56 -10.58
C LEU C 439 -13.90 13.70 -10.56
N VAL C 440 -13.89 14.47 -9.48
CA VAL C 440 -14.76 15.61 -9.36
C VAL C 440 -14.54 16.60 -10.50
N LEU C 441 -13.31 17.07 -10.70
CA LEU C 441 -13.05 17.99 -11.83
C LEU C 441 -13.60 17.46 -13.13
N MET C 442 -13.33 16.19 -13.46
CA MET C 442 -13.72 15.66 -14.75
C MET C 442 -15.23 15.50 -14.89
N GLU C 443 -15.87 15.01 -13.84
CA GLU C 443 -17.31 14.80 -13.89
C GLU C 443 -18.10 16.12 -13.98
N ASN C 444 -17.61 17.15 -13.30
CA ASN C 444 -18.25 18.48 -13.39
C ASN C 444 -18.30 19.02 -14.80
N GLU C 445 -17.25 18.79 -15.58
CA GLU C 445 -17.22 19.29 -16.94
C GLU C 445 -18.14 18.49 -17.87
N ARG C 446 -18.23 17.18 -17.64
CA ARG C 446 -19.19 16.34 -18.34
C ARG C 446 -20.63 16.78 -18.05
N THR C 447 -20.91 17.02 -16.77
CA THR C 447 -22.22 17.44 -16.32
C THR C 447 -22.63 18.74 -17.02
N LEU C 448 -21.83 19.77 -16.85
CA LEU C 448 -22.08 21.03 -17.54
C LEU C 448 -22.30 20.77 -19.04
N ASP C 449 -21.51 19.90 -19.66
CA ASP C 449 -21.72 19.56 -21.06
C ASP C 449 -23.04 18.82 -21.33
N PHE C 450 -23.46 17.98 -20.39
CA PHE C 450 -24.70 17.24 -20.47
C PHE C 450 -25.88 18.20 -20.60
N HIS C 451 -26.00 19.15 -19.66
CA HIS C 451 -27.04 20.16 -19.67
C HIS C 451 -27.05 20.99 -20.97
N ASP C 452 -25.86 21.35 -21.45
CA ASP C 452 -25.69 22.07 -22.70
C ASP C 452 -26.28 21.23 -23.83
N SER C 453 -25.77 20.02 -23.99
CA SER C 453 -26.32 19.08 -24.95
C SER C 453 -27.84 18.94 -24.86
N ASN C 454 -28.37 18.93 -23.64
CA ASN C 454 -29.82 18.75 -23.48
C ASN C 454 -30.63 19.92 -24.00
N VAL C 455 -30.11 21.13 -23.80
CA VAL C 455 -30.81 22.31 -24.28
C VAL C 455 -30.69 22.29 -25.79
N LYS C 456 -29.49 22.01 -26.27
CA LYS C 456 -29.25 21.97 -27.70
C LYS C 456 -30.20 20.99 -28.36
N ASN C 457 -30.39 19.83 -27.75
CA ASN C 457 -31.23 18.81 -28.36
C ASN C 457 -32.72 19.16 -28.32
N LEU C 458 -33.17 19.77 -27.23
CA LEU C 458 -34.56 20.21 -27.13
C LEU C 458 -34.81 21.25 -28.19
N TYR C 459 -33.85 22.15 -28.38
CA TYR C 459 -33.92 23.15 -29.42
C TYR C 459 -34.06 22.52 -30.80
N ASP C 460 -33.15 21.62 -31.14
CA ASP C 460 -33.14 20.95 -32.45
C ASP C 460 -34.38 20.09 -32.69
N LYS C 461 -35.05 19.68 -31.62
CA LYS C 461 -36.21 18.83 -31.77
C LYS C 461 -37.40 19.68 -32.20
N VAL C 462 -37.42 20.92 -31.73
CA VAL C 462 -38.44 21.88 -32.14
C VAL C 462 -38.14 22.40 -33.56
N ARG C 463 -36.90 22.78 -33.83
CA ARG C 463 -36.54 23.30 -35.14
C ARG C 463 -36.80 22.34 -36.29
N MET C 464 -36.78 21.04 -36.02
CA MET C 464 -36.98 20.04 -37.07
C MET C 464 -38.46 19.84 -37.40
N GLN C 465 -39.35 20.28 -36.51
CA GLN C 465 -40.78 20.27 -36.78
C GLN C 465 -41.18 21.54 -37.53
N LEU C 466 -41.04 22.68 -36.85
CA LEU C 466 -41.46 23.98 -37.37
C LEU C 466 -40.95 24.34 -38.78
N ARG C 467 -39.88 23.68 -39.23
CA ARG C 467 -39.32 23.90 -40.56
C ARG C 467 -39.46 25.33 -41.12
N ASP C 468 -40.26 25.46 -42.18
CA ASP C 468 -40.46 26.72 -42.89
C ASP C 468 -41.49 27.64 -42.22
N ASN C 469 -42.32 27.05 -41.37
CA ASN C 469 -43.43 27.76 -40.73
C ASN C 469 -43.01 28.82 -39.71
N VAL C 470 -41.70 28.91 -39.44
CA VAL C 470 -41.21 29.89 -38.48
C VAL C 470 -39.92 30.56 -38.94
N LYS C 471 -39.64 31.73 -38.37
CA LYS C 471 -38.37 32.40 -38.59
C LYS C 471 -37.45 32.04 -37.42
N GLU C 472 -36.26 31.52 -37.76
CA GLU C 472 -35.26 31.20 -36.75
C GLU C 472 -34.48 32.45 -36.38
N LEU C 473 -34.87 33.07 -35.27
CA LEU C 473 -34.35 34.37 -34.84
C LEU C 473 -32.85 34.34 -34.51
N GLY C 474 -32.42 33.25 -33.89
CA GLY C 474 -31.01 33.04 -33.57
C GLY C 474 -30.75 33.03 -32.07
N ASN C 475 -31.76 33.38 -31.30
CA ASN C 475 -31.63 33.50 -29.86
C ASN C 475 -32.37 32.39 -29.15
N GLY C 476 -32.60 31.29 -29.87
CA GLY C 476 -33.36 30.19 -29.31
C GLY C 476 -34.85 30.43 -29.45
N CYS C 477 -35.21 31.51 -30.11
CA CYS C 477 -36.63 31.82 -30.33
C CYS C 477 -37.10 31.57 -31.75
N PHE C 478 -38.29 31.03 -31.87
CA PHE C 478 -38.93 30.78 -33.17
C PHE C 478 -40.11 31.74 -33.40
N GLU C 479 -39.99 32.63 -34.39
CA GLU C 479 -41.10 33.53 -34.71
C GLU C 479 -42.00 32.96 -35.79
N PHE C 480 -43.21 32.57 -35.38
CA PHE C 480 -44.17 31.91 -36.29
C PHE C 480 -44.65 32.83 -37.41
N TYR C 481 -44.63 32.31 -38.63
CA TYR C 481 -45.21 33.02 -39.75
C TYR C 481 -46.72 32.99 -39.58
N HIS C 482 -47.28 31.79 -39.42
CA HIS C 482 -48.71 31.65 -39.22
C HIS C 482 -49.08 32.03 -37.79
N LYS C 483 -50.33 31.85 -37.43
CA LYS C 483 -50.77 32.10 -36.06
C LYS C 483 -50.78 30.80 -35.28
N CYS C 484 -50.32 30.85 -34.04
CA CYS C 484 -50.22 29.65 -33.22
C CYS C 484 -50.74 29.92 -31.81
N ASP C 485 -51.93 29.39 -31.53
CA ASP C 485 -52.54 29.56 -30.22
C ASP C 485 -52.18 28.41 -29.29
N ASP C 486 -52.82 28.38 -28.13
CA ASP C 486 -52.52 27.38 -27.11
C ASP C 486 -52.59 25.94 -27.60
N GLU C 487 -53.58 25.63 -28.43
CA GLU C 487 -53.70 24.28 -28.97
C GLU C 487 -52.54 23.97 -29.90
N CYS C 488 -52.00 25.01 -30.54
CA CYS C 488 -50.84 24.86 -31.41
C CYS C 488 -49.57 24.65 -30.57
N MET C 489 -49.40 25.51 -29.56
CA MET C 489 -48.24 25.43 -28.67
C MET C 489 -48.11 24.04 -28.04
C1 GAL D . 17.95 -47.54 31.93
C2 GAL D . 16.88 -47.51 30.83
C3 GAL D . 15.76 -46.59 31.30
C4 GAL D . 15.90 -46.47 32.82
C5 GAL D . 16.15 -47.85 33.44
C6 GAL D . 15.17 -48.94 32.97
O1 GAL D . 19.17 -48.16 31.49
O2 GAL D . 17.40 -47.01 29.58
O3 GAL D . 14.47 -47.05 30.87
O4 GAL D . 14.83 -45.77 33.46
O5 GAL D . 17.49 -48.22 33.10
O6 GAL D . 13.80 -48.51 33.15
C1 NAG D . 13.54 -45.96 30.75
C2 NAG D . 12.50 -46.10 29.64
C3 NAG D . 11.74 -44.79 29.51
C4 NAG D . 11.01 -44.49 30.81
C5 NAG D . 11.94 -44.68 32.02
C6 NAG D . 11.13 -44.76 33.31
C7 NAG D . 14.34 -46.21 27.86
C8 NAG D . 14.51 -46.71 26.46
N2 NAG D . 13.10 -46.43 28.33
O3 NAG D . 10.77 -44.97 28.50
O4 NAG D . 10.51 -43.16 30.87
O5 NAG D . 12.77 -45.85 31.94
O6 NAG D . 10.02 -45.65 33.11
O7 NAG D . 15.26 -45.67 28.48
C1 GAL D . 9.31 -42.83 30.10
C2 GAL D . 8.20 -42.08 30.76
C3 GAL D . 6.97 -41.90 29.86
C4 GAL D . 7.46 -41.58 28.46
C5 GAL D . 8.16 -42.80 27.88
C6 GAL D . 8.64 -42.60 26.44
O2 GAL D . 7.79 -42.73 31.97
O3 GAL D . 6.11 -40.87 30.37
O4 GAL D . 8.37 -40.47 28.55
O5 GAL D . 9.29 -43.16 28.69
O6 GAL D . 9.87 -43.29 26.37
C1 SIA D . 9.95 -42.44 24.11
C2 SIA D . 10.74 -42.94 25.27
C3 SIA D . 11.53 -44.21 24.87
C4 SIA D . 12.79 -43.88 24.09
C5 SIA D . 13.66 -42.90 24.86
C6 SIA D . 12.84 -41.65 25.10
C7 SIA D . 13.62 -40.58 25.85
C8 SIA D . 12.72 -39.41 26.16
C9 SIA D . 13.58 -38.17 26.38
C10 SIA D . 16.03 -42.48 24.65
C11 SIA D . 17.13 -42.05 23.78
N5 SIA D . 14.84 -42.58 24.05
O1A SIA D . 9.81 -41.14 23.96
O1B SIA D . 9.50 -43.21 23.28
O4 SIA D . 13.55 -45.06 23.80
O6 SIA D . 11.61 -41.91 25.76
O7 SIA D . 14.10 -41.12 27.08
O8 SIA D . 11.81 -39.18 25.07
O9 SIA D . 12.74 -37.11 26.85
O10 SIA D . 16.20 -42.71 25.84
#